data_4I0K
# 
_entry.id   4I0K 
# 
_audit_conform.dict_name       mmcif_pdbx.dic 
_audit_conform.dict_version    5.397 
_audit_conform.dict_location   http://mmcif.pdb.org/dictionaries/ascii/mmcif_pdbx.dic 
# 
loop_
_database_2.database_id 
_database_2.database_code 
_database_2.pdbx_database_accession 
_database_2.pdbx_DOI 
PDB   4I0K         pdb_00004i0k 10.2210/pdb4i0k/pdb 
RCSB  RCSB076152   ?            ?                   
WWPDB D_1000076152 ?            ?                   
# 
loop_
_pdbx_audit_revision_history.ordinal 
_pdbx_audit_revision_history.data_content_type 
_pdbx_audit_revision_history.major_revision 
_pdbx_audit_revision_history.minor_revision 
_pdbx_audit_revision_history.revision_date 
1 'Structure model' 1 0 2012-12-05 
2 'Structure model' 1 1 2016-11-16 
3 'Structure model' 2 0 2020-07-29 
4 'Structure model' 2 1 2023-09-20 
5 'Structure model' 2 2 2024-10-16 
# 
loop_
_pdbx_audit_revision_details.ordinal 
_pdbx_audit_revision_details.revision_ordinal 
_pdbx_audit_revision_details.data_content_type 
_pdbx_audit_revision_details.provider 
_pdbx_audit_revision_details.type 
_pdbx_audit_revision_details.description 
_pdbx_audit_revision_details.details 
1 1 'Structure model' repository 'Initial release' ?                          ? 
2 3 'Structure model' repository Remediation       'Carbohydrate remediation' ? 
# 
loop_
_pdbx_audit_revision_group.ordinal 
_pdbx_audit_revision_group.revision_ordinal 
_pdbx_audit_revision_group.data_content_type 
_pdbx_audit_revision_group.group 
1  2 'Structure model' 'Database references'    
2  3 'Structure model' Advisory                 
3  3 'Structure model' 'Atomic model'           
4  3 'Structure model' 'Data collection'        
5  3 'Structure model' 'Database references'    
6  3 'Structure model' 'Derived calculations'   
7  3 'Structure model' 'Structure summary'      
8  4 'Structure model' 'Data collection'        
9  4 'Structure model' 'Database references'    
10 4 'Structure model' 'Refinement description' 
11 4 'Structure model' 'Structure summary'      
12 5 'Structure model' 'Structure summary'      
# 
loop_
_pdbx_audit_revision_category.ordinal 
_pdbx_audit_revision_category.revision_ordinal 
_pdbx_audit_revision_category.data_content_type 
_pdbx_audit_revision_category.category 
1  3 'Structure model' atom_site                     
2  3 'Structure model' chem_comp                     
3  3 'Structure model' entity                        
4  3 'Structure model' pdbx_branch_scheme            
5  3 'Structure model' pdbx_chem_comp_identifier     
6  3 'Structure model' pdbx_entity_branch            
7  3 'Structure model' pdbx_entity_branch_descriptor 
8  3 'Structure model' pdbx_entity_branch_link       
9  3 'Structure model' pdbx_entity_branch_list       
10 3 'Structure model' pdbx_entity_nonpoly           
11 3 'Structure model' pdbx_nonpoly_scheme           
12 3 'Structure model' pdbx_struct_assembly_gen      
13 3 'Structure model' pdbx_struct_special_symmetry  
14 3 'Structure model' pdbx_validate_close_contact   
15 3 'Structure model' struct_asym                   
16 3 'Structure model' struct_conn                   
17 3 'Structure model' struct_ref_seq_dif            
18 3 'Structure model' struct_site                   
19 3 'Structure model' struct_site_gen               
20 4 'Structure model' chem_comp                     
21 4 'Structure model' chem_comp_atom                
22 4 'Structure model' chem_comp_bond                
23 4 'Structure model' database_2                    
24 4 'Structure model' pdbx_initial_refinement_model 
25 5 'Structure model' pdbx_entry_details            
26 5 'Structure model' pdbx_modification_feature     
# 
loop_
_pdbx_audit_revision_item.ordinal 
_pdbx_audit_revision_item.revision_ordinal 
_pdbx_audit_revision_item.data_content_type 
_pdbx_audit_revision_item.item 
1  3 'Structure model' '_atom_site.auth_asym_id'                     
2  3 'Structure model' '_atom_site.auth_seq_id'                      
3  3 'Structure model' '_atom_site.label_asym_id'                    
4  3 'Structure model' '_atom_site.label_entity_id'                  
5  3 'Structure model' '_chem_comp.name'                             
6  3 'Structure model' '_chem_comp.type'                             
7  3 'Structure model' '_pdbx_struct_assembly_gen.asym_id_list'      
8  3 'Structure model' '_pdbx_struct_special_symmetry.label_asym_id' 
9  3 'Structure model' '_pdbx_validate_close_contact.auth_asym_id_2' 
10 3 'Structure model' '_pdbx_validate_close_contact.auth_seq_id_2'  
11 3 'Structure model' '_struct_conn.pdbx_dist_value'                
12 3 'Structure model' '_struct_conn.pdbx_leaving_atom_flag'         
13 3 'Structure model' '_struct_conn.pdbx_role'                      
14 3 'Structure model' '_struct_conn.ptnr1_auth_asym_id'             
15 3 'Structure model' '_struct_conn.ptnr1_auth_comp_id'             
16 3 'Structure model' '_struct_conn.ptnr1_auth_seq_id'              
17 3 'Structure model' '_struct_conn.ptnr1_label_asym_id'            
18 3 'Structure model' '_struct_conn.ptnr1_label_atom_id'            
19 3 'Structure model' '_struct_conn.ptnr1_label_comp_id'            
20 3 'Structure model' '_struct_conn.ptnr1_label_seq_id'             
21 3 'Structure model' '_struct_conn.ptnr2_auth_asym_id'             
22 3 'Structure model' '_struct_conn.ptnr2_auth_comp_id'             
23 3 'Structure model' '_struct_conn.ptnr2_auth_seq_id'              
24 3 'Structure model' '_struct_conn.ptnr2_label_asym_id'            
25 3 'Structure model' '_struct_conn.ptnr2_label_comp_id'            
26 3 'Structure model' '_struct_conn.ptnr2_label_seq_id'             
27 3 'Structure model' '_struct_ref_seq_dif.details'                 
28 4 'Structure model' '_chem_comp.pdbx_synonyms'                    
29 4 'Structure model' '_database_2.pdbx_DOI'                        
30 4 'Structure model' '_database_2.pdbx_database_accession'         
# 
_pdbx_database_status.entry_id                        4I0K 
_pdbx_database_status.status_code                     REL 
_pdbx_database_status.deposit_site                    RCSB 
_pdbx_database_status.process_site                    RCSB 
_pdbx_database_status.recvd_initial_deposition_date   2012-11-16 
_pdbx_database_status.status_code_sf                  REL 
_pdbx_database_status.status_code_mr                  ? 
_pdbx_database_status.SG_entry                        Y 
_pdbx_database_status.status_code_cs                  ? 
_pdbx_database_status.methods_development_category    ? 
_pdbx_database_status.pdb_format_compatible           Y 
_pdbx_database_status.status_code_nmr_data            ? 
# 
_pdbx_database_related.db_name        TargetTrack 
_pdbx_database_related.db_id          NYSGRC-005729 
_pdbx_database_related.details        . 
_pdbx_database_related.content_type   unspecified 
# 
loop_
_audit_author.name 
_audit_author.pdbx_ordinal 
'Vigdorovich, V.'                                           1 
'Ramagopal, U.'                                             2 
'Bonanno, J.B.'                                             3 
'Toro, R.'                                                  4 
'Nathenson, S.G.'                                           5 
'Almo, S.C.'                                                6 
'New York Structural Genomics Research Consortium (NYSGRC)' 7 
'Atoms-to-Animals: The Immune Function Network (IFN)'       8 
# 
_citation.id                        primary 
_citation.title                     'Structure and T cell inhibition properties of B7 family member, B7-H3.' 
_citation.journal_abbrev            Structure 
_citation.journal_volume            21 
_citation.page_first                707 
_citation.page_last                 717 
_citation.year                      2013 
_citation.journal_id_ASTM           STRUE6 
_citation.country                   UK 
_citation.journal_id_ISSN           0969-2126 
_citation.journal_id_CSD            2005 
_citation.book_publisher            ? 
_citation.pdbx_database_id_PubMed   23583036 
_citation.pdbx_database_id_DOI      10.1016/j.str.2013.03.003 
# 
loop_
_citation_author.citation_id 
_citation_author.name 
_citation_author.ordinal 
_citation_author.identifier_ORCID 
primary 'Vigdorovich, V.'  1 ? 
primary 'Ramagopal, U.A.'  2 ? 
primary 'Lazar-Molnar, E.' 3 ? 
primary 'Sylvestre, E.'    4 ? 
primary 'Lee, J.S.'        5 ? 
primary 'Hofmeyer, K.A.'   6 ? 
primary 'Zang, X.'         7 ? 
primary 'Nathenson, S.G.'  8 ? 
primary 'Almo, S.C.'       9 ? 
# 
loop_
_entity.id 
_entity.type 
_entity.src_method 
_entity.pdbx_description 
_entity.formula_weight 
_entity.pdbx_number_of_molecules 
_entity.pdbx_ec 
_entity.pdbx_mutation 
_entity.pdbx_fragment 
_entity.details 
1 polymer     man 'CD276 antigen' 24264.998 1 ? ? 'extracellular domain' ? 
2 branched    man 
;alpha-D-mannopyranose-(1-6)-beta-D-mannopyranose-(1-4)-2-acetamido-2-deoxy-beta-D-glucopyranose-(1-4)-2-acetamido-2-deoxy-beta-D-glucopyranose
;
748.682   1 ? ? ?                      ? 
3 non-polymer man 2-acetamido-2-deoxy-beta-D-glucopyranose 221.208   1 ? ? ?                      ? 
4 non-polymer syn 'SULFATE ION' 96.063    2 ? ? ?                      ? 
5 water       nat water 18.015    5 ? ? ?                      ? 
# 
_entity_name_com.entity_id   1 
_entity_name_com.name        'B7 homolog 3, B7-H3, Costimulatory molecule' 
# 
_entity_poly.entity_id                      1 
_entity_poly.type                           'polypeptide(L)' 
_entity_poly.nstd_linkage                   no 
_entity_poly.nstd_monomer                   no 
_entity_poly.pdbx_seq_one_letter_code       
;SEDPVVALVDTDATLRCSFSPEPGFSLAQLNLIWQLTDTKQLVHSFTEGRDQGSAYSNRTALFPDLLVQGNASLRLQRVR
VTDEGSYTCFVSIQDFDSAAVSLQVAAPYSKPSMTLEPNKDLRPGNMVTITCSSYQGYPEAEVFWKDGQGVPLTGNVTTS
QMANERGLFDVHSVLRVVLGANGTYSCLVRNPVLQQDAHGSVTITGQPLTFPPETGHHHHHH
;
_entity_poly.pdbx_seq_one_letter_code_can   
;SEDPVVALVDTDATLRCSFSPEPGFSLAQLNLIWQLTDTKQLVHSFTEGRDQGSAYSNRTALFPDLLVQGNASLRLQRVR
VTDEGSYTCFVSIQDFDSAAVSLQVAAPYSKPSMTLEPNKDLRPGNMVTITCSSYQGYPEAEVFWKDGQGVPLTGNVTTS
QMANERGLFDVHSVLRVVLGANGTYSCLVRNPVLQQDAHGSVTITGQPLTFPPETGHHHHHH
;
_entity_poly.pdbx_strand_id                 A 
_entity_poly.pdbx_target_identifier         NYSGRC-005729 
# 
loop_
_pdbx_entity_nonpoly.entity_id 
_pdbx_entity_nonpoly.name 
_pdbx_entity_nonpoly.comp_id 
3 2-acetamido-2-deoxy-beta-D-glucopyranose NAG 
4 'SULFATE ION'                            SO4 
5 water                                    HOH 
# 
loop_
_entity_poly_seq.entity_id 
_entity_poly_seq.num 
_entity_poly_seq.mon_id 
_entity_poly_seq.hetero 
1 1   SER n 
1 2   GLU n 
1 3   ASP n 
1 4   PRO n 
1 5   VAL n 
1 6   VAL n 
1 7   ALA n 
1 8   LEU n 
1 9   VAL n 
1 10  ASP n 
1 11  THR n 
1 12  ASP n 
1 13  ALA n 
1 14  THR n 
1 15  LEU n 
1 16  ARG n 
1 17  CYS n 
1 18  SER n 
1 19  PHE n 
1 20  SER n 
1 21  PRO n 
1 22  GLU n 
1 23  PRO n 
1 24  GLY n 
1 25  PHE n 
1 26  SER n 
1 27  LEU n 
1 28  ALA n 
1 29  GLN n 
1 30  LEU n 
1 31  ASN n 
1 32  LEU n 
1 33  ILE n 
1 34  TRP n 
1 35  GLN n 
1 36  LEU n 
1 37  THR n 
1 38  ASP n 
1 39  THR n 
1 40  LYS n 
1 41  GLN n 
1 42  LEU n 
1 43  VAL n 
1 44  HIS n 
1 45  SER n 
1 46  PHE n 
1 47  THR n 
1 48  GLU n 
1 49  GLY n 
1 50  ARG n 
1 51  ASP n 
1 52  GLN n 
1 53  GLY n 
1 54  SER n 
1 55  ALA n 
1 56  TYR n 
1 57  SER n 
1 58  ASN n 
1 59  ARG n 
1 60  THR n 
1 61  ALA n 
1 62  LEU n 
1 63  PHE n 
1 64  PRO n 
1 65  ASP n 
1 66  LEU n 
1 67  LEU n 
1 68  VAL n 
1 69  GLN n 
1 70  GLY n 
1 71  ASN n 
1 72  ALA n 
1 73  SER n 
1 74  LEU n 
1 75  ARG n 
1 76  LEU n 
1 77  GLN n 
1 78  ARG n 
1 79  VAL n 
1 80  ARG n 
1 81  VAL n 
1 82  THR n 
1 83  ASP n 
1 84  GLU n 
1 85  GLY n 
1 86  SER n 
1 87  TYR n 
1 88  THR n 
1 89  CYS n 
1 90  PHE n 
1 91  VAL n 
1 92  SER n 
1 93  ILE n 
1 94  GLN n 
1 95  ASP n 
1 96  PHE n 
1 97  ASP n 
1 98  SER n 
1 99  ALA n 
1 100 ALA n 
1 101 VAL n 
1 102 SER n 
1 103 LEU n 
1 104 GLN n 
1 105 VAL n 
1 106 ALA n 
1 107 ALA n 
1 108 PRO n 
1 109 TYR n 
1 110 SER n 
1 111 LYS n 
1 112 PRO n 
1 113 SER n 
1 114 MET n 
1 115 THR n 
1 116 LEU n 
1 117 GLU n 
1 118 PRO n 
1 119 ASN n 
1 120 LYS n 
1 121 ASP n 
1 122 LEU n 
1 123 ARG n 
1 124 PRO n 
1 125 GLY n 
1 126 ASN n 
1 127 MET n 
1 128 VAL n 
1 129 THR n 
1 130 ILE n 
1 131 THR n 
1 132 CYS n 
1 133 SER n 
1 134 SER n 
1 135 TYR n 
1 136 GLN n 
1 137 GLY n 
1 138 TYR n 
1 139 PRO n 
1 140 GLU n 
1 141 ALA n 
1 142 GLU n 
1 143 VAL n 
1 144 PHE n 
1 145 TRP n 
1 146 LYS n 
1 147 ASP n 
1 148 GLY n 
1 149 GLN n 
1 150 GLY n 
1 151 VAL n 
1 152 PRO n 
1 153 LEU n 
1 154 THR n 
1 155 GLY n 
1 156 ASN n 
1 157 VAL n 
1 158 THR n 
1 159 THR n 
1 160 SER n 
1 161 GLN n 
1 162 MET n 
1 163 ALA n 
1 164 ASN n 
1 165 GLU n 
1 166 ARG n 
1 167 GLY n 
1 168 LEU n 
1 169 PHE n 
1 170 ASP n 
1 171 VAL n 
1 172 HIS n 
1 173 SER n 
1 174 VAL n 
1 175 LEU n 
1 176 ARG n 
1 177 VAL n 
1 178 VAL n 
1 179 LEU n 
1 180 GLY n 
1 181 ALA n 
1 182 ASN n 
1 183 GLY n 
1 184 THR n 
1 185 TYR n 
1 186 SER n 
1 187 CYS n 
1 188 LEU n 
1 189 VAL n 
1 190 ARG n 
1 191 ASN n 
1 192 PRO n 
1 193 VAL n 
1 194 LEU n 
1 195 GLN n 
1 196 GLN n 
1 197 ASP n 
1 198 ALA n 
1 199 HIS n 
1 200 GLY n 
1 201 SER n 
1 202 VAL n 
1 203 THR n 
1 204 ILE n 
1 205 THR n 
1 206 GLY n 
1 207 GLN n 
1 208 PRO n 
1 209 LEU n 
1 210 THR n 
1 211 PHE n 
1 212 PRO n 
1 213 PRO n 
1 214 GLU n 
1 215 THR n 
1 216 GLY n 
1 217 HIS n 
1 218 HIS n 
1 219 HIS n 
1 220 HIS n 
1 221 HIS n 
1 222 HIS n 
# 
_entity_src_gen.entity_id                          1 
_entity_src_gen.pdbx_src_id                        1 
_entity_src_gen.pdbx_alt_source_flag               sample 
_entity_src_gen.pdbx_seq_type                      ? 
_entity_src_gen.pdbx_beg_seq_num                   ? 
_entity_src_gen.pdbx_end_seq_num                   ? 
_entity_src_gen.gene_src_common_name               mouse 
_entity_src_gen.gene_src_genus                     ? 
_entity_src_gen.pdbx_gene_src_gene                 'B7-H3, B7h3, Cd276' 
_entity_src_gen.gene_src_species                   ? 
_entity_src_gen.gene_src_strain                    ? 
_entity_src_gen.gene_src_tissue                    ? 
_entity_src_gen.gene_src_tissue_fraction           ? 
_entity_src_gen.gene_src_details                   ? 
_entity_src_gen.pdbx_gene_src_fragment             ? 
_entity_src_gen.pdbx_gene_src_scientific_name      'Mus musculus' 
_entity_src_gen.pdbx_gene_src_ncbi_taxonomy_id     10090 
_entity_src_gen.pdbx_gene_src_variant              ? 
_entity_src_gen.pdbx_gene_src_cell_line            ? 
_entity_src_gen.pdbx_gene_src_atcc                 ? 
_entity_src_gen.pdbx_gene_src_organ                ? 
_entity_src_gen.pdbx_gene_src_organelle            ? 
_entity_src_gen.pdbx_gene_src_cell                 ? 
_entity_src_gen.pdbx_gene_src_cellular_location    ? 
_entity_src_gen.host_org_common_name               ? 
_entity_src_gen.pdbx_host_org_scientific_name      'Drosophila melanogaster' 
_entity_src_gen.pdbx_host_org_ncbi_taxonomy_id     7227 
_entity_src_gen.host_org_genus                     ? 
_entity_src_gen.pdbx_host_org_gene                 ? 
_entity_src_gen.pdbx_host_org_organ                ? 
_entity_src_gen.host_org_species                   ? 
_entity_src_gen.pdbx_host_org_tissue               ? 
_entity_src_gen.pdbx_host_org_tissue_fraction      ? 
_entity_src_gen.pdbx_host_org_strain               'Schneider 2 cell line' 
_entity_src_gen.pdbx_host_org_variant              ? 
_entity_src_gen.pdbx_host_org_cell_line            ? 
_entity_src_gen.pdbx_host_org_atcc                 ? 
_entity_src_gen.pdbx_host_org_culture_collection   ? 
_entity_src_gen.pdbx_host_org_cell                 ? 
_entity_src_gen.pdbx_host_org_organelle            ? 
_entity_src_gen.pdbx_host_org_cellular_location    ? 
_entity_src_gen.pdbx_host_org_vector_type          plasmid 
_entity_src_gen.pdbx_host_org_vector               ? 
_entity_src_gen.host_org_details                   ? 
_entity_src_gen.expression_system_id               ? 
_entity_src_gen.plasmid_name                       pMT-BiP-His 
_entity_src_gen.plasmid_details                    ? 
_entity_src_gen.pdbx_description                   ? 
# 
_pdbx_entity_branch.entity_id   2 
_pdbx_entity_branch.type        oligosaccharide 
# 
loop_
_pdbx_entity_branch_descriptor.ordinal 
_pdbx_entity_branch_descriptor.entity_id 
_pdbx_entity_branch_descriptor.descriptor 
_pdbx_entity_branch_descriptor.type 
_pdbx_entity_branch_descriptor.program 
_pdbx_entity_branch_descriptor.program_version 
1 2 DManpa1-6DManpb1-4DGlcpNAcb1-4DGlcpNAcb1-                                                           
'Glycam Condensed Sequence' GMML       1.0   
2 2 'WURCS=2.0/3,4,3/[a2122h-1b_1-5_2*NCC/3=O][a1122h-1b_1-5][a1122h-1a_1-5]/1-1-2-3/a4-b1_b4-c1_c6-d1' WURCS PDB2Glycan 1.1.0 
3 2 '[]{[(4+1)][b-D-GlcpNAc]{[(4+1)][b-D-GlcpNAc]{[(4+1)][b-D-Manp]{[(6+1)][a-D-Manp]{}}}}}'            LINUCS PDB-CARE   ?     
# 
loop_
_pdbx_entity_branch_link.link_id 
_pdbx_entity_branch_link.entity_id 
_pdbx_entity_branch_link.entity_branch_list_num_1 
_pdbx_entity_branch_link.comp_id_1 
_pdbx_entity_branch_link.atom_id_1 
_pdbx_entity_branch_link.leaving_atom_id_1 
_pdbx_entity_branch_link.entity_branch_list_num_2 
_pdbx_entity_branch_link.comp_id_2 
_pdbx_entity_branch_link.atom_id_2 
_pdbx_entity_branch_link.leaving_atom_id_2 
_pdbx_entity_branch_link.value_order 
_pdbx_entity_branch_link.details 
1 2 2 NAG C1 O1 1 NAG O4 HO4 sing ? 
2 2 3 BMA C1 O1 2 NAG O4 HO4 sing ? 
3 2 4 MAN C1 O1 3 BMA O6 HO6 sing ? 
# 
loop_
_chem_comp.id 
_chem_comp.type 
_chem_comp.mon_nstd_flag 
_chem_comp.name 
_chem_comp.pdbx_synonyms 
_chem_comp.formula 
_chem_comp.formula_weight 
ALA 'L-peptide linking'           y ALANINE                                  ? 'C3 H7 N O2'     89.093  
ARG 'L-peptide linking'           y ARGININE                                 ? 'C6 H15 N4 O2 1' 175.209 
ASN 'L-peptide linking'           y ASPARAGINE                               ? 'C4 H8 N2 O3'    132.118 
ASP 'L-peptide linking'           y 'ASPARTIC ACID'                          ? 'C4 H7 N O4'     133.103 
BMA 'D-saccharide, beta linking'  . beta-D-mannopyranose                     'beta-D-mannose; D-mannose; mannose' 'C6 H12 O6'      
180.156 
CYS 'L-peptide linking'           y CYSTEINE                                 ? 'C3 H7 N O2 S'   121.158 
GLN 'L-peptide linking'           y GLUTAMINE                                ? 'C5 H10 N2 O3'   146.144 
GLU 'L-peptide linking'           y 'GLUTAMIC ACID'                          ? 'C5 H9 N O4'     147.129 
GLY 'peptide linking'             y GLYCINE                                  ? 'C2 H5 N O2'     75.067  
HIS 'L-peptide linking'           y HISTIDINE                                ? 'C6 H10 N3 O2 1' 156.162 
HOH non-polymer                   . WATER                                    ? 'H2 O'           18.015  
ILE 'L-peptide linking'           y ISOLEUCINE                               ? 'C6 H13 N O2'    131.173 
LEU 'L-peptide linking'           y LEUCINE                                  ? 'C6 H13 N O2'    131.173 
LYS 'L-peptide linking'           y LYSINE                                   ? 'C6 H15 N2 O2 1' 147.195 
MAN 'D-saccharide, alpha linking' . alpha-D-mannopyranose                    'alpha-D-mannose; D-mannose; mannose' 'C6 H12 O6' 
180.156 
MET 'L-peptide linking'           y METHIONINE                               ? 'C5 H11 N O2 S'  149.211 
NAG 'D-saccharide, beta linking'  . 2-acetamido-2-deoxy-beta-D-glucopyranose 
;N-acetyl-beta-D-glucosamine; 2-acetamido-2-deoxy-beta-D-glucose; 2-acetamido-2-deoxy-D-glucose; 2-acetamido-2-deoxy-glucose; N-ACETYL-D-GLUCOSAMINE
;
'C8 H15 N O6'    221.208 
PHE 'L-peptide linking'           y PHENYLALANINE                            ? 'C9 H11 N O2'    165.189 
PRO 'L-peptide linking'           y PROLINE                                  ? 'C5 H9 N O2'     115.130 
SER 'L-peptide linking'           y SERINE                                   ? 'C3 H7 N O3'     105.093 
SO4 non-polymer                   . 'SULFATE ION'                            ? 'O4 S -2'        96.063  
THR 'L-peptide linking'           y THREONINE                                ? 'C4 H9 N O3'     119.119 
TRP 'L-peptide linking'           y TRYPTOPHAN                               ? 'C11 H12 N2 O2'  204.225 
TYR 'L-peptide linking'           y TYROSINE                                 ? 'C9 H11 N O3'    181.189 
VAL 'L-peptide linking'           y VALINE                                   ? 'C5 H11 N O2'    117.146 
# 
loop_
_pdbx_chem_comp_identifier.comp_id 
_pdbx_chem_comp_identifier.type 
_pdbx_chem_comp_identifier.program 
_pdbx_chem_comp_identifier.program_version 
_pdbx_chem_comp_identifier.identifier 
BMA 'CONDENSED IUPAC CARBOHYDRATE SYMBOL' GMML     1.0 DManpb                         
BMA 'COMMON NAME'                         GMML     1.0 b-D-mannopyranose              
BMA 'IUPAC CARBOHYDRATE SYMBOL'           PDB-CARE 1.0 b-D-Manp                       
BMA 'SNFG CARBOHYDRATE SYMBOL'            GMML     1.0 Man                            
MAN 'CONDENSED IUPAC CARBOHYDRATE SYMBOL' GMML     1.0 DManpa                         
MAN 'COMMON NAME'                         GMML     1.0 a-D-mannopyranose              
MAN 'IUPAC CARBOHYDRATE SYMBOL'           PDB-CARE 1.0 a-D-Manp                       
MAN 'SNFG CARBOHYDRATE SYMBOL'            GMML     1.0 Man                            
NAG 'CONDENSED IUPAC CARBOHYDRATE SYMBOL' GMML     1.0 DGlcpNAcb                      
NAG 'COMMON NAME'                         GMML     1.0 N-acetyl-b-D-glucopyranosamine 
NAG 'IUPAC CARBOHYDRATE SYMBOL'           PDB-CARE 1.0 b-D-GlcpNAc                    
NAG 'SNFG CARBOHYDRATE SYMBOL'            GMML     1.0 GlcNAc                         
# 
loop_
_pdbx_poly_seq_scheme.asym_id 
_pdbx_poly_seq_scheme.entity_id 
_pdbx_poly_seq_scheme.seq_id 
_pdbx_poly_seq_scheme.mon_id 
_pdbx_poly_seq_scheme.ndb_seq_num 
_pdbx_poly_seq_scheme.pdb_seq_num 
_pdbx_poly_seq_scheme.auth_seq_num 
_pdbx_poly_seq_scheme.pdb_mon_id 
_pdbx_poly_seq_scheme.auth_mon_id 
_pdbx_poly_seq_scheme.pdb_strand_id 
_pdbx_poly_seq_scheme.pdb_ins_code 
_pdbx_poly_seq_scheme.hetero 
A 1 1   SER 1   34  ?   ?   ?   A . n 
A 1 2   GLU 2   35  35  GLU GLU A . n 
A 1 3   ASP 3   36  36  ASP ASP A . n 
A 1 4   PRO 4   37  37  PRO PRO A . n 
A 1 5   VAL 5   38  38  VAL VAL A . n 
A 1 6   VAL 6   39  39  VAL VAL A . n 
A 1 7   ALA 7   40  40  ALA ALA A . n 
A 1 8   LEU 8   41  41  LEU LEU A . n 
A 1 9   VAL 9   42  42  VAL VAL A . n 
A 1 10  ASP 10  43  43  ASP ASP A . n 
A 1 11  THR 11  44  44  THR THR A . n 
A 1 12  ASP 12  45  45  ASP ASP A . n 
A 1 13  ALA 13  46  46  ALA ALA A . n 
A 1 14  THR 14  47  47  THR THR A . n 
A 1 15  LEU 15  48  48  LEU LEU A . n 
A 1 16  ARG 16  49  49  ARG ARG A . n 
A 1 17  CYS 17  50  50  CYS CYS A . n 
A 1 18  SER 18  51  51  SER SER A . n 
A 1 19  PHE 19  52  52  PHE PHE A . n 
A 1 20  SER 20  53  53  SER SER A . n 
A 1 21  PRO 21  54  54  PRO PRO A . n 
A 1 22  GLU 22  55  55  GLU GLU A . n 
A 1 23  PRO 23  56  56  PRO PRO A . n 
A 1 24  GLY 24  57  57  GLY GLY A . n 
A 1 25  PHE 25  58  58  PHE PHE A . n 
A 1 26  SER 26  59  59  SER SER A . n 
A 1 27  LEU 27  60  60  LEU LEU A . n 
A 1 28  ALA 28  61  61  ALA ALA A . n 
A 1 29  GLN 29  62  62  GLN GLN A . n 
A 1 30  LEU 30  63  63  LEU LEU A . n 
A 1 31  ASN 31  64  64  ASN ASN A . n 
A 1 32  LEU 32  65  65  LEU LEU A . n 
A 1 33  ILE 33  66  66  ILE ILE A . n 
A 1 34  TRP 34  67  67  TRP TRP A . n 
A 1 35  GLN 35  68  68  GLN GLN A . n 
A 1 36  LEU 36  69  69  LEU LEU A . n 
A 1 37  THR 37  70  70  THR THR A . n 
A 1 38  ASP 38  71  71  ASP ASP A . n 
A 1 39  THR 39  72  72  THR THR A . n 
A 1 40  LYS 40  73  73  LYS LYS A . n 
A 1 41  GLN 41  74  74  GLN GLN A . n 
A 1 42  LEU 42  75  75  LEU LEU A . n 
A 1 43  VAL 43  76  76  VAL VAL A . n 
A 1 44  HIS 44  77  77  HIS HIS A . n 
A 1 45  SER 45  78  78  SER SER A . n 
A 1 46  PHE 46  79  79  PHE PHE A . n 
A 1 47  THR 47  80  80  THR THR A . n 
A 1 48  GLU 48  81  81  GLU GLU A . n 
A 1 49  GLY 49  82  82  GLY GLY A . n 
A 1 50  ARG 50  83  83  ARG ARG A . n 
A 1 51  ASP 51  84  84  ASP ASP A . n 
A 1 52  GLN 52  85  85  GLN GLN A . n 
A 1 53  GLY 53  86  86  GLY GLY A . n 
A 1 54  SER 54  87  87  SER SER A . n 
A 1 55  ALA 55  88  88  ALA ALA A . n 
A 1 56  TYR 56  89  89  TYR TYR A . n 
A 1 57  SER 57  90  90  SER SER A . n 
A 1 58  ASN 58  91  91  ASN ASN A . n 
A 1 59  ARG 59  92  92  ARG ARG A . n 
A 1 60  THR 60  93  93  THR THR A . n 
A 1 61  ALA 61  94  94  ALA ALA A . n 
A 1 62  LEU 62  95  95  LEU LEU A . n 
A 1 63  PHE 63  96  96  PHE PHE A . n 
A 1 64  PRO 64  97  97  PRO PRO A . n 
A 1 65  ASP 65  98  98  ASP ASP A . n 
A 1 66  LEU 66  99  99  LEU LEU A . n 
A 1 67  LEU 67  100 100 LEU LEU A . n 
A 1 68  VAL 68  101 101 VAL VAL A . n 
A 1 69  GLN 69  102 102 GLN GLN A . n 
A 1 70  GLY 70  103 103 GLY GLY A . n 
A 1 71  ASN 71  104 104 ASN ASN A . n 
A 1 72  ALA 72  105 105 ALA ALA A . n 
A 1 73  SER 73  106 106 SER SER A . n 
A 1 74  LEU 74  107 107 LEU LEU A . n 
A 1 75  ARG 75  108 108 ARG ARG A . n 
A 1 76  LEU 76  109 109 LEU LEU A . n 
A 1 77  GLN 77  110 110 GLN GLN A . n 
A 1 78  ARG 78  111 111 ARG ARG A . n 
A 1 79  VAL 79  112 112 VAL VAL A . n 
A 1 80  ARG 80  113 113 ARG ARG A . n 
A 1 81  VAL 81  114 114 VAL VAL A . n 
A 1 82  THR 82  115 115 THR THR A . n 
A 1 83  ASP 83  116 116 ASP ASP A . n 
A 1 84  GLU 84  117 117 GLU GLU A . n 
A 1 85  GLY 85  118 118 GLY GLY A . n 
A 1 86  SER 86  119 119 SER SER A . n 
A 1 87  TYR 87  120 120 TYR TYR A . n 
A 1 88  THR 88  121 121 THR THR A . n 
A 1 89  CYS 89  122 122 CYS CYS A . n 
A 1 90  PHE 90  123 123 PHE PHE A . n 
A 1 91  VAL 91  124 124 VAL VAL A . n 
A 1 92  SER 92  125 125 SER SER A . n 
A 1 93  ILE 93  126 126 ILE ILE A . n 
A 1 94  GLN 94  127 127 GLN GLN A . n 
A 1 95  ASP 95  128 128 ASP ASP A . n 
A 1 96  PHE 96  129 129 PHE PHE A . n 
A 1 97  ASP 97  130 130 ASP ASP A . n 
A 1 98  SER 98  131 131 SER SER A . n 
A 1 99  ALA 99  132 132 ALA ALA A . n 
A 1 100 ALA 100 133 133 ALA ALA A . n 
A 1 101 VAL 101 134 134 VAL VAL A . n 
A 1 102 SER 102 135 135 SER SER A . n 
A 1 103 LEU 103 136 136 LEU LEU A . n 
A 1 104 GLN 104 137 137 GLN GLN A . n 
A 1 105 VAL 105 138 138 VAL VAL A . n 
A 1 106 ALA 106 139 139 ALA ALA A . n 
A 1 107 ALA 107 140 140 ALA ALA A . n 
A 1 108 PRO 108 141 141 PRO PRO A . n 
A 1 109 TYR 109 142 142 TYR TYR A . n 
A 1 110 SER 110 143 143 SER SER A . n 
A 1 111 LYS 111 144 144 LYS LYS A . n 
A 1 112 PRO 112 145 145 PRO PRO A . n 
A 1 113 SER 113 146 146 SER SER A . n 
A 1 114 MET 114 147 147 MET MET A . n 
A 1 115 THR 115 148 148 THR THR A . n 
A 1 116 LEU 116 149 149 LEU LEU A . n 
A 1 117 GLU 117 150 150 GLU GLU A . n 
A 1 118 PRO 118 151 151 PRO PRO A . n 
A 1 119 ASN 119 152 ?   ?   ?   A . n 
A 1 120 LYS 120 153 ?   ?   ?   A . n 
A 1 121 ASP 121 154 ?   ?   ?   A . n 
A 1 122 LEU 122 155 ?   ?   ?   A . n 
A 1 123 ARG 123 156 ?   ?   ?   A . n 
A 1 124 PRO 124 157 157 PRO PRO A . n 
A 1 125 GLY 125 158 158 GLY GLY A . n 
A 1 126 ASN 126 159 159 ASN ASN A . n 
A 1 127 MET 127 160 160 MET MET A . n 
A 1 128 VAL 128 161 161 VAL VAL A . n 
A 1 129 THR 129 162 162 THR THR A . n 
A 1 130 ILE 130 163 163 ILE ILE A . n 
A 1 131 THR 131 164 164 THR THR A . n 
A 1 132 CYS 132 165 165 CYS CYS A . n 
A 1 133 SER 133 166 166 SER SER A . n 
A 1 134 SER 134 167 167 SER SER A . n 
A 1 135 TYR 135 168 168 TYR TYR A . n 
A 1 136 GLN 136 169 169 GLN GLN A . n 
A 1 137 GLY 137 170 170 GLY GLY A . n 
A 1 138 TYR 138 171 171 TYR TYR A . n 
A 1 139 PRO 139 172 172 PRO PRO A . n 
A 1 140 GLU 140 173 173 GLU GLU A . n 
A 1 141 ALA 141 174 174 ALA ALA A . n 
A 1 142 GLU 142 175 175 GLU GLU A . n 
A 1 143 VAL 143 176 176 VAL VAL A . n 
A 1 144 PHE 144 177 177 PHE PHE A . n 
A 1 145 TRP 145 178 178 TRP TRP A . n 
A 1 146 LYS 146 179 179 LYS LYS A . n 
A 1 147 ASP 147 180 180 ASP ASP A . n 
A 1 148 GLY 148 181 181 GLY GLY A . n 
A 1 149 GLN 149 182 182 GLN GLN A . n 
A 1 150 GLY 150 183 183 GLY GLY A . n 
A 1 151 VAL 151 184 184 VAL VAL A . n 
A 1 152 PRO 152 185 185 PRO PRO A . n 
A 1 153 LEU 153 186 186 LEU LEU A . n 
A 1 154 THR 154 187 187 THR THR A . n 
A 1 155 GLY 155 188 188 GLY GLY A . n 
A 1 156 ASN 156 189 189 ASN ASN A . n 
A 1 157 VAL 157 190 190 VAL VAL A . n 
A 1 158 THR 158 191 191 THR THR A . n 
A 1 159 THR 159 192 192 THR THR A . n 
A 1 160 SER 160 193 193 SER SER A . n 
A 1 161 GLN 161 194 194 GLN GLN A . n 
A 1 162 MET 162 195 195 MET MET A . n 
A 1 163 ALA 163 196 196 ALA ALA A . n 
A 1 164 ASN 164 197 197 ASN ASN A . n 
A 1 165 GLU 165 198 198 GLU GLU A . n 
A 1 166 ARG 166 199 199 ARG ARG A . n 
A 1 167 GLY 167 200 200 GLY GLY A . n 
A 1 168 LEU 168 201 201 LEU LEU A . n 
A 1 169 PHE 169 202 202 PHE PHE A . n 
A 1 170 ASP 170 203 203 ASP ASP A . n 
A 1 171 VAL 171 204 204 VAL VAL A . n 
A 1 172 HIS 172 205 205 HIS HIS A . n 
A 1 173 SER 173 206 206 SER SER A . n 
A 1 174 VAL 174 207 207 VAL VAL A . n 
A 1 175 LEU 175 208 208 LEU LEU A . n 
A 1 176 ARG 176 209 209 ARG ARG A . n 
A 1 177 VAL 177 210 210 VAL VAL A . n 
A 1 178 VAL 178 211 211 VAL VAL A . n 
A 1 179 LEU 179 212 212 LEU LEU A . n 
A 1 180 GLY 180 213 213 GLY GLY A . n 
A 1 181 ALA 181 214 214 ALA ALA A . n 
A 1 182 ASN 182 215 215 ASN ASN A . n 
A 1 183 GLY 183 216 216 GLY GLY A . n 
A 1 184 THR 184 217 217 THR THR A . n 
A 1 185 TYR 185 218 218 TYR TYR A . n 
A 1 186 SER 186 219 219 SER SER A . n 
A 1 187 CYS 187 220 220 CYS CYS A . n 
A 1 188 LEU 188 221 221 LEU LEU A . n 
A 1 189 VAL 189 222 222 VAL VAL A . n 
A 1 190 ARG 190 223 223 ARG ARG A . n 
A 1 191 ASN 191 224 224 ASN ASN A . n 
A 1 192 PRO 192 225 225 PRO PRO A . n 
A 1 193 VAL 193 226 226 VAL VAL A . n 
A 1 194 LEU 194 227 227 LEU LEU A . n 
A 1 195 GLN 195 228 228 GLN GLN A . n 
A 1 196 GLN 196 229 229 GLN GLN A . n 
A 1 197 ASP 197 230 230 ASP ASP A . n 
A 1 198 ALA 198 231 231 ALA ALA A . n 
A 1 199 HIS 199 232 232 HIS HIS A . n 
A 1 200 GLY 200 233 233 GLY GLY A . n 
A 1 201 SER 201 234 234 SER SER A . n 
A 1 202 VAL 202 235 235 VAL VAL A . n 
A 1 203 THR 203 236 236 THR THR A . n 
A 1 204 ILE 204 237 237 ILE ILE A . n 
A 1 205 THR 205 238 238 THR THR A . n 
A 1 206 GLY 206 239 239 GLY GLY A . n 
A 1 207 GLN 207 240 ?   ?   ?   A . n 
A 1 208 PRO 208 241 ?   ?   ?   A . n 
A 1 209 LEU 209 242 ?   ?   ?   A . n 
A 1 210 THR 210 243 ?   ?   ?   A . n 
A 1 211 PHE 211 244 ?   ?   ?   A . n 
A 1 212 PRO 212 245 ?   ?   ?   A . n 
A 1 213 PRO 213 246 ?   ?   ?   A . n 
A 1 214 GLU 214 247 ?   ?   ?   A . n 
A 1 215 THR 215 248 ?   ?   ?   A . n 
A 1 216 GLY 216 249 ?   ?   ?   A . n 
A 1 217 HIS 217 250 ?   ?   ?   A . n 
A 1 218 HIS 218 251 ?   ?   ?   A . n 
A 1 219 HIS 219 252 ?   ?   ?   A . n 
A 1 220 HIS 220 253 ?   ?   ?   A . n 
A 1 221 HIS 221 254 ?   ?   ?   A . n 
A 1 222 HIS 222 255 ?   ?   ?   A . n 
# 
loop_
_pdbx_branch_scheme.asym_id 
_pdbx_branch_scheme.entity_id 
_pdbx_branch_scheme.mon_id 
_pdbx_branch_scheme.num 
_pdbx_branch_scheme.pdb_asym_id 
_pdbx_branch_scheme.pdb_mon_id 
_pdbx_branch_scheme.pdb_seq_num 
_pdbx_branch_scheme.auth_asym_id 
_pdbx_branch_scheme.auth_mon_id 
_pdbx_branch_scheme.auth_seq_num 
_pdbx_branch_scheme.hetero 
B 2 NAG 1 B NAG 1 B NAG 1 n 
B 2 NAG 2 B NAG 2 B NAG 2 n 
B 2 BMA 3 B BMA 3 B BMA 3 n 
B 2 MAN 4 B MAN 4 B MAN 4 n 
# 
loop_
_pdbx_nonpoly_scheme.asym_id 
_pdbx_nonpoly_scheme.entity_id 
_pdbx_nonpoly_scheme.mon_id 
_pdbx_nonpoly_scheme.ndb_seq_num 
_pdbx_nonpoly_scheme.pdb_seq_num 
_pdbx_nonpoly_scheme.auth_seq_num 
_pdbx_nonpoly_scheme.pdb_mon_id 
_pdbx_nonpoly_scheme.auth_mon_id 
_pdbx_nonpoly_scheme.pdb_strand_id 
_pdbx_nonpoly_scheme.pdb_ins_code 
C 3 NAG 1 305 1  NAG NAG A . 
D 4 SO4 1 306 1  SO4 SO4 A . 
E 4 SO4 1 307 2  SO4 SO4 A . 
F 5 HOH 1 401 2  HOH HOH A . 
F 5 HOH 2 402 12 HOH HOH A . 
F 5 HOH 3 403 24 HOH HOH A . 
F 5 HOH 4 404 25 HOH HOH A . 
F 5 HOH 5 405 26 HOH HOH A . 
# 
loop_
_pdbx_unobs_or_zero_occ_atoms.id 
_pdbx_unobs_or_zero_occ_atoms.PDB_model_num 
_pdbx_unobs_or_zero_occ_atoms.polymer_flag 
_pdbx_unobs_or_zero_occ_atoms.occupancy_flag 
_pdbx_unobs_or_zero_occ_atoms.auth_asym_id 
_pdbx_unobs_or_zero_occ_atoms.auth_comp_id 
_pdbx_unobs_or_zero_occ_atoms.auth_seq_id 
_pdbx_unobs_or_zero_occ_atoms.PDB_ins_code 
_pdbx_unobs_or_zero_occ_atoms.auth_atom_id 
_pdbx_unobs_or_zero_occ_atoms.label_alt_id 
_pdbx_unobs_or_zero_occ_atoms.label_asym_id 
_pdbx_unobs_or_zero_occ_atoms.label_comp_id 
_pdbx_unobs_or_zero_occ_atoms.label_seq_id 
_pdbx_unobs_or_zero_occ_atoms.label_atom_id 
1 1 Y 1 A ASP 36  ? CG  ? A ASP 3   CG  
2 1 Y 1 A ASP 36  ? OD1 ? A ASP 3   OD1 
3 1 Y 1 A ASP 36  ? OD2 ? A ASP 3   OD2 
4 1 Y 1 A GLU 150 ? CG  ? A GLU 117 CG  
5 1 Y 1 A GLU 150 ? CD  ? A GLU 117 CD  
6 1 Y 1 A GLU 150 ? OE1 ? A GLU 117 OE1 
7 1 Y 1 A GLU 150 ? OE2 ? A GLU 117 OE2 
# 
loop_
_software.pdbx_ordinal 
_software.name 
_software.version 
_software.date 
_software.type 
_software.contact_author 
_software.contact_author_email 
_software.classification 
_software.location 
_software.language 
_software.citation_id 
1 SCALA       3.3.20 2011/05/18       other   'Phil R. Evans'      pre@mrc-lmb.cam.ac.uk    'data scaling'    
http://www.ccp4.ac.uk/dist/html/scala.html   Fortran_77 ? 
2 REFMAC      .      ?                program 'Garib N. Murshudov' garib@ysbl.york.ac.uk    refinement        
http://www.ccp4.ac.uk/dist/html/refmac5.html Fortran_77 ? 
3 PDB_EXTRACT 3.11   'April 22, 2011' package PDB                  deposit@deposit.rcsb.org 'data extraction' 
http://sw-tools.pdb.org/apps/PDB_EXTRACT/    C++        ? 
4 CBASS       .      ?                ?       ?                    ?                        'data collection' ? ?          ? 
5 MOSFLM      .      ?                ?       ?                    ?                        'data reduction'  ? ?          ? 
6 BALBES      .      ?                ?       ?                    ?                        phasing           ? ?          ? 
# 
_cell.entry_id           4I0K 
_cell.length_a           100.920 
_cell.length_b           100.920 
_cell.length_c           188.180 
_cell.angle_alpha        90.00 
_cell.angle_beta         90.00 
_cell.angle_gamma        120.00 
_cell.Z_PDB              12 
_cell.pdbx_unique_axis   ? 
_cell.length_a_esd       ? 
_cell.length_b_esd       ? 
_cell.length_c_esd       ? 
_cell.angle_alpha_esd    ? 
_cell.angle_beta_esd     ? 
_cell.angle_gamma_esd    ? 
# 
_symmetry.entry_id                         4I0K 
_symmetry.space_group_name_H-M             'P 61 2 2' 
_symmetry.pdbx_full_space_group_name_H-M   ? 
_symmetry.cell_setting                     ? 
_symmetry.Int_Tables_number                178 
_symmetry.space_group_name_Hall            ? 
# 
_exptl.entry_id          4I0K 
_exptl.method            'X-RAY DIFFRACTION' 
_exptl.crystals_number   1 
# 
_exptl_crystal.id                    1 
_exptl_crystal.density_meas          ? 
_exptl_crystal.density_Matthews      5.70 
_exptl_crystal.density_percent_sol   78.42 
_exptl_crystal.description           ? 
_exptl_crystal.F_000                 ? 
_exptl_crystal.preparation           ? 
# 
_exptl_crystal_grow.crystal_id      1 
_exptl_crystal_grow.method          'VAPOR DIFFUSION' 
_exptl_crystal_grow.temp            291 
_exptl_crystal_grow.temp_details    ? 
_exptl_crystal_grow.pH              7.5 
_exptl_crystal_grow.pdbx_pH_range   ? 
_exptl_crystal_grow.pdbx_details    '0.1 M HEPES, pH 7.5; 20% PEG-10000, VAPOR DIFFUSION, temperature 291K' 
# 
loop_
_diffrn.id 
_diffrn.ambient_temp 
_diffrn.ambient_temp_details 
_diffrn.crystal_id 
1 100 ? 1 
2 ?   ? 1 
# 
loop_
_diffrn_detector.diffrn_id 
_diffrn_detector.detector 
_diffrn_detector.type 
_diffrn_detector.pdbx_collection_date 
_diffrn_detector.details 
1 CCD 'ADSC QUANTUM 315' 2009-11-19 ? 
2 ?   ?                  ?          ? 
# 
loop_
_diffrn_radiation.diffrn_id 
_diffrn_radiation.wavelength_id 
_diffrn_radiation.pdbx_monochromatic_or_laue_m_l 
_diffrn_radiation.monochromator 
_diffrn_radiation.pdbx_diffrn_protocol 
_diffrn_radiation.pdbx_scattering_type 
1 1 M 'Si crystal' 'SINGLE WAVELENGTH' x-ray 
2 1 M ?            ?                   x-ray 
# 
_diffrn_radiation_wavelength.id           1 
_diffrn_radiation_wavelength.wavelength   0.9789 
_diffrn_radiation_wavelength.wt           1.0 
# 
loop_
_diffrn_source.diffrn_id 
_diffrn_source.source 
_diffrn_source.type 
_diffrn_source.pdbx_synchrotron_site 
_diffrn_source.pdbx_synchrotron_beamline 
_diffrn_source.pdbx_wavelength 
_diffrn_source.pdbx_wavelength_list 
1 SYNCHROTRON 'NSLS BEAMLINE X29A' NSLS X29A ? 0.9789 
2 ?           ?                    ?    ?    ? ?      
# 
_reflns.pdbx_diffrn_id               1,2 
_reflns.pdbx_ordinal                 1 
_reflns.entry_id                     4I0K 
_reflns.observed_criterion_sigma_I   ? 
_reflns.observed_criterion_sigma_F   ? 
_reflns.d_resolution_low             87.399 
_reflns.d_resolution_high            2.833 
_reflns.number_obs                   12250 
_reflns.number_all                   ? 
_reflns.percent_possible_obs         99.700 
_reflns.pdbx_Rmerge_I_obs            ? 
_reflns.pdbx_Rsym_value              0.117 
_reflns.pdbx_netI_over_sigmaI        18.100 
_reflns.B_iso_Wilson_estimate        ? 
_reflns.pdbx_redundancy              13.100 
_reflns.R_free_details               ? 
_reflns.limit_h_max                  ? 
_reflns.limit_h_min                  ? 
_reflns.limit_k_max                  ? 
_reflns.limit_k_min                  ? 
_reflns.limit_l_max                  ? 
_reflns.limit_l_min                  ? 
_reflns.observed_criterion_F_max     ? 
_reflns.observed_criterion_F_min     ? 
_reflns.pdbx_chi_squared             ? 
_reflns.pdbx_scaling_rejects         ? 
# 
loop_
_reflns_shell.pdbx_diffrn_id 
_reflns_shell.pdbx_ordinal 
_reflns_shell.d_res_high 
_reflns_shell.d_res_low 
_reflns_shell.percent_possible_all 
_reflns_shell.Rmerge_I_obs 
_reflns_shell.pdbx_Rsym_value 
_reflns_shell.meanI_over_sigI_obs 
_reflns_shell.pdbx_redundancy 
_reflns_shell.percent_possible_obs 
_reflns_shell.number_unique_all 
_reflns_shell.number_measured_all 
_reflns_shell.number_measured_obs 
_reflns_shell.number_unique_obs 
_reflns_shell.pdbx_chi_squared 
1,2 1  2.970 3.130  100.000 0.800 0.800 1.000  13.700 ? ? ? ? ? ? 
1,2 2  3.130 3.320  100.000 0.442 0.442 1.700  13.600 ? ? ? ? ? ? 
1,2 3  3.320 3.550  100.000 0.277 0.277 2.700  13.400 ? ? ? ? ? ? 
1,2 4  3.550 3.830  99.900  0.181 0.181 4.200  13.300 ? ? ? ? ? ? 
1,2 5  3.830 4.200  99.800  0.111 0.111 6.600  13.300 ? ? ? ? ? ? 
1,2 6  4.200 4.700  99.700  0.086 0.086 7.800  12.700 ? ? ? ? ? ? 
1,2 7  4.700 5.420  99.600  0.085 0.085 7.400  11.900 ? ? ? ? ? ? 
1,2 8  5.420 6.640  99.400  0.070 0.070 9.400  12.300 ? ? ? ? ? ? 
1,2 9  6.640 9.390  99.200  0.046 0.046 12.500 13.200 ? ? ? ? ? ? 
1,2 10 9.390 48.738 97.500  0.041 0.041 14.900 11.400 ? ? ? ? ? ? 
# 
_refine.pdbx_refine_id                           'X-RAY DIFFRACTION' 
_refine.entry_id                                 4I0K 
_refine.pdbx_diffrn_id                           1 
_refine.pdbx_TLS_residual_ADP_flag               ? 
_refine.ls_number_reflns_obs                     11661 
_refine.ls_number_reflns_all                     ? 
_refine.pdbx_ls_sigma_I                          ? 
_refine.pdbx_ls_sigma_F                          . 
_refine.pdbx_data_cutoff_high_absF               ? 
_refine.pdbx_data_cutoff_low_absF                ? 
_refine.pdbx_data_cutoff_high_rms_absF           ? 
_refine.ls_d_res_low                             30.00 
_refine.ls_d_res_high                            2.97 
_refine.ls_percent_reflns_obs                    99.50 
_refine.ls_R_factor_obs                          0.21712 
_refine.ls_R_factor_all                          ? 
_refine.ls_R_factor_R_work                       0.21548 
_refine.ls_R_factor_R_free                       0.24974 
_refine.ls_R_factor_R_free_error                 ? 
_refine.ls_R_factor_R_free_error_details         ? 
_refine.ls_percent_reflns_R_free                 4.8 
_refine.ls_number_reflns_R_free                  589 
_refine.ls_number_parameters                     ? 
_refine.ls_number_restraints                     ? 
_refine.occupancy_min                            0.500 
_refine.occupancy_max                            1.000 
_refine.correlation_coeff_Fo_to_Fc               0.929 
_refine.correlation_coeff_Fo_to_Fc_free          0.928 
_refine.B_iso_mean                               72.265 
_refine.aniso_B[1][1]                            -0.02 
_refine.aniso_B[2][2]                            -0.02 
_refine.aniso_B[3][3]                            0.08 
_refine.aniso_B[1][2]                            -0.02 
_refine.aniso_B[1][3]                            -0.00 
_refine.aniso_B[2][3]                            -0.00 
_refine.solvent_model_details                    'BABINET MODEL WITH MASK' 
_refine.solvent_model_param_ksol                 ? 
_refine.solvent_model_param_bsol                 ? 
_refine.pdbx_solvent_vdw_probe_radii             1.20 
_refine.pdbx_solvent_ion_probe_radii             0.80 
_refine.pdbx_solvent_shrinkage_radii             0.80 
_refine.pdbx_ls_cross_valid_method               THROUGHOUT 
_refine.details                                  'HYDROGENS HAVE BEEN ADDED IN THE RIDING POSITIONS' 
_refine.pdbx_starting_model                      'PDB ENTRY 3BIS' 
_refine.pdbx_method_to_determine_struct          'MOLECULAR REPLACEMENT' 
_refine.pdbx_isotropic_thermal_model             ? 
_refine.pdbx_stereochemistry_target_values       'MAXIMUM LIKELIHOOD' 
_refine.pdbx_stereochem_target_val_spec_case     ? 
_refine.pdbx_R_Free_selection_details            RANDOM 
_refine.pdbx_overall_ESU_R                       0.361 
_refine.pdbx_overall_ESU_R_Free                  0.280 
_refine.overall_SU_ML                            0.211 
_refine.pdbx_overall_phase_error                 ? 
_refine.overall_SU_B                             11.178 
_refine.overall_SU_R_Cruickshank_DPI             0.3660 
_refine.pdbx_overall_SU_R_free_Cruickshank_DPI   ? 
_refine.pdbx_overall_SU_R_Blow_DPI               ? 
_refine.pdbx_overall_SU_R_free_Blow_DPI          ? 
_refine.ls_redundancy_reflns_obs                 ? 
_refine.B_iso_min                                ? 
_refine.B_iso_max                                ? 
_refine.overall_SU_R_free                        ? 
_refine.ls_wR_factor_R_free                      ? 
_refine.ls_wR_factor_R_work                      ? 
_refine.overall_FOM_free_R_set                   ? 
_refine.overall_FOM_work_R_set                   ? 
# 
_refine_hist.pdbx_refine_id                   'X-RAY DIFFRACTION' 
_refine_hist.cycle_id                         LAST 
_refine_hist.pdbx_number_atoms_protein        1513 
_refine_hist.pdbx_number_atoms_nucleic_acid   0 
_refine_hist.pdbx_number_atoms_ligand         74 
_refine_hist.number_atoms_solvent             5 
_refine_hist.number_atoms_total               1592 
_refine_hist.d_res_high                       2.97 
_refine_hist.d_res_low                        30.00 
# 
loop_
_refine_ls_restr.type 
_refine_ls_restr.dev_ideal 
_refine_ls_restr.dev_ideal_target 
_refine_ls_restr.weight 
_refine_ls_restr.number 
_refine_ls_restr.pdbx_refine_id 
_refine_ls_restr.pdbx_restraint_function 
r_bond_refined_d             0.012  0.019  ? 1638 'X-RAY DIFFRACTION' ? 
r_bond_other_d               0.002  0.020  ? 1492 'X-RAY DIFFRACTION' ? 
r_angle_refined_deg          1.742  2.003  ? 2246 'X-RAY DIFFRACTION' ? 
r_angle_other_deg            0.841  3.002  ? 3415 'X-RAY DIFFRACTION' ? 
r_dihedral_angle_1_deg       8.350  5.000  ? 201  'X-RAY DIFFRACTION' ? 
r_dihedral_angle_2_deg       33.736 24.493 ? 69   'X-RAY DIFFRACTION' ? 
r_dihedral_angle_3_deg       21.034 15.000 ? 237  'X-RAY DIFFRACTION' ? 
r_dihedral_angle_4_deg       19.567 15.000 ? 9    'X-RAY DIFFRACTION' ? 
r_chiral_restr               0.084  0.200  ? 274  'X-RAY DIFFRACTION' ? 
r_gen_planes_refined         0.006  0.021  ? 1827 'X-RAY DIFFRACTION' ? 
r_gen_planes_other           0.001  0.020  ? 362  'X-RAY DIFFRACTION' ? 
r_nbd_refined                ?      ?      ? ?    'X-RAY DIFFRACTION' ? 
r_nbd_other                  ?      ?      ? ?    'X-RAY DIFFRACTION' ? 
r_nbtor_refined              ?      ?      ? ?    'X-RAY DIFFRACTION' ? 
r_nbtor_other                ?      ?      ? ?    'X-RAY DIFFRACTION' ? 
r_xyhbond_nbd_refined        ?      ?      ? ?    'X-RAY DIFFRACTION' ? 
r_xyhbond_nbd_other          ?      ?      ? ?    'X-RAY DIFFRACTION' ? 
r_metal_ion_refined          ?      ?      ? ?    'X-RAY DIFFRACTION' ? 
r_metal_ion_other            ?      ?      ? ?    'X-RAY DIFFRACTION' ? 
r_symmetry_vdw_refined       ?      ?      ? ?    'X-RAY DIFFRACTION' ? 
r_symmetry_vdw_other         ?      ?      ? ?    'X-RAY DIFFRACTION' ? 
r_symmetry_hbond_refined     ?      ?      ? ?    'X-RAY DIFFRACTION' ? 
r_symmetry_hbond_other       ?      ?      ? ?    'X-RAY DIFFRACTION' ? 
r_symmetry_metal_ion_refined ?      ?      ? ?    'X-RAY DIFFRACTION' ? 
r_symmetry_metal_ion_other   ?      ?      ? ?    'X-RAY DIFFRACTION' ? 
r_mcbond_it                  ?      ?      ? ?    'X-RAY DIFFRACTION' ? 
r_mcbond_other               ?      ?      ? ?    'X-RAY DIFFRACTION' ? 
r_mcangle_it                 ?      ?      ? ?    'X-RAY DIFFRACTION' ? 
r_scbond_it                  ?      ?      ? ?    'X-RAY DIFFRACTION' ? 
r_scangle_it                 ?      ?      ? ?    'X-RAY DIFFRACTION' ? 
r_rigid_bond_restr           ?      ?      ? ?    'X-RAY DIFFRACTION' ? 
r_sphericity_free            ?      ?      ? ?    'X-RAY DIFFRACTION' ? 
r_sphericity_bonded          ?      ?      ? ?    'X-RAY DIFFRACTION' ? 
# 
_refine_ls_shell.pdbx_refine_id                   'X-RAY DIFFRACTION' 
_refine_ls_shell.pdbx_total_number_of_bins_used   20 
_refine_ls_shell.d_res_high                       2.970 
_refine_ls_shell.d_res_low                        3.046 
_refine_ls_shell.number_reflns_R_work             817 
_refine_ls_shell.R_factor_R_work                  0.289 
_refine_ls_shell.percent_reflns_obs               100.00 
_refine_ls_shell.R_factor_R_free                  0.402 
_refine_ls_shell.R_factor_R_free_error            ? 
_refine_ls_shell.percent_reflns_R_free            ? 
_refine_ls_shell.number_reflns_R_free             46 
_refine_ls_shell.number_reflns_all                ? 
_refine_ls_shell.R_factor_all                     ? 
_refine_ls_shell.redundancy_reflns_obs            ? 
_refine_ls_shell.number_reflns_obs                ? 
# 
_struct.entry_id                  4I0K 
_struct.title                     'Crystal structure of murine B7-H3 extracellular domain' 
_struct.pdbx_model_details        ? 
_struct.pdbx_CASP_flag            ? 
_struct.pdbx_model_type_details   ? 
# 
_struct_keywords.pdbx_keywords   'IMMUNE SYSTEM' 
_struct_keywords.text            
;IMMUNOGLOBULIN DOMAIN, GLYCOPROTEIN, IMMUNITY, ADAPTIVE IMMUNITY, Structural Genomics, Protein Structure Initiative, immunoglobulin variable like domain, immunoglobulin constant like domain, cell surface, PSI-Biology, IMMUNE SYSTEM, New York Structural Genomics Research Consortium, NYSGRC, Atoms-to-Animals: The Immune Function Network, IFN
;
_struct_keywords.entry_id        4I0K 
# 
loop_
_struct_asym.id 
_struct_asym.pdbx_blank_PDB_chainid_flag 
_struct_asym.pdbx_modified 
_struct_asym.entity_id 
_struct_asym.details 
A N N 1 ? 
B N N 2 ? 
C N N 3 ? 
D N N 4 ? 
E N N 4 ? 
F N N 5 ? 
# 
_struct_ref.id                         1 
_struct_ref.db_name                    UNP 
_struct_ref.db_code                    CD276_MOUSE 
_struct_ref.pdbx_db_accession          Q8VE98 
_struct_ref.entity_id                  1 
_struct_ref.pdbx_seq_one_letter_code   
;SEDPVVALVDTDATLRCSFSPEPGFSLAQLNLIWQLTDTKQLVHSFTEGRDQGSAYSNRTALFPDLLVQGNASLRLQRVR
VTDEGSYTCFVSIQDFDSAAVSLQVAAPYSKPSMTLEPNKDLRPGNMVTITCSSYQGYPEAEVFWKDGQGVPLTGNVTTS
QMANERGLFDVHSVLRVVLGANGTYSCLVRNPVLQQDAHGSVTITGQPLTFPPE
;
_struct_ref.pdbx_align_begin           34 
_struct_ref.pdbx_db_isoform            ? 
# 
_struct_ref_seq.align_id                      1 
_struct_ref_seq.ref_id                        1 
_struct_ref_seq.pdbx_PDB_id_code              4I0K 
_struct_ref_seq.pdbx_strand_id                A 
_struct_ref_seq.seq_align_beg                 1 
_struct_ref_seq.pdbx_seq_align_beg_ins_code   ? 
_struct_ref_seq.seq_align_end                 214 
_struct_ref_seq.pdbx_seq_align_end_ins_code   ? 
_struct_ref_seq.pdbx_db_accession             Q8VE98 
_struct_ref_seq.db_align_beg                  34 
_struct_ref_seq.pdbx_db_align_beg_ins_code    ? 
_struct_ref_seq.db_align_end                  247 
_struct_ref_seq.pdbx_db_align_end_ins_code    ? 
_struct_ref_seq.pdbx_auth_seq_align_beg       34 
_struct_ref_seq.pdbx_auth_seq_align_end       247 
# 
loop_
_struct_ref_seq_dif.align_id 
_struct_ref_seq_dif.pdbx_pdb_id_code 
_struct_ref_seq_dif.mon_id 
_struct_ref_seq_dif.pdbx_pdb_strand_id 
_struct_ref_seq_dif.seq_num 
_struct_ref_seq_dif.pdbx_pdb_ins_code 
_struct_ref_seq_dif.pdbx_seq_db_name 
_struct_ref_seq_dif.pdbx_seq_db_accession_code 
_struct_ref_seq_dif.db_mon_id 
_struct_ref_seq_dif.pdbx_seq_db_seq_num 
_struct_ref_seq_dif.details 
_struct_ref_seq_dif.pdbx_auth_seq_num 
_struct_ref_seq_dif.pdbx_ordinal 
1 4I0K THR A 215 ? UNP Q8VE98 ? ? 'expression tag' 248 1 
1 4I0K GLY A 216 ? UNP Q8VE98 ? ? 'expression tag' 249 2 
1 4I0K HIS A 217 ? UNP Q8VE98 ? ? 'expression tag' 250 3 
1 4I0K HIS A 218 ? UNP Q8VE98 ? ? 'expression tag' 251 4 
1 4I0K HIS A 219 ? UNP Q8VE98 ? ? 'expression tag' 252 5 
1 4I0K HIS A 220 ? UNP Q8VE98 ? ? 'expression tag' 253 6 
1 4I0K HIS A 221 ? UNP Q8VE98 ? ? 'expression tag' 254 7 
1 4I0K HIS A 222 ? UNP Q8VE98 ? ? 'expression tag' 255 8 
# 
_pdbx_struct_assembly.id                   1 
_pdbx_struct_assembly.details              author_and_software_defined_assembly 
_pdbx_struct_assembly.method_details       PISA 
_pdbx_struct_assembly.oligomeric_details   dimeric 
_pdbx_struct_assembly.oligomeric_count     2 
# 
loop_
_pdbx_struct_assembly_prop.biol_id 
_pdbx_struct_assembly_prop.type 
_pdbx_struct_assembly_prop.value 
_pdbx_struct_assembly_prop.details 
1 'ABSA (A^2)' 7580  ? 
1 MORE         -42   ? 
1 'SSA (A^2)'  21800 ? 
# 
_pdbx_struct_assembly_gen.assembly_id       1 
_pdbx_struct_assembly_gen.oper_expression   1,2 
_pdbx_struct_assembly_gen.asym_id_list      A,B,C,D,E,F 
# 
loop_
_pdbx_struct_oper_list.id 
_pdbx_struct_oper_list.type 
_pdbx_struct_oper_list.name 
_pdbx_struct_oper_list.symmetry_operation 
_pdbx_struct_oper_list.matrix[1][1] 
_pdbx_struct_oper_list.matrix[1][2] 
_pdbx_struct_oper_list.matrix[1][3] 
_pdbx_struct_oper_list.vector[1] 
_pdbx_struct_oper_list.matrix[2][1] 
_pdbx_struct_oper_list.matrix[2][2] 
_pdbx_struct_oper_list.matrix[2][3] 
_pdbx_struct_oper_list.vector[2] 
_pdbx_struct_oper_list.matrix[3][1] 
_pdbx_struct_oper_list.matrix[3][2] 
_pdbx_struct_oper_list.matrix[3][3] 
_pdbx_struct_oper_list.vector[3] 
1 'identity operation'         1_555 x,y,z          1.0000000000  0.0000000000 0.0000000000  0.0000000000  0.0000000000 1.0000000000  0.0000000000  0.0000000000   0.0000000000  0.0000000000  1.0000000000 0.0000000000 
2 'crystal symmetry operation' 9_554 -x,-x+y,-z-1/3 -0.4841963339 0.3853290725 -0.7855414796 28.6756142269 0.3853290725 -0.7121414526 -0.5868356307 -29.5348915085 -0.7855414796 -0.5868356307 0.1963377865 4.3413806720 
# 
_struct_biol.id        1 
_struct_biol.details   'The second part of the biological assembly is generated by the two fold axis:  -x, -x+y, -z-1/3' 
# 
loop_
_struct_conf.conf_type_id 
_struct_conf.id 
_struct_conf.pdbx_PDB_helix_id 
_struct_conf.beg_label_comp_id 
_struct_conf.beg_label_asym_id 
_struct_conf.beg_label_seq_id 
_struct_conf.pdbx_beg_PDB_ins_code 
_struct_conf.end_label_comp_id 
_struct_conf.end_label_asym_id 
_struct_conf.end_label_seq_id 
_struct_conf.pdbx_end_PDB_ins_code 
_struct_conf.beg_auth_comp_id 
_struct_conf.beg_auth_asym_id 
_struct_conf.beg_auth_seq_id 
_struct_conf.end_auth_comp_id 
_struct_conf.end_auth_asym_id 
_struct_conf.end_auth_seq_id 
_struct_conf.pdbx_PDB_helix_class 
_struct_conf.details 
_struct_conf.pdbx_PDB_helix_length 
HELX_P HELX_P1 1 LEU A 66 ? GLY A 70 ? LEU A 99  GLY A 103 5 ? 5 
HELX_P HELX_P2 2 ARG A 80 ? GLU A 84 ? ARG A 113 GLU A 117 5 ? 5 
# 
_struct_conf_type.id          HELX_P 
_struct_conf_type.criteria    ? 
_struct_conf_type.reference   ? 
# 
loop_
_struct_conn.id 
_struct_conn.conn_type_id 
_struct_conn.pdbx_leaving_atom_flag 
_struct_conn.pdbx_PDB_id 
_struct_conn.ptnr1_label_asym_id 
_struct_conn.ptnr1_label_comp_id 
_struct_conn.ptnr1_label_seq_id 
_struct_conn.ptnr1_label_atom_id 
_struct_conn.pdbx_ptnr1_label_alt_id 
_struct_conn.pdbx_ptnr1_PDB_ins_code 
_struct_conn.pdbx_ptnr1_standard_comp_id 
_struct_conn.ptnr1_symmetry 
_struct_conn.ptnr2_label_asym_id 
_struct_conn.ptnr2_label_comp_id 
_struct_conn.ptnr2_label_seq_id 
_struct_conn.ptnr2_label_atom_id 
_struct_conn.pdbx_ptnr2_label_alt_id 
_struct_conn.pdbx_ptnr2_PDB_ins_code 
_struct_conn.ptnr1_auth_asym_id 
_struct_conn.ptnr1_auth_comp_id 
_struct_conn.ptnr1_auth_seq_id 
_struct_conn.ptnr2_auth_asym_id 
_struct_conn.ptnr2_auth_comp_id 
_struct_conn.ptnr2_auth_seq_id 
_struct_conn.ptnr2_symmetry 
_struct_conn.pdbx_ptnr3_label_atom_id 
_struct_conn.pdbx_ptnr3_label_seq_id 
_struct_conn.pdbx_ptnr3_label_comp_id 
_struct_conn.pdbx_ptnr3_label_asym_id 
_struct_conn.pdbx_ptnr3_label_alt_id 
_struct_conn.pdbx_ptnr3_PDB_ins_code 
_struct_conn.details 
_struct_conn.pdbx_dist_value 
_struct_conn.pdbx_value_order 
_struct_conn.pdbx_role 
disulf1 disulf ?    ? A CYS 17  SG  ? ? ? 1_555 A CYS 89  SG ? ? A CYS 50  A CYS 122 1_555 ? ? ? ? ? ? ? 2.093 ? ?               
disulf2 disulf ?    ? A CYS 132 SG  ? ? ? 1_555 A CYS 187 SG ? ? A CYS 165 A CYS 220 1_555 ? ? ? ? ? ? ? 2.012 ? ?               
covale1 covale one  ? A ASN 58  ND2 ? ? ? 1_555 C NAG .   C1 ? ? A ASN 91  A NAG 305 1_555 ? ? ? ? ? ? ? 1.466 ? N-Glycosylation 
covale2 covale one  ? A ASN 71  ND2 ? ? ? 1_555 B NAG .   C1 ? ? A ASN 104 B NAG 1   1_555 ? ? ? ? ? ? ? 1.415 ? N-Glycosylation 
covale3 covale both ? B NAG .   O4  ? ? ? 1_555 B NAG .   C1 ? ? B NAG 1   B NAG 2   1_555 ? ? ? ? ? ? ? 1.424 ? ?               
covale4 covale both ? B NAG .   O4  ? ? ? 1_555 B BMA .   C1 ? ? B NAG 2   B BMA 3   1_555 ? ? ? ? ? ? ? 1.444 ? ?               
covale5 covale both ? B BMA .   O6  ? ? ? 1_555 B MAN .   C1 ? ? B BMA 3   B MAN 4   1_555 ? ? ? ? ? ? ? 1.478 ? ?               
# 
loop_
_struct_conn_type.id 
_struct_conn_type.criteria 
_struct_conn_type.reference 
disulf ? ? 
covale ? ? 
# 
loop_
_pdbx_modification_feature.ordinal 
_pdbx_modification_feature.label_comp_id 
_pdbx_modification_feature.label_asym_id 
_pdbx_modification_feature.label_seq_id 
_pdbx_modification_feature.label_alt_id 
_pdbx_modification_feature.modified_residue_label_comp_id 
_pdbx_modification_feature.modified_residue_label_asym_id 
_pdbx_modification_feature.modified_residue_label_seq_id 
_pdbx_modification_feature.modified_residue_label_alt_id 
_pdbx_modification_feature.auth_comp_id 
_pdbx_modification_feature.auth_asym_id 
_pdbx_modification_feature.auth_seq_id 
_pdbx_modification_feature.PDB_ins_code 
_pdbx_modification_feature.symmetry 
_pdbx_modification_feature.modified_residue_auth_comp_id 
_pdbx_modification_feature.modified_residue_auth_asym_id 
_pdbx_modification_feature.modified_residue_auth_seq_id 
_pdbx_modification_feature.modified_residue_PDB_ins_code 
_pdbx_modification_feature.modified_residue_symmetry 
_pdbx_modification_feature.comp_id_linking_atom 
_pdbx_modification_feature.modified_residue_id_linking_atom 
_pdbx_modification_feature.modified_residue_id 
_pdbx_modification_feature.ref_pcm_id 
_pdbx_modification_feature.ref_comp_id 
_pdbx_modification_feature.type 
_pdbx_modification_feature.category 
1 NAG B .   ? ASN A 71  ? NAG B 1   ? 1_555 ASN A 104 ? 1_555 C1 ND2 ASN 1 NAG N-Glycosylation Carbohydrate       
2 NAG C .   ? ASN A 58  ? NAG A 305 ? 1_555 ASN A 91  ? 1_555 C1 ND2 ASN 1 NAG N-Glycosylation Carbohydrate       
3 CYS A 17  ? CYS A 89  ? CYS A 50  ? 1_555 CYS A 122 ? 1_555 SG SG  .   . .   None            'Disulfide bridge' 
4 CYS A 132 ? CYS A 187 ? CYS A 165 ? 1_555 CYS A 220 ? 1_555 SG SG  .   . .   None            'Disulfide bridge' 
# 
_struct_mon_prot_cis.pdbx_id                1 
_struct_mon_prot_cis.label_comp_id          TYR 
_struct_mon_prot_cis.label_seq_id           138 
_struct_mon_prot_cis.label_asym_id          A 
_struct_mon_prot_cis.label_alt_id           . 
_struct_mon_prot_cis.pdbx_PDB_ins_code      ? 
_struct_mon_prot_cis.auth_comp_id           TYR 
_struct_mon_prot_cis.auth_seq_id            171 
_struct_mon_prot_cis.auth_asym_id           A 
_struct_mon_prot_cis.pdbx_label_comp_id_2   PRO 
_struct_mon_prot_cis.pdbx_label_seq_id_2    139 
_struct_mon_prot_cis.pdbx_label_asym_id_2   A 
_struct_mon_prot_cis.pdbx_PDB_ins_code_2    ? 
_struct_mon_prot_cis.pdbx_auth_comp_id_2    PRO 
_struct_mon_prot_cis.pdbx_auth_seq_id_2     172 
_struct_mon_prot_cis.pdbx_auth_asym_id_2    A 
_struct_mon_prot_cis.pdbx_PDB_model_num     1 
_struct_mon_prot_cis.pdbx_omega_angle       -4.89 
# 
loop_
_struct_sheet.id 
_struct_sheet.type 
_struct_sheet.number_strands 
_struct_sheet.details 
A ? 3 ? 
B ? 4 ? 
C ? 4 ? 
D ? 3 ? 
# 
loop_
_struct_sheet_order.sheet_id 
_struct_sheet_order.range_id_1 
_struct_sheet_order.range_id_2 
_struct_sheet_order.offset 
_struct_sheet_order.sense 
A 1 2 ? anti-parallel 
A 2 3 ? anti-parallel 
B 1 2 ? anti-parallel 
B 2 3 ? anti-parallel 
B 3 4 ? anti-parallel 
C 1 2 ? anti-parallel 
C 2 3 ? anti-parallel 
C 3 4 ? anti-parallel 
D 1 2 ? anti-parallel 
D 2 3 ? anti-parallel 
# 
loop_
_struct_sheet_range.sheet_id 
_struct_sheet_range.id 
_struct_sheet_range.beg_label_comp_id 
_struct_sheet_range.beg_label_asym_id 
_struct_sheet_range.beg_label_seq_id 
_struct_sheet_range.pdbx_beg_PDB_ins_code 
_struct_sheet_range.end_label_comp_id 
_struct_sheet_range.end_label_asym_id 
_struct_sheet_range.end_label_seq_id 
_struct_sheet_range.pdbx_end_PDB_ins_code 
_struct_sheet_range.beg_auth_comp_id 
_struct_sheet_range.beg_auth_asym_id 
_struct_sheet_range.beg_auth_seq_id 
_struct_sheet_range.end_auth_comp_id 
_struct_sheet_range.end_auth_asym_id 
_struct_sheet_range.end_auth_seq_id 
A 1 ALA A 13  ? LEU A 15  ? ALA A 46  LEU A 48  
A 2 LEU A 74  ? LEU A 76  ? LEU A 107 LEU A 109 
A 3 THR A 60  ? ALA A 61  ? THR A 93  ALA A 94  
B 1 ARG A 50  ? SER A 54  ? ARG A 83  SER A 87  
B 2 LEU A 42  ? THR A 47  ? LEU A 75  THR A 80  
B 3 LEU A 30  ? LEU A 36  ? LEU A 63  LEU A 69  
B 4 TYR A 87  ? ILE A 93  ? TYR A 120 ILE A 126 
C 1 SER A 113 ? THR A 115 ? SER A 146 THR A 148 
C 2 MET A 127 ? GLY A 137 ? MET A 160 GLY A 170 
C 3 PHE A 169 ? VAL A 178 ? PHE A 202 VAL A 211 
C 4 ASN A 156 ? ALA A 163 ? ASN A 189 ALA A 196 
D 1 GLU A 142 ? LYS A 146 ? GLU A 175 LYS A 179 
D 2 THR A 184 ? ASN A 191 ? THR A 217 ASN A 224 
D 3 GLN A 196 ? THR A 203 ? GLN A 229 THR A 236 
# 
loop_
_pdbx_struct_sheet_hbond.sheet_id 
_pdbx_struct_sheet_hbond.range_id_1 
_pdbx_struct_sheet_hbond.range_id_2 
_pdbx_struct_sheet_hbond.range_1_label_atom_id 
_pdbx_struct_sheet_hbond.range_1_label_comp_id 
_pdbx_struct_sheet_hbond.range_1_label_asym_id 
_pdbx_struct_sheet_hbond.range_1_label_seq_id 
_pdbx_struct_sheet_hbond.range_1_PDB_ins_code 
_pdbx_struct_sheet_hbond.range_1_auth_atom_id 
_pdbx_struct_sheet_hbond.range_1_auth_comp_id 
_pdbx_struct_sheet_hbond.range_1_auth_asym_id 
_pdbx_struct_sheet_hbond.range_1_auth_seq_id 
_pdbx_struct_sheet_hbond.range_2_label_atom_id 
_pdbx_struct_sheet_hbond.range_2_label_comp_id 
_pdbx_struct_sheet_hbond.range_2_label_asym_id 
_pdbx_struct_sheet_hbond.range_2_label_seq_id 
_pdbx_struct_sheet_hbond.range_2_PDB_ins_code 
_pdbx_struct_sheet_hbond.range_2_auth_atom_id 
_pdbx_struct_sheet_hbond.range_2_auth_comp_id 
_pdbx_struct_sheet_hbond.range_2_auth_asym_id 
_pdbx_struct_sheet_hbond.range_2_auth_seq_id 
A 1 2 N ALA A 13  ? N ALA A 46  O LEU A 76  ? O LEU A 109 
A 2 3 O ARG A 75  ? O ARG A 108 N ALA A 61  ? N ALA A 94  
B 1 2 O ARG A 50  ? O ARG A 83  N THR A 47  ? N THR A 80  
B 2 3 O VAL A 43  ? O VAL A 76  N TRP A 34  ? N TRP A 67  
B 3 4 N ILE A 33  ? N ILE A 66  O PHE A 90  ? O PHE A 123 
C 1 2 N THR A 115 ? N THR A 148 O THR A 131 ? O THR A 164 
C 2 3 N CYS A 132 ? N CYS A 165 O SER A 173 ? O SER A 206 
C 3 4 O VAL A 174 ? O VAL A 207 N THR A 158 ? N THR A 191 
D 1 2 N GLU A 142 ? N GLU A 175 O ARG A 190 ? O ARG A 223 
D 2 3 N VAL A 189 ? N VAL A 222 O ALA A 198 ? O ALA A 231 
# 
_pdbx_entry_details.entry_id                   4I0K 
_pdbx_entry_details.compound_details           ? 
_pdbx_entry_details.source_details             ? 
_pdbx_entry_details.nonpolymer_details         ? 
_pdbx_entry_details.sequence_details           ? 
_pdbx_entry_details.has_ligand_of_interest     ? 
_pdbx_entry_details.has_protein_modification   Y 
# 
_pdbx_validate_close_contact.id               1 
_pdbx_validate_close_contact.PDB_model_num    1 
_pdbx_validate_close_contact.auth_atom_id_1   ND2 
_pdbx_validate_close_contact.auth_asym_id_1   A 
_pdbx_validate_close_contact.auth_comp_id_1   ASN 
_pdbx_validate_close_contact.auth_seq_id_1    104 
_pdbx_validate_close_contact.PDB_ins_code_1   ? 
_pdbx_validate_close_contact.label_alt_id_1   ? 
_pdbx_validate_close_contact.auth_atom_id_2   O5 
_pdbx_validate_close_contact.auth_asym_id_2   B 
_pdbx_validate_close_contact.auth_comp_id_2   NAG 
_pdbx_validate_close_contact.auth_seq_id_2    1 
_pdbx_validate_close_contact.PDB_ins_code_2   ? 
_pdbx_validate_close_contact.label_alt_id_2   ? 
_pdbx_validate_close_contact.dist             2.17 
# 
loop_
_pdbx_validate_torsion.id 
_pdbx_validate_torsion.PDB_model_num 
_pdbx_validate_torsion.auth_comp_id 
_pdbx_validate_torsion.auth_asym_id 
_pdbx_validate_torsion.auth_seq_id 
_pdbx_validate_torsion.PDB_ins_code 
_pdbx_validate_torsion.label_alt_id 
_pdbx_validate_torsion.phi 
_pdbx_validate_torsion.psi 
1 1 PHE A 96  ? ? -112.71 74.62   
2 1 GLN A 169 ? ? 70.30   55.05   
3 1 PRO A 172 ? ? -78.34  -165.72 
4 1 ASP A 180 ? ? -76.62  -168.85 
# 
_pdbx_validate_peptide_omega.id               1 
_pdbx_validate_peptide_omega.PDB_model_num    1 
_pdbx_validate_peptide_omega.auth_comp_id_1   GLY 
_pdbx_validate_peptide_omega.auth_asym_id_1   A 
_pdbx_validate_peptide_omega.auth_seq_id_1    57 
_pdbx_validate_peptide_omega.PDB_ins_code_1   ? 
_pdbx_validate_peptide_omega.label_alt_id_1   ? 
_pdbx_validate_peptide_omega.auth_comp_id_2   PHE 
_pdbx_validate_peptide_omega.auth_asym_id_2   A 
_pdbx_validate_peptide_omega.auth_seq_id_2    58 
_pdbx_validate_peptide_omega.PDB_ins_code_2   ? 
_pdbx_validate_peptide_omega.label_alt_id_2   ? 
_pdbx_validate_peptide_omega.omega            -145.30 
# 
loop_
_pdbx_SG_project.project_name 
_pdbx_SG_project.full_name_of_center 
_pdbx_SG_project.initial_of_center 
_pdbx_SG_project.id 
PSI:Biology 'New York Structural Genomics Research Consortium' NYSGRC 1 
PSI:Biology 'Atoms-to-Animals: The Immune Function Network'    IFN    2 
# 
loop_
_pdbx_struct_mod_residue.id 
_pdbx_struct_mod_residue.label_asym_id 
_pdbx_struct_mod_residue.label_comp_id 
_pdbx_struct_mod_residue.label_seq_id 
_pdbx_struct_mod_residue.auth_asym_id 
_pdbx_struct_mod_residue.auth_comp_id 
_pdbx_struct_mod_residue.auth_seq_id 
_pdbx_struct_mod_residue.PDB_ins_code 
_pdbx_struct_mod_residue.parent_comp_id 
_pdbx_struct_mod_residue.details 
1 A ASN 71 A ASN 104 ? ASN 'GLYCOSYLATION SITE' 
2 A ASN 58 A ASN 91  ? ASN 'GLYCOSYLATION SITE' 
# 
_pdbx_struct_special_symmetry.id              1 
_pdbx_struct_special_symmetry.PDB_model_num   1 
_pdbx_struct_special_symmetry.auth_asym_id    A 
_pdbx_struct_special_symmetry.auth_comp_id    HOH 
_pdbx_struct_special_symmetry.auth_seq_id     404 
_pdbx_struct_special_symmetry.PDB_ins_code    ? 
_pdbx_struct_special_symmetry.label_asym_id   F 
_pdbx_struct_special_symmetry.label_comp_id   HOH 
_pdbx_struct_special_symmetry.label_seq_id    . 
# 
_phasing.method   MR 
# 
loop_
_pdbx_unobs_or_zero_occ_residues.id 
_pdbx_unobs_or_zero_occ_residues.PDB_model_num 
_pdbx_unobs_or_zero_occ_residues.polymer_flag 
_pdbx_unobs_or_zero_occ_residues.occupancy_flag 
_pdbx_unobs_or_zero_occ_residues.auth_asym_id 
_pdbx_unobs_or_zero_occ_residues.auth_comp_id 
_pdbx_unobs_or_zero_occ_residues.auth_seq_id 
_pdbx_unobs_or_zero_occ_residues.PDB_ins_code 
_pdbx_unobs_or_zero_occ_residues.label_asym_id 
_pdbx_unobs_or_zero_occ_residues.label_comp_id 
_pdbx_unobs_or_zero_occ_residues.label_seq_id 
1  1 Y 1 A SER 34  ? A SER 1   
2  1 Y 1 A ASN 152 ? A ASN 119 
3  1 Y 1 A LYS 153 ? A LYS 120 
4  1 Y 1 A ASP 154 ? A ASP 121 
5  1 Y 1 A LEU 155 ? A LEU 122 
6  1 Y 1 A ARG 156 ? A ARG 123 
7  1 Y 1 A GLN 240 ? A GLN 207 
8  1 Y 1 A PRO 241 ? A PRO 208 
9  1 Y 1 A LEU 242 ? A LEU 209 
10 1 Y 1 A THR 243 ? A THR 210 
11 1 Y 1 A PHE 244 ? A PHE 211 
12 1 Y 1 A PRO 245 ? A PRO 212 
13 1 Y 1 A PRO 246 ? A PRO 213 
14 1 Y 1 A GLU 247 ? A GLU 214 
15 1 Y 1 A THR 248 ? A THR 215 
16 1 Y 1 A GLY 249 ? A GLY 216 
17 1 Y 1 A HIS 250 ? A HIS 217 
18 1 Y 1 A HIS 251 ? A HIS 218 
19 1 Y 1 A HIS 252 ? A HIS 219 
20 1 Y 1 A HIS 253 ? A HIS 220 
21 1 Y 1 A HIS 254 ? A HIS 221 
22 1 Y 1 A HIS 255 ? A HIS 222 
# 
loop_
_chem_comp_atom.comp_id 
_chem_comp_atom.atom_id 
_chem_comp_atom.type_symbol 
_chem_comp_atom.pdbx_aromatic_flag 
_chem_comp_atom.pdbx_stereo_config 
_chem_comp_atom.pdbx_ordinal 
ALA N    N N N 1   
ALA CA   C N S 2   
ALA C    C N N 3   
ALA O    O N N 4   
ALA CB   C N N 5   
ALA OXT  O N N 6   
ALA H    H N N 7   
ALA H2   H N N 8   
ALA HA   H N N 9   
ALA HB1  H N N 10  
ALA HB2  H N N 11  
ALA HB3  H N N 12  
ALA HXT  H N N 13  
ARG N    N N N 14  
ARG CA   C N S 15  
ARG C    C N N 16  
ARG O    O N N 17  
ARG CB   C N N 18  
ARG CG   C N N 19  
ARG CD   C N N 20  
ARG NE   N N N 21  
ARG CZ   C N N 22  
ARG NH1  N N N 23  
ARG NH2  N N N 24  
ARG OXT  O N N 25  
ARG H    H N N 26  
ARG H2   H N N 27  
ARG HA   H N N 28  
ARG HB2  H N N 29  
ARG HB3  H N N 30  
ARG HG2  H N N 31  
ARG HG3  H N N 32  
ARG HD2  H N N 33  
ARG HD3  H N N 34  
ARG HE   H N N 35  
ARG HH11 H N N 36  
ARG HH12 H N N 37  
ARG HH21 H N N 38  
ARG HH22 H N N 39  
ARG HXT  H N N 40  
ASN N    N N N 41  
ASN CA   C N S 42  
ASN C    C N N 43  
ASN O    O N N 44  
ASN CB   C N N 45  
ASN CG   C N N 46  
ASN OD1  O N N 47  
ASN ND2  N N N 48  
ASN OXT  O N N 49  
ASN H    H N N 50  
ASN H2   H N N 51  
ASN HA   H N N 52  
ASN HB2  H N N 53  
ASN HB3  H N N 54  
ASN HD21 H N N 55  
ASN HD22 H N N 56  
ASN HXT  H N N 57  
ASP N    N N N 58  
ASP CA   C N S 59  
ASP C    C N N 60  
ASP O    O N N 61  
ASP CB   C N N 62  
ASP CG   C N N 63  
ASP OD1  O N N 64  
ASP OD2  O N N 65  
ASP OXT  O N N 66  
ASP H    H N N 67  
ASP H2   H N N 68  
ASP HA   H N N 69  
ASP HB2  H N N 70  
ASP HB3  H N N 71  
ASP HD2  H N N 72  
ASP HXT  H N N 73  
BMA C1   C N R 74  
BMA C2   C N S 75  
BMA C3   C N S 76  
BMA C4   C N S 77  
BMA C5   C N R 78  
BMA C6   C N N 79  
BMA O1   O N N 80  
BMA O2   O N N 81  
BMA O3   O N N 82  
BMA O4   O N N 83  
BMA O5   O N N 84  
BMA O6   O N N 85  
BMA H1   H N N 86  
BMA H2   H N N 87  
BMA H3   H N N 88  
BMA H4   H N N 89  
BMA H5   H N N 90  
BMA H61  H N N 91  
BMA H62  H N N 92  
BMA HO1  H N N 93  
BMA HO2  H N N 94  
BMA HO3  H N N 95  
BMA HO4  H N N 96  
BMA HO6  H N N 97  
CYS N    N N N 98  
CYS CA   C N R 99  
CYS C    C N N 100 
CYS O    O N N 101 
CYS CB   C N N 102 
CYS SG   S N N 103 
CYS OXT  O N N 104 
CYS H    H N N 105 
CYS H2   H N N 106 
CYS HA   H N N 107 
CYS HB2  H N N 108 
CYS HB3  H N N 109 
CYS HG   H N N 110 
CYS HXT  H N N 111 
GLN N    N N N 112 
GLN CA   C N S 113 
GLN C    C N N 114 
GLN O    O N N 115 
GLN CB   C N N 116 
GLN CG   C N N 117 
GLN CD   C N N 118 
GLN OE1  O N N 119 
GLN NE2  N N N 120 
GLN OXT  O N N 121 
GLN H    H N N 122 
GLN H2   H N N 123 
GLN HA   H N N 124 
GLN HB2  H N N 125 
GLN HB3  H N N 126 
GLN HG2  H N N 127 
GLN HG3  H N N 128 
GLN HE21 H N N 129 
GLN HE22 H N N 130 
GLN HXT  H N N 131 
GLU N    N N N 132 
GLU CA   C N S 133 
GLU C    C N N 134 
GLU O    O N N 135 
GLU CB   C N N 136 
GLU CG   C N N 137 
GLU CD   C N N 138 
GLU OE1  O N N 139 
GLU OE2  O N N 140 
GLU OXT  O N N 141 
GLU H    H N N 142 
GLU H2   H N N 143 
GLU HA   H N N 144 
GLU HB2  H N N 145 
GLU HB3  H N N 146 
GLU HG2  H N N 147 
GLU HG3  H N N 148 
GLU HE2  H N N 149 
GLU HXT  H N N 150 
GLY N    N N N 151 
GLY CA   C N N 152 
GLY C    C N N 153 
GLY O    O N N 154 
GLY OXT  O N N 155 
GLY H    H N N 156 
GLY H2   H N N 157 
GLY HA2  H N N 158 
GLY HA3  H N N 159 
GLY HXT  H N N 160 
HIS N    N N N 161 
HIS CA   C N S 162 
HIS C    C N N 163 
HIS O    O N N 164 
HIS CB   C N N 165 
HIS CG   C Y N 166 
HIS ND1  N Y N 167 
HIS CD2  C Y N 168 
HIS CE1  C Y N 169 
HIS NE2  N Y N 170 
HIS OXT  O N N 171 
HIS H    H N N 172 
HIS H2   H N N 173 
HIS HA   H N N 174 
HIS HB2  H N N 175 
HIS HB3  H N N 176 
HIS HD1  H N N 177 
HIS HD2  H N N 178 
HIS HE1  H N N 179 
HIS HE2  H N N 180 
HIS HXT  H N N 181 
HOH O    O N N 182 
HOH H1   H N N 183 
HOH H2   H N N 184 
ILE N    N N N 185 
ILE CA   C N S 186 
ILE C    C N N 187 
ILE O    O N N 188 
ILE CB   C N S 189 
ILE CG1  C N N 190 
ILE CG2  C N N 191 
ILE CD1  C N N 192 
ILE OXT  O N N 193 
ILE H    H N N 194 
ILE H2   H N N 195 
ILE HA   H N N 196 
ILE HB   H N N 197 
ILE HG12 H N N 198 
ILE HG13 H N N 199 
ILE HG21 H N N 200 
ILE HG22 H N N 201 
ILE HG23 H N N 202 
ILE HD11 H N N 203 
ILE HD12 H N N 204 
ILE HD13 H N N 205 
ILE HXT  H N N 206 
LEU N    N N N 207 
LEU CA   C N S 208 
LEU C    C N N 209 
LEU O    O N N 210 
LEU CB   C N N 211 
LEU CG   C N N 212 
LEU CD1  C N N 213 
LEU CD2  C N N 214 
LEU OXT  O N N 215 
LEU H    H N N 216 
LEU H2   H N N 217 
LEU HA   H N N 218 
LEU HB2  H N N 219 
LEU HB3  H N N 220 
LEU HG   H N N 221 
LEU HD11 H N N 222 
LEU HD12 H N N 223 
LEU HD13 H N N 224 
LEU HD21 H N N 225 
LEU HD22 H N N 226 
LEU HD23 H N N 227 
LEU HXT  H N N 228 
LYS N    N N N 229 
LYS CA   C N S 230 
LYS C    C N N 231 
LYS O    O N N 232 
LYS CB   C N N 233 
LYS CG   C N N 234 
LYS CD   C N N 235 
LYS CE   C N N 236 
LYS NZ   N N N 237 
LYS OXT  O N N 238 
LYS H    H N N 239 
LYS H2   H N N 240 
LYS HA   H N N 241 
LYS HB2  H N N 242 
LYS HB3  H N N 243 
LYS HG2  H N N 244 
LYS HG3  H N N 245 
LYS HD2  H N N 246 
LYS HD3  H N N 247 
LYS HE2  H N N 248 
LYS HE3  H N N 249 
LYS HZ1  H N N 250 
LYS HZ2  H N N 251 
LYS HZ3  H N N 252 
LYS HXT  H N N 253 
MAN C1   C N S 254 
MAN C2   C N S 255 
MAN C3   C N S 256 
MAN C4   C N S 257 
MAN C5   C N R 258 
MAN C6   C N N 259 
MAN O1   O N N 260 
MAN O2   O N N 261 
MAN O3   O N N 262 
MAN O4   O N N 263 
MAN O5   O N N 264 
MAN O6   O N N 265 
MAN H1   H N N 266 
MAN H2   H N N 267 
MAN H3   H N N 268 
MAN H4   H N N 269 
MAN H5   H N N 270 
MAN H61  H N N 271 
MAN H62  H N N 272 
MAN HO1  H N N 273 
MAN HO2  H N N 274 
MAN HO3  H N N 275 
MAN HO4  H N N 276 
MAN HO6  H N N 277 
MET N    N N N 278 
MET CA   C N S 279 
MET C    C N N 280 
MET O    O N N 281 
MET CB   C N N 282 
MET CG   C N N 283 
MET SD   S N N 284 
MET CE   C N N 285 
MET OXT  O N N 286 
MET H    H N N 287 
MET H2   H N N 288 
MET HA   H N N 289 
MET HB2  H N N 290 
MET HB3  H N N 291 
MET HG2  H N N 292 
MET HG3  H N N 293 
MET HE1  H N N 294 
MET HE2  H N N 295 
MET HE3  H N N 296 
MET HXT  H N N 297 
NAG C1   C N R 298 
NAG C2   C N R 299 
NAG C3   C N R 300 
NAG C4   C N S 301 
NAG C5   C N R 302 
NAG C6   C N N 303 
NAG C7   C N N 304 
NAG C8   C N N 305 
NAG N2   N N N 306 
NAG O1   O N N 307 
NAG O3   O N N 308 
NAG O4   O N N 309 
NAG O5   O N N 310 
NAG O6   O N N 311 
NAG O7   O N N 312 
NAG H1   H N N 313 
NAG H2   H N N 314 
NAG H3   H N N 315 
NAG H4   H N N 316 
NAG H5   H N N 317 
NAG H61  H N N 318 
NAG H62  H N N 319 
NAG H81  H N N 320 
NAG H82  H N N 321 
NAG H83  H N N 322 
NAG HN2  H N N 323 
NAG HO1  H N N 324 
NAG HO3  H N N 325 
NAG HO4  H N N 326 
NAG HO6  H N N 327 
PHE N    N N N 328 
PHE CA   C N S 329 
PHE C    C N N 330 
PHE O    O N N 331 
PHE CB   C N N 332 
PHE CG   C Y N 333 
PHE CD1  C Y N 334 
PHE CD2  C Y N 335 
PHE CE1  C Y N 336 
PHE CE2  C Y N 337 
PHE CZ   C Y N 338 
PHE OXT  O N N 339 
PHE H    H N N 340 
PHE H2   H N N 341 
PHE HA   H N N 342 
PHE HB2  H N N 343 
PHE HB3  H N N 344 
PHE HD1  H N N 345 
PHE HD2  H N N 346 
PHE HE1  H N N 347 
PHE HE2  H N N 348 
PHE HZ   H N N 349 
PHE HXT  H N N 350 
PRO N    N N N 351 
PRO CA   C N S 352 
PRO C    C N N 353 
PRO O    O N N 354 
PRO CB   C N N 355 
PRO CG   C N N 356 
PRO CD   C N N 357 
PRO OXT  O N N 358 
PRO H    H N N 359 
PRO HA   H N N 360 
PRO HB2  H N N 361 
PRO HB3  H N N 362 
PRO HG2  H N N 363 
PRO HG3  H N N 364 
PRO HD2  H N N 365 
PRO HD3  H N N 366 
PRO HXT  H N N 367 
SER N    N N N 368 
SER CA   C N S 369 
SER C    C N N 370 
SER O    O N N 371 
SER CB   C N N 372 
SER OG   O N N 373 
SER OXT  O N N 374 
SER H    H N N 375 
SER H2   H N N 376 
SER HA   H N N 377 
SER HB2  H N N 378 
SER HB3  H N N 379 
SER HG   H N N 380 
SER HXT  H N N 381 
SO4 S    S N N 382 
SO4 O1   O N N 383 
SO4 O2   O N N 384 
SO4 O3   O N N 385 
SO4 O4   O N N 386 
THR N    N N N 387 
THR CA   C N S 388 
THR C    C N N 389 
THR O    O N N 390 
THR CB   C N R 391 
THR OG1  O N N 392 
THR CG2  C N N 393 
THR OXT  O N N 394 
THR H    H N N 395 
THR H2   H N N 396 
THR HA   H N N 397 
THR HB   H N N 398 
THR HG1  H N N 399 
THR HG21 H N N 400 
THR HG22 H N N 401 
THR HG23 H N N 402 
THR HXT  H N N 403 
TRP N    N N N 404 
TRP CA   C N S 405 
TRP C    C N N 406 
TRP O    O N N 407 
TRP CB   C N N 408 
TRP CG   C Y N 409 
TRP CD1  C Y N 410 
TRP CD2  C Y N 411 
TRP NE1  N Y N 412 
TRP CE2  C Y N 413 
TRP CE3  C Y N 414 
TRP CZ2  C Y N 415 
TRP CZ3  C Y N 416 
TRP CH2  C Y N 417 
TRP OXT  O N N 418 
TRP H    H N N 419 
TRP H2   H N N 420 
TRP HA   H N N 421 
TRP HB2  H N N 422 
TRP HB3  H N N 423 
TRP HD1  H N N 424 
TRP HE1  H N N 425 
TRP HE3  H N N 426 
TRP HZ2  H N N 427 
TRP HZ3  H N N 428 
TRP HH2  H N N 429 
TRP HXT  H N N 430 
TYR N    N N N 431 
TYR CA   C N S 432 
TYR C    C N N 433 
TYR O    O N N 434 
TYR CB   C N N 435 
TYR CG   C Y N 436 
TYR CD1  C Y N 437 
TYR CD2  C Y N 438 
TYR CE1  C Y N 439 
TYR CE2  C Y N 440 
TYR CZ   C Y N 441 
TYR OH   O N N 442 
TYR OXT  O N N 443 
TYR H    H N N 444 
TYR H2   H N N 445 
TYR HA   H N N 446 
TYR HB2  H N N 447 
TYR HB3  H N N 448 
TYR HD1  H N N 449 
TYR HD2  H N N 450 
TYR HE1  H N N 451 
TYR HE2  H N N 452 
TYR HH   H N N 453 
TYR HXT  H N N 454 
VAL N    N N N 455 
VAL CA   C N S 456 
VAL C    C N N 457 
VAL O    O N N 458 
VAL CB   C N N 459 
VAL CG1  C N N 460 
VAL CG2  C N N 461 
VAL OXT  O N N 462 
VAL H    H N N 463 
VAL H2   H N N 464 
VAL HA   H N N 465 
VAL HB   H N N 466 
VAL HG11 H N N 467 
VAL HG12 H N N 468 
VAL HG13 H N N 469 
VAL HG21 H N N 470 
VAL HG22 H N N 471 
VAL HG23 H N N 472 
VAL HXT  H N N 473 
# 
loop_
_chem_comp_bond.comp_id 
_chem_comp_bond.atom_id_1 
_chem_comp_bond.atom_id_2 
_chem_comp_bond.value_order 
_chem_comp_bond.pdbx_aromatic_flag 
_chem_comp_bond.pdbx_stereo_config 
_chem_comp_bond.pdbx_ordinal 
ALA N   CA   sing N N 1   
ALA N   H    sing N N 2   
ALA N   H2   sing N N 3   
ALA CA  C    sing N N 4   
ALA CA  CB   sing N N 5   
ALA CA  HA   sing N N 6   
ALA C   O    doub N N 7   
ALA C   OXT  sing N N 8   
ALA CB  HB1  sing N N 9   
ALA CB  HB2  sing N N 10  
ALA CB  HB3  sing N N 11  
ALA OXT HXT  sing N N 12  
ARG N   CA   sing N N 13  
ARG N   H    sing N N 14  
ARG N   H2   sing N N 15  
ARG CA  C    sing N N 16  
ARG CA  CB   sing N N 17  
ARG CA  HA   sing N N 18  
ARG C   O    doub N N 19  
ARG C   OXT  sing N N 20  
ARG CB  CG   sing N N 21  
ARG CB  HB2  sing N N 22  
ARG CB  HB3  sing N N 23  
ARG CG  CD   sing N N 24  
ARG CG  HG2  sing N N 25  
ARG CG  HG3  sing N N 26  
ARG CD  NE   sing N N 27  
ARG CD  HD2  sing N N 28  
ARG CD  HD3  sing N N 29  
ARG NE  CZ   sing N N 30  
ARG NE  HE   sing N N 31  
ARG CZ  NH1  sing N N 32  
ARG CZ  NH2  doub N N 33  
ARG NH1 HH11 sing N N 34  
ARG NH1 HH12 sing N N 35  
ARG NH2 HH21 sing N N 36  
ARG NH2 HH22 sing N N 37  
ARG OXT HXT  sing N N 38  
ASN N   CA   sing N N 39  
ASN N   H    sing N N 40  
ASN N   H2   sing N N 41  
ASN CA  C    sing N N 42  
ASN CA  CB   sing N N 43  
ASN CA  HA   sing N N 44  
ASN C   O    doub N N 45  
ASN C   OXT  sing N N 46  
ASN CB  CG   sing N N 47  
ASN CB  HB2  sing N N 48  
ASN CB  HB3  sing N N 49  
ASN CG  OD1  doub N N 50  
ASN CG  ND2  sing N N 51  
ASN ND2 HD21 sing N N 52  
ASN ND2 HD22 sing N N 53  
ASN OXT HXT  sing N N 54  
ASP N   CA   sing N N 55  
ASP N   H    sing N N 56  
ASP N   H2   sing N N 57  
ASP CA  C    sing N N 58  
ASP CA  CB   sing N N 59  
ASP CA  HA   sing N N 60  
ASP C   O    doub N N 61  
ASP C   OXT  sing N N 62  
ASP CB  CG   sing N N 63  
ASP CB  HB2  sing N N 64  
ASP CB  HB3  sing N N 65  
ASP CG  OD1  doub N N 66  
ASP CG  OD2  sing N N 67  
ASP OD2 HD2  sing N N 68  
ASP OXT HXT  sing N N 69  
BMA C1  C2   sing N N 70  
BMA C1  O1   sing N N 71  
BMA C1  O5   sing N N 72  
BMA C1  H1   sing N N 73  
BMA C2  C3   sing N N 74  
BMA C2  O2   sing N N 75  
BMA C2  H2   sing N N 76  
BMA C3  C4   sing N N 77  
BMA C3  O3   sing N N 78  
BMA C3  H3   sing N N 79  
BMA C4  C5   sing N N 80  
BMA C4  O4   sing N N 81  
BMA C4  H4   sing N N 82  
BMA C5  C6   sing N N 83  
BMA C5  O5   sing N N 84  
BMA C5  H5   sing N N 85  
BMA C6  O6   sing N N 86  
BMA C6  H61  sing N N 87  
BMA C6  H62  sing N N 88  
BMA O1  HO1  sing N N 89  
BMA O2  HO2  sing N N 90  
BMA O3  HO3  sing N N 91  
BMA O4  HO4  sing N N 92  
BMA O6  HO6  sing N N 93  
CYS N   CA   sing N N 94  
CYS N   H    sing N N 95  
CYS N   H2   sing N N 96  
CYS CA  C    sing N N 97  
CYS CA  CB   sing N N 98  
CYS CA  HA   sing N N 99  
CYS C   O    doub N N 100 
CYS C   OXT  sing N N 101 
CYS CB  SG   sing N N 102 
CYS CB  HB2  sing N N 103 
CYS CB  HB3  sing N N 104 
CYS SG  HG   sing N N 105 
CYS OXT HXT  sing N N 106 
GLN N   CA   sing N N 107 
GLN N   H    sing N N 108 
GLN N   H2   sing N N 109 
GLN CA  C    sing N N 110 
GLN CA  CB   sing N N 111 
GLN CA  HA   sing N N 112 
GLN C   O    doub N N 113 
GLN C   OXT  sing N N 114 
GLN CB  CG   sing N N 115 
GLN CB  HB2  sing N N 116 
GLN CB  HB3  sing N N 117 
GLN CG  CD   sing N N 118 
GLN CG  HG2  sing N N 119 
GLN CG  HG3  sing N N 120 
GLN CD  OE1  doub N N 121 
GLN CD  NE2  sing N N 122 
GLN NE2 HE21 sing N N 123 
GLN NE2 HE22 sing N N 124 
GLN OXT HXT  sing N N 125 
GLU N   CA   sing N N 126 
GLU N   H    sing N N 127 
GLU N   H2   sing N N 128 
GLU CA  C    sing N N 129 
GLU CA  CB   sing N N 130 
GLU CA  HA   sing N N 131 
GLU C   O    doub N N 132 
GLU C   OXT  sing N N 133 
GLU CB  CG   sing N N 134 
GLU CB  HB2  sing N N 135 
GLU CB  HB3  sing N N 136 
GLU CG  CD   sing N N 137 
GLU CG  HG2  sing N N 138 
GLU CG  HG3  sing N N 139 
GLU CD  OE1  doub N N 140 
GLU CD  OE2  sing N N 141 
GLU OE2 HE2  sing N N 142 
GLU OXT HXT  sing N N 143 
GLY N   CA   sing N N 144 
GLY N   H    sing N N 145 
GLY N   H2   sing N N 146 
GLY CA  C    sing N N 147 
GLY CA  HA2  sing N N 148 
GLY CA  HA3  sing N N 149 
GLY C   O    doub N N 150 
GLY C   OXT  sing N N 151 
GLY OXT HXT  sing N N 152 
HIS N   CA   sing N N 153 
HIS N   H    sing N N 154 
HIS N   H2   sing N N 155 
HIS CA  C    sing N N 156 
HIS CA  CB   sing N N 157 
HIS CA  HA   sing N N 158 
HIS C   O    doub N N 159 
HIS C   OXT  sing N N 160 
HIS CB  CG   sing N N 161 
HIS CB  HB2  sing N N 162 
HIS CB  HB3  sing N N 163 
HIS CG  ND1  sing Y N 164 
HIS CG  CD2  doub Y N 165 
HIS ND1 CE1  doub Y N 166 
HIS ND1 HD1  sing N N 167 
HIS CD2 NE2  sing Y N 168 
HIS CD2 HD2  sing N N 169 
HIS CE1 NE2  sing Y N 170 
HIS CE1 HE1  sing N N 171 
HIS NE2 HE2  sing N N 172 
HIS OXT HXT  sing N N 173 
HOH O   H1   sing N N 174 
HOH O   H2   sing N N 175 
ILE N   CA   sing N N 176 
ILE N   H    sing N N 177 
ILE N   H2   sing N N 178 
ILE CA  C    sing N N 179 
ILE CA  CB   sing N N 180 
ILE CA  HA   sing N N 181 
ILE C   O    doub N N 182 
ILE C   OXT  sing N N 183 
ILE CB  CG1  sing N N 184 
ILE CB  CG2  sing N N 185 
ILE CB  HB   sing N N 186 
ILE CG1 CD1  sing N N 187 
ILE CG1 HG12 sing N N 188 
ILE CG1 HG13 sing N N 189 
ILE CG2 HG21 sing N N 190 
ILE CG2 HG22 sing N N 191 
ILE CG2 HG23 sing N N 192 
ILE CD1 HD11 sing N N 193 
ILE CD1 HD12 sing N N 194 
ILE CD1 HD13 sing N N 195 
ILE OXT HXT  sing N N 196 
LEU N   CA   sing N N 197 
LEU N   H    sing N N 198 
LEU N   H2   sing N N 199 
LEU CA  C    sing N N 200 
LEU CA  CB   sing N N 201 
LEU CA  HA   sing N N 202 
LEU C   O    doub N N 203 
LEU C   OXT  sing N N 204 
LEU CB  CG   sing N N 205 
LEU CB  HB2  sing N N 206 
LEU CB  HB3  sing N N 207 
LEU CG  CD1  sing N N 208 
LEU CG  CD2  sing N N 209 
LEU CG  HG   sing N N 210 
LEU CD1 HD11 sing N N 211 
LEU CD1 HD12 sing N N 212 
LEU CD1 HD13 sing N N 213 
LEU CD2 HD21 sing N N 214 
LEU CD2 HD22 sing N N 215 
LEU CD2 HD23 sing N N 216 
LEU OXT HXT  sing N N 217 
LYS N   CA   sing N N 218 
LYS N   H    sing N N 219 
LYS N   H2   sing N N 220 
LYS CA  C    sing N N 221 
LYS CA  CB   sing N N 222 
LYS CA  HA   sing N N 223 
LYS C   O    doub N N 224 
LYS C   OXT  sing N N 225 
LYS CB  CG   sing N N 226 
LYS CB  HB2  sing N N 227 
LYS CB  HB3  sing N N 228 
LYS CG  CD   sing N N 229 
LYS CG  HG2  sing N N 230 
LYS CG  HG3  sing N N 231 
LYS CD  CE   sing N N 232 
LYS CD  HD2  sing N N 233 
LYS CD  HD3  sing N N 234 
LYS CE  NZ   sing N N 235 
LYS CE  HE2  sing N N 236 
LYS CE  HE3  sing N N 237 
LYS NZ  HZ1  sing N N 238 
LYS NZ  HZ2  sing N N 239 
LYS NZ  HZ3  sing N N 240 
LYS OXT HXT  sing N N 241 
MAN C1  C2   sing N N 242 
MAN C1  O1   sing N N 243 
MAN C1  O5   sing N N 244 
MAN C1  H1   sing N N 245 
MAN C2  C3   sing N N 246 
MAN C2  O2   sing N N 247 
MAN C2  H2   sing N N 248 
MAN C3  C4   sing N N 249 
MAN C3  O3   sing N N 250 
MAN C3  H3   sing N N 251 
MAN C4  C5   sing N N 252 
MAN C4  O4   sing N N 253 
MAN C4  H4   sing N N 254 
MAN C5  C6   sing N N 255 
MAN C5  O5   sing N N 256 
MAN C5  H5   sing N N 257 
MAN C6  O6   sing N N 258 
MAN C6  H61  sing N N 259 
MAN C6  H62  sing N N 260 
MAN O1  HO1  sing N N 261 
MAN O2  HO2  sing N N 262 
MAN O3  HO3  sing N N 263 
MAN O4  HO4  sing N N 264 
MAN O6  HO6  sing N N 265 
MET N   CA   sing N N 266 
MET N   H    sing N N 267 
MET N   H2   sing N N 268 
MET CA  C    sing N N 269 
MET CA  CB   sing N N 270 
MET CA  HA   sing N N 271 
MET C   O    doub N N 272 
MET C   OXT  sing N N 273 
MET CB  CG   sing N N 274 
MET CB  HB2  sing N N 275 
MET CB  HB3  sing N N 276 
MET CG  SD   sing N N 277 
MET CG  HG2  sing N N 278 
MET CG  HG3  sing N N 279 
MET SD  CE   sing N N 280 
MET CE  HE1  sing N N 281 
MET CE  HE2  sing N N 282 
MET CE  HE3  sing N N 283 
MET OXT HXT  sing N N 284 
NAG C1  C2   sing N N 285 
NAG C1  O1   sing N N 286 
NAG C1  O5   sing N N 287 
NAG C1  H1   sing N N 288 
NAG C2  C3   sing N N 289 
NAG C2  N2   sing N N 290 
NAG C2  H2   sing N N 291 
NAG C3  C4   sing N N 292 
NAG C3  O3   sing N N 293 
NAG C3  H3   sing N N 294 
NAG C4  C5   sing N N 295 
NAG C4  O4   sing N N 296 
NAG C4  H4   sing N N 297 
NAG C5  C6   sing N N 298 
NAG C5  O5   sing N N 299 
NAG C5  H5   sing N N 300 
NAG C6  O6   sing N N 301 
NAG C6  H61  sing N N 302 
NAG C6  H62  sing N N 303 
NAG C7  C8   sing N N 304 
NAG C7  N2   sing N N 305 
NAG C7  O7   doub N N 306 
NAG C8  H81  sing N N 307 
NAG C8  H82  sing N N 308 
NAG C8  H83  sing N N 309 
NAG N2  HN2  sing N N 310 
NAG O1  HO1  sing N N 311 
NAG O3  HO3  sing N N 312 
NAG O4  HO4  sing N N 313 
NAG O6  HO6  sing N N 314 
PHE N   CA   sing N N 315 
PHE N   H    sing N N 316 
PHE N   H2   sing N N 317 
PHE CA  C    sing N N 318 
PHE CA  CB   sing N N 319 
PHE CA  HA   sing N N 320 
PHE C   O    doub N N 321 
PHE C   OXT  sing N N 322 
PHE CB  CG   sing N N 323 
PHE CB  HB2  sing N N 324 
PHE CB  HB3  sing N N 325 
PHE CG  CD1  doub Y N 326 
PHE CG  CD2  sing Y N 327 
PHE CD1 CE1  sing Y N 328 
PHE CD1 HD1  sing N N 329 
PHE CD2 CE2  doub Y N 330 
PHE CD2 HD2  sing N N 331 
PHE CE1 CZ   doub Y N 332 
PHE CE1 HE1  sing N N 333 
PHE CE2 CZ   sing Y N 334 
PHE CE2 HE2  sing N N 335 
PHE CZ  HZ   sing N N 336 
PHE OXT HXT  sing N N 337 
PRO N   CA   sing N N 338 
PRO N   CD   sing N N 339 
PRO N   H    sing N N 340 
PRO CA  C    sing N N 341 
PRO CA  CB   sing N N 342 
PRO CA  HA   sing N N 343 
PRO C   O    doub N N 344 
PRO C   OXT  sing N N 345 
PRO CB  CG   sing N N 346 
PRO CB  HB2  sing N N 347 
PRO CB  HB3  sing N N 348 
PRO CG  CD   sing N N 349 
PRO CG  HG2  sing N N 350 
PRO CG  HG3  sing N N 351 
PRO CD  HD2  sing N N 352 
PRO CD  HD3  sing N N 353 
PRO OXT HXT  sing N N 354 
SER N   CA   sing N N 355 
SER N   H    sing N N 356 
SER N   H2   sing N N 357 
SER CA  C    sing N N 358 
SER CA  CB   sing N N 359 
SER CA  HA   sing N N 360 
SER C   O    doub N N 361 
SER C   OXT  sing N N 362 
SER CB  OG   sing N N 363 
SER CB  HB2  sing N N 364 
SER CB  HB3  sing N N 365 
SER OG  HG   sing N N 366 
SER OXT HXT  sing N N 367 
SO4 S   O1   doub N N 368 
SO4 S   O2   doub N N 369 
SO4 S   O3   sing N N 370 
SO4 S   O4   sing N N 371 
THR N   CA   sing N N 372 
THR N   H    sing N N 373 
THR N   H2   sing N N 374 
THR CA  C    sing N N 375 
THR CA  CB   sing N N 376 
THR CA  HA   sing N N 377 
THR C   O    doub N N 378 
THR C   OXT  sing N N 379 
THR CB  OG1  sing N N 380 
THR CB  CG2  sing N N 381 
THR CB  HB   sing N N 382 
THR OG1 HG1  sing N N 383 
THR CG2 HG21 sing N N 384 
THR CG2 HG22 sing N N 385 
THR CG2 HG23 sing N N 386 
THR OXT HXT  sing N N 387 
TRP N   CA   sing N N 388 
TRP N   H    sing N N 389 
TRP N   H2   sing N N 390 
TRP CA  C    sing N N 391 
TRP CA  CB   sing N N 392 
TRP CA  HA   sing N N 393 
TRP C   O    doub N N 394 
TRP C   OXT  sing N N 395 
TRP CB  CG   sing N N 396 
TRP CB  HB2  sing N N 397 
TRP CB  HB3  sing N N 398 
TRP CG  CD1  doub Y N 399 
TRP CG  CD2  sing Y N 400 
TRP CD1 NE1  sing Y N 401 
TRP CD1 HD1  sing N N 402 
TRP CD2 CE2  doub Y N 403 
TRP CD2 CE3  sing Y N 404 
TRP NE1 CE2  sing Y N 405 
TRP NE1 HE1  sing N N 406 
TRP CE2 CZ2  sing Y N 407 
TRP CE3 CZ3  doub Y N 408 
TRP CE3 HE3  sing N N 409 
TRP CZ2 CH2  doub Y N 410 
TRP CZ2 HZ2  sing N N 411 
TRP CZ3 CH2  sing Y N 412 
TRP CZ3 HZ3  sing N N 413 
TRP CH2 HH2  sing N N 414 
TRP OXT HXT  sing N N 415 
TYR N   CA   sing N N 416 
TYR N   H    sing N N 417 
TYR N   H2   sing N N 418 
TYR CA  C    sing N N 419 
TYR CA  CB   sing N N 420 
TYR CA  HA   sing N N 421 
TYR C   O    doub N N 422 
TYR C   OXT  sing N N 423 
TYR CB  CG   sing N N 424 
TYR CB  HB2  sing N N 425 
TYR CB  HB3  sing N N 426 
TYR CG  CD1  doub Y N 427 
TYR CG  CD2  sing Y N 428 
TYR CD1 CE1  sing Y N 429 
TYR CD1 HD1  sing N N 430 
TYR CD2 CE2  doub Y N 431 
TYR CD2 HD2  sing N N 432 
TYR CE1 CZ   doub Y N 433 
TYR CE1 HE1  sing N N 434 
TYR CE2 CZ   sing Y N 435 
TYR CE2 HE2  sing N N 436 
TYR CZ  OH   sing N N 437 
TYR OH  HH   sing N N 438 
TYR OXT HXT  sing N N 439 
VAL N   CA   sing N N 440 
VAL N   H    sing N N 441 
VAL N   H2   sing N N 442 
VAL CA  C    sing N N 443 
VAL CA  CB   sing N N 444 
VAL CA  HA   sing N N 445 
VAL C   O    doub N N 446 
VAL C   OXT  sing N N 447 
VAL CB  CG1  sing N N 448 
VAL CB  CG2  sing N N 449 
VAL CB  HB   sing N N 450 
VAL CG1 HG11 sing N N 451 
VAL CG1 HG12 sing N N 452 
VAL CG1 HG13 sing N N 453 
VAL CG2 HG21 sing N N 454 
VAL CG2 HG22 sing N N 455 
VAL CG2 HG23 sing N N 456 
VAL OXT HXT  sing N N 457 
# 
loop_
_pdbx_entity_branch_list.entity_id 
_pdbx_entity_branch_list.comp_id 
_pdbx_entity_branch_list.num 
_pdbx_entity_branch_list.hetero 
2 NAG 1 n 
2 NAG 2 n 
2 BMA 3 n 
2 MAN 4 n 
# 
_pdbx_initial_refinement_model.id               1 
_pdbx_initial_refinement_model.entity_id_list   ? 
_pdbx_initial_refinement_model.type             'experimental model' 
_pdbx_initial_refinement_model.source_name      PDB 
_pdbx_initial_refinement_model.accession_code   3BIS 
_pdbx_initial_refinement_model.details          'PDB ENTRY 3BIS' 
# 
_atom_sites.entry_id                    4I0K 
_atom_sites.fract_transf_matrix[1][1]   0.00118971 
_atom_sites.fract_transf_matrix[1][2]   0.00988862 
_atom_sites.fract_transf_matrix[1][3]   0.00563186 
_atom_sites.fract_transf_matrix[2][1]   -0.00443735 
_atom_sites.fract_transf_matrix[2][2]   0.00118504 
_atom_sites.fract_transf_matrix[2][3]   0.01047974 
_atom_sites.fract_transf_matrix[3][1]   0.00454428 
_atom_sites.fract_transf_matrix[3][2]   -0.00175566 
_atom_sites.fract_transf_matrix[3][3]   0.00212268 
_atom_sites.fract_transf_vector[1]      0.116748 
_atom_sites.fract_transf_vector[2]      0.429372 
_atom_sites.fract_transf_vector[3]      -0.262354 
# 
loop_
_atom_type.symbol 
C 
N 
O 
S 
# 
loop_
_atom_site.group_PDB 
_atom_site.id 
_atom_site.type_symbol 
_atom_site.label_atom_id 
_atom_site.label_alt_id 
_atom_site.label_comp_id 
_atom_site.label_asym_id 
_atom_site.label_entity_id 
_atom_site.label_seq_id 
_atom_site.pdbx_PDB_ins_code 
_atom_site.Cartn_x 
_atom_site.Cartn_y 
_atom_site.Cartn_z 
_atom_site.occupancy 
_atom_site.B_iso_or_equiv 
_atom_site.pdbx_formal_charge 
_atom_site.auth_seq_id 
_atom_site.auth_comp_id 
_atom_site.auth_asym_id 
_atom_site.auth_atom_id 
_atom_site.pdbx_PDB_model_num 
ATOM   1    N N   . GLU A 1 2   ? 38.653  -24.767 -3.681  1.00 137.54 ? 35  GLU A N   1 
ATOM   2    C CA  . GLU A 1 2   ? 39.132  -25.100 -2.301  1.00 140.32 ? 35  GLU A CA  1 
ATOM   3    C C   . GLU A 1 2   ? 39.833  -26.462 -2.222  1.00 141.11 ? 35  GLU A C   1 
ATOM   4    O O   . GLU A 1 2   ? 39.318  -27.467 -2.721  1.00 149.55 ? 35  GLU A O   1 
ATOM   5    C CB  . GLU A 1 2   ? 37.964  -25.082 -1.296  1.00 138.11 ? 35  GLU A CB  1 
ATOM   6    C CG  . GLU A 1 2   ? 37.591  -23.699 -0.772  1.00 130.16 ? 35  GLU A CG  1 
ATOM   7    C CD  . GLU A 1 2   ? 38.545  -23.179 0.304   1.00 128.24 ? 35  GLU A CD  1 
ATOM   8    O OE1 . GLU A 1 2   ? 38.978  -22.009 0.191   1.00 111.79 ? 35  GLU A OE1 1 
ATOM   9    O OE2 . GLU A 1 2   ? 38.866  -23.927 1.265   1.00 121.70 ? 35  GLU A OE2 1 
ATOM   10   N N   . ASP A 1 3   ? 41.008  -26.484 -1.592  1.00 136.21 ? 36  ASP A N   1 
ATOM   11   C CA  . ASP A 1 3   ? 41.589  -27.732 -1.098  1.00 120.53 ? 36  ASP A CA  1 
ATOM   12   C C   . ASP A 1 3   ? 40.975  -27.984 0.283   1.00 102.64 ? 36  ASP A C   1 
ATOM   13   O O   . ASP A 1 3   ? 40.339  -27.088 0.860   1.00 101.55 ? 36  ASP A O   1 
ATOM   14   C CB  . ASP A 1 3   ? 43.118  -27.642 -1.019  1.00 113.54 ? 36  ASP A CB  1 
ATOM   15   N N   . PRO A 1 4   ? 41.129  -29.206 0.809   1.00 89.14  ? 37  PRO A N   1 
ATOM   16   C CA  . PRO A 1 4   ? 40.664  -29.489 2.177   1.00 85.28  ? 37  PRO A CA  1 
ATOM   17   C C   . PRO A 1 4   ? 41.493  -28.788 3.254   1.00 71.01  ? 37  PRO A C   1 
ATOM   18   O O   . PRO A 1 4   ? 42.642  -28.370 3.031   1.00 65.07  ? 37  PRO A O   1 
ATOM   19   C CB  . PRO A 1 4   ? 40.815  -31.012 2.302   1.00 80.70  ? 37  PRO A CB  1 
ATOM   20   C CG  . PRO A 1 4   ? 41.927  -31.318 1.368   1.00 86.28  ? 37  PRO A CG  1 
ATOM   21   C CD  . PRO A 1 4   ? 41.714  -30.398 0.186   1.00 90.35  ? 37  PRO A CD  1 
ATOM   22   N N   . VAL A 1 5   ? 40.898  -28.669 4.421   1.00 57.96  ? 38  VAL A N   1 
ATOM   23   C CA  . VAL A 1 5   ? 41.527  -27.928 5.481   1.00 59.97  ? 38  VAL A CA  1 
ATOM   24   C C   . VAL A 1 5   ? 42.027  -28.910 6.527   1.00 56.97  ? 38  VAL A C   1 
ATOM   25   O O   . VAL A 1 5   ? 41.270  -29.735 7.052   1.00 53.47  ? 38  VAL A O   1 
ATOM   26   C CB  . VAL A 1 5   ? 40.550  -26.925 6.112   1.00 60.09  ? 38  VAL A CB  1 
ATOM   27   C CG1 . VAL A 1 5   ? 41.296  -25.946 6.978   1.00 56.65  ? 38  VAL A CG1 1 
ATOM   28   C CG2 . VAL A 1 5   ? 39.795  -26.179 5.028   1.00 66.19  ? 38  VAL A CG2 1 
ATOM   29   N N   . VAL A 1 6   ? 43.308  -28.811 6.830   1.00 51.82  ? 39  VAL A N   1 
ATOM   30   C CA  . VAL A 1 6   ? 43.902  -29.724 7.765   1.00 53.21  ? 39  VAL A CA  1 
ATOM   31   C C   . VAL A 1 6   ? 44.029  -29.049 9.110   1.00 50.78  ? 39  VAL A C   1 
ATOM   32   O O   . VAL A 1 6   ? 44.663  -28.017 9.216   1.00 54.49  ? 39  VAL A O   1 
ATOM   33   C CB  . VAL A 1 6   ? 45.270  -30.209 7.267   1.00 53.14  ? 39  VAL A CB  1 
ATOM   34   C CG1 . VAL A 1 6   ? 45.966  -31.047 8.324   1.00 55.46  ? 39  VAL A CG1 1 
ATOM   35   C CG2 . VAL A 1 6   ? 45.075  -31.038 6.014   1.00 52.40  ? 39  VAL A CG2 1 
ATOM   36   N N   . ALA A 1 7   ? 43.433  -29.642 10.135  1.00 49.41  ? 40  ALA A N   1 
ATOM   37   C CA  . ALA A 1 7   ? 43.471  -29.059 11.465  1.00 50.68  ? 40  ALA A CA  1 
ATOM   38   C C   . ALA A 1 7   ? 43.973  -30.050 12.474  1.00 49.36  ? 40  ALA A C   1 
ATOM   39   O O   . ALA A 1 7   ? 43.445  -31.151 12.545  1.00 55.37  ? 40  ALA A O   1 
ATOM   40   C CB  . ALA A 1 7   ? 42.081  -28.620 11.860  1.00 52.15  ? 40  ALA A CB  1 
ATOM   41   N N   . LEU A 1 8   ? 44.963  -29.669 13.271  1.00 47.90  ? 41  LEU A N   1 
ATOM   42   C CA  . LEU A 1 8   ? 45.350  -30.514 14.395  1.00 47.76  ? 41  LEU A CA  1 
ATOM   43   C C   . LEU A 1 8   ? 44.228  -30.600 15.402  1.00 48.58  ? 41  LEU A C   1 
ATOM   44   O O   . LEU A 1 8   ? 43.544  -29.623 15.697  1.00 49.19  ? 41  LEU A O   1 
ATOM   45   C CB  . LEU A 1 8   ? 46.604  -30.000 15.086  1.00 48.47  ? 41  LEU A CB  1 
ATOM   46   C CG  . LEU A 1 8   ? 47.840  -30.170 14.190  1.00 52.14  ? 41  LEU A CG  1 
ATOM   47   C CD1 . LEU A 1 8   ? 48.973  -29.264 14.619  1.00 52.16  ? 41  LEU A CD1 1 
ATOM   48   C CD2 . LEU A 1 8   ? 48.312  -31.612 14.145  1.00 54.69  ? 41  LEU A CD2 1 
ATOM   49   N N   . VAL A 1 9   ? 44.034  -31.795 15.923  1.00 50.79  ? 42  VAL A N   1 
ATOM   50   C CA  . VAL A 1 9   ? 43.082  -32.004 16.994  1.00 49.80  ? 42  VAL A CA  1 
ATOM   51   C C   . VAL A 1 9   ? 43.380  -31.037 18.108  1.00 48.06  ? 42  VAL A C   1 
ATOM   52   O O   . VAL A 1 9   ? 44.532  -30.778 18.405  1.00 47.06  ? 42  VAL A O   1 
ATOM   53   C CB  . VAL A 1 9   ? 43.182  -33.434 17.537  1.00 49.14  ? 42  VAL A CB  1 
ATOM   54   C CG1 . VAL A 1 9   ? 42.430  -33.576 18.834  1.00 46.69  ? 42  VAL A CG1 1 
ATOM   55   C CG2 . VAL A 1 9   ? 42.619  -34.416 16.529  1.00 49.86  ? 42  VAL A CG2 1 
ATOM   56   N N   . ASP A 1 10  ? 42.323  -30.500 18.700  1.00 53.87  ? 43  ASP A N   1 
ATOM   57   C CA  . ASP A 1 10  ? 42.425  -29.497 19.750  1.00 58.43  ? 43  ASP A CA  1 
ATOM   58   C C   . ASP A 1 10  ? 42.817  -28.091 19.315  1.00 52.97  ? 43  ASP A C   1 
ATOM   59   O O   . ASP A 1 10  ? 43.005  -27.247 20.139  1.00 56.80  ? 43  ASP A O   1 
ATOM   60   C CB  . ASP A 1 10  ? 43.383  -29.966 20.847  1.00 62.93  ? 43  ASP A CB  1 
ATOM   61   C CG  . ASP A 1 10  ? 42.674  -30.691 21.955  1.00 75.50  ? 43  ASP A CG  1 
ATOM   62   O OD1 . ASP A 1 10  ? 41.444  -30.489 22.149  1.00 84.20  ? 43  ASP A OD1 1 
ATOM   63   O OD2 . ASP A 1 10  ? 43.365  -31.466 22.648  1.00 87.79  ? 43  ASP A OD2 1 
ATOM   64   N N   . THR A 1 11  ? 42.951  -27.825 18.032  1.00 52.81  ? 44  THR A N   1 
ATOM   65   C CA  . THR A 1 11  ? 43.179  -26.463 17.592  1.00 49.43  ? 44  THR A CA  1 
ATOM   66   C C   . THR A 1 11  ? 41.940  -25.913 16.912  1.00 48.09  ? 44  THR A C   1 
ATOM   67   O O   . THR A 1 11  ? 40.922  -26.588 16.793  1.00 49.35  ? 44  THR A O   1 
ATOM   68   C CB  . THR A 1 11  ? 44.374  -26.366 16.648  1.00 47.86  ? 44  THR A CB  1 
ATOM   69   O OG1 . THR A 1 11  ? 44.018  -26.874 15.360  1.00 49.35  ? 44  THR A OG1 1 
ATOM   70   C CG2 . THR A 1 11  ? 45.504  -27.150 17.205  1.00 48.08  ? 44  THR A CG2 1 
ATOM   71   N N   . ASP A 1 12  ? 42.033  -24.657 16.514  1.00 51.96  ? 45  ASP A N   1 
ATOM   72   C CA  . ASP A 1 12  ? 40.928  -23.958 15.902  1.00 53.05  ? 45  ASP A CA  1 
ATOM   73   C C   . ASP A 1 12  ? 41.243  -23.854 14.432  1.00 52.70  ? 45  ASP A C   1 
ATOM   74   O O   . ASP A 1 12  ? 42.411  -23.757 14.009  1.00 52.03  ? 45  ASP A O   1 
ATOM   75   C CB  . ASP A 1 12  ? 40.749  -22.567 16.504  1.00 55.76  ? 45  ASP A CB  1 
ATOM   76   C CG  . ASP A 1 12  ? 40.496  -22.601 18.006  1.00 61.26  ? 45  ASP A CG  1 
ATOM   77   O OD1 . ASP A 1 12  ? 40.172  -23.673 18.549  1.00 67.61  ? 45  ASP A OD1 1 
ATOM   78   O OD2 . ASP A 1 12  ? 40.622  -21.544 18.651  1.00 65.37  ? 45  ASP A OD2 1 
ATOM   79   N N   . ALA A 1 13  ? 40.178  -23.892 13.658  1.00 51.48  ? 46  ALA A N   1 
ATOM   80   C CA  . ALA A 1 13  ? 40.278  -23.877 12.229  1.00 53.43  ? 46  ALA A CA  1 
ATOM   81   C C   . ALA A 1 13  ? 39.236  -22.953 11.637  1.00 51.41  ? 46  ALA A C   1 
ATOM   82   O O   . ALA A 1 13  ? 38.206  -22.648 12.265  1.00 44.56  ? 46  ALA A O   1 
ATOM   83   C CB  . ALA A 1 13  ? 40.068  -25.286 11.703  1.00 57.85  ? 46  ALA A CB  1 
ATOM   84   N N   . THR A 1 14  ? 39.501  -22.558 10.400  1.00 50.35  ? 47  THR A N   1 
ATOM   85   C CA  . THR A 1 14  ? 38.654  -21.630 9.680   1.00 49.04  ? 47  THR A CA  1 
ATOM   86   C C   . THR A 1 14  ? 38.200  -22.266 8.369   1.00 46.86  ? 47  THR A C   1 
ATOM   87   O O   . THR A 1 14  ? 39.012  -22.609 7.536   1.00 45.26  ? 47  THR A O   1 
ATOM   88   C CB  . THR A 1 14  ? 39.413  -20.316 9.376   1.00 50.69  ? 47  THR A CB  1 
ATOM   89   O OG1 . THR A 1 14  ? 39.711  -19.642 10.598  1.00 52.75  ? 47  THR A OG1 1 
ATOM   90   C CG2 . THR A 1 14  ? 38.576  -19.385 8.541   1.00 56.58  ? 47  THR A CG2 1 
ATOM   91   N N   . LEU A 1 15  ? 36.892  -22.387 8.193   1.00 49.81  ? 48  LEU A N   1 
ATOM   92   C CA  . LEU A 1 15  ? 36.281  -22.828 6.935   1.00 52.02  ? 48  LEU A CA  1 
ATOM   93   C C   . LEU A 1 15  ? 35.897  -21.646 6.062   1.00 49.94  ? 48  LEU A C   1 
ATOM   94   O O   . LEU A 1 15  ? 35.031  -20.889 6.430   1.00 52.06  ? 48  LEU A O   1 
ATOM   95   C CB  . LEU A 1 15  ? 35.013  -23.609 7.260   1.00 52.14  ? 48  LEU A CB  1 
ATOM   96   C CG  . LEU A 1 15  ? 35.276  -24.737 8.245   1.00 53.86  ? 48  LEU A CG  1 
ATOM   97   C CD1 . LEU A 1 15  ? 34.028  -25.556 8.482   1.00 57.58  ? 48  LEU A CD1 1 
ATOM   98   C CD2 . LEU A 1 15  ? 36.395  -25.619 7.717   1.00 56.10  ? 48  LEU A CD2 1 
ATOM   99   N N   . ARG A 1 16  ? 36.513  -21.506 4.900   1.00 53.48  ? 49  ARG A N   1 
ATOM   100  C CA  . ARG A 1 16  ? 36.281  -20.329 4.074   1.00 59.73  ? 49  ARG A CA  1 
ATOM   101  C C   . ARG A 1 16  ? 34.969  -20.331 3.370   1.00 57.70  ? 49  ARG A C   1 
ATOM   102  O O   . ARG A 1 16  ? 34.489  -21.357 2.922   1.00 56.86  ? 49  ARG A O   1 
ATOM   103  C CB  . ARG A 1 16  ? 37.365  -20.154 3.042   1.00 68.38  ? 49  ARG A CB  1 
ATOM   104  C CG  . ARG A 1 16  ? 38.721  -20.120 3.708   1.00 84.37  ? 49  ARG A CG  1 
ATOM   105  C CD  . ARG A 1 16  ? 39.706  -19.180 3.042   1.00 94.48  ? 49  ARG A CD  1 
ATOM   106  N NE  . ARG A 1 16  ? 40.761  -18.855 3.996   1.00 104.00 ? 49  ARG A NE  1 
ATOM   107  C CZ  . ARG A 1 16  ? 41.847  -18.148 3.709   1.00 115.82 ? 49  ARG A CZ  1 
ATOM   108  N NH1 . ARG A 1 16  ? 42.047  -17.680 2.479   1.00 117.83 ? 49  ARG A NH1 1 
ATOM   109  N NH2 . ARG A 1 16  ? 42.741  -17.910 4.666   1.00 114.63 ? 49  ARG A NH2 1 
ATOM   110  N N   . CYS A 1 17  ? 34.404  -19.141 3.285   1.00 60.55  ? 50  CYS A N   1 
ATOM   111  C CA  . CYS A 1 17  ? 33.266  -18.872 2.433   1.00 66.30  ? 50  CYS A CA  1 
ATOM   112  C C   . CYS A 1 17  ? 33.324  -17.405 2.075   1.00 65.17  ? 50  CYS A C   1 
ATOM   113  O O   . CYS A 1 17  ? 33.933  -16.614 2.775   1.00 62.70  ? 50  CYS A O   1 
ATOM   114  C CB  . CYS A 1 17  ? 31.972  -19.196 3.146   1.00 67.70  ? 50  CYS A CB  1 
ATOM   115  S SG  . CYS A 1 17  ? 30.554  -19.305 2.049   1.00 66.55  ? 50  CYS A SG  1 
ATOM   116  N N   . SER A 1 18  ? 32.685  -17.054 0.974   1.00 68.90  ? 51  SER A N   1 
ATOM   117  C CA  . SER A 1 18  ? 32.910  -15.776 0.345   1.00 63.07  ? 51  SER A CA  1 
ATOM   118  C C   . SER A 1 18  ? 31.698  -15.329 -0.424  1.00 65.49  ? 51  SER A C   1 
ATOM   119  O O   . SER A 1 18  ? 30.960  -16.144 -0.960  1.00 71.20  ? 51  SER A O   1 
ATOM   120  C CB  . SER A 1 18  ? 34.058  -15.909 -0.618  1.00 63.42  ? 51  SER A CB  1 
ATOM   121  O OG  . SER A 1 18  ? 34.941  -14.836 -0.429  1.00 70.57  ? 51  SER A OG  1 
ATOM   122  N N   . PHE A 1 19  ? 31.456  -14.028 -0.440  1.00 72.15  ? 52  PHE A N   1 
ATOM   123  C CA  . PHE A 1 19  ? 30.588  -13.456 -1.454  1.00 67.07  ? 52  PHE A CA  1 
ATOM   124  C C   . PHE A 1 19  ? 31.092  -12.108 -1.881  1.00 69.13  ? 52  PHE A C   1 
ATOM   125  O O   . PHE A 1 19  ? 32.061  -11.584 -1.315  1.00 68.43  ? 52  PHE A O   1 
ATOM   126  C CB  . PHE A 1 19  ? 29.123  -13.452 -1.046  1.00 63.96  ? 52  PHE A CB  1 
ATOM   127  C CG  . PHE A 1 19  ? 28.809  -12.666 0.179   1.00 72.58  ? 52  PHE A CG  1 
ATOM   128  C CD1 . PHE A 1 19  ? 28.531  -11.304 0.098   1.00 80.09  ? 52  PHE A CD1 1 
ATOM   129  C CD2 . PHE A 1 19  ? 28.703  -13.292 1.415   1.00 77.44  ? 52  PHE A CD2 1 
ATOM   130  C CE1 . PHE A 1 19  ? 28.190  -10.582 1.235   1.00 75.34  ? 52  PHE A CE1 1 
ATOM   131  C CE2 . PHE A 1 19  ? 28.372  -12.575 2.553   1.00 74.96  ? 52  PHE A CE2 1 
ATOM   132  C CZ  . PHE A 1 19  ? 28.111  -11.219 2.463   1.00 74.07  ? 52  PHE A CZ  1 
ATOM   133  N N   . SER A 1 20  ? 30.478  -11.595 -2.938  1.00 80.73  ? 53  SER A N   1 
ATOM   134  C CA  . SER A 1 20  ? 30.793  -10.269 -3.462  1.00 85.92  ? 53  SER A CA  1 
ATOM   135  C C   . SER A 1 20  ? 29.561  -9.412  -3.278  1.00 83.52  ? 53  SER A C   1 
ATOM   136  O O   . SER A 1 20  ? 28.547  -9.627  -3.932  1.00 76.90  ? 53  SER A O   1 
ATOM   137  C CB  . SER A 1 20  ? 31.195  -10.355 -4.926  1.00 81.43  ? 53  SER A CB  1 
ATOM   138  O OG  . SER A 1 20  ? 32.085  -11.441 -5.100  1.00 82.43  ? 53  SER A OG  1 
ATOM   139  N N   . PRO A 1 21  ? 29.624  -8.465  -2.343  1.00 86.55  ? 54  PRO A N   1 
ATOM   140  C CA  . PRO A 1 21  ? 28.426  -7.662  -2.115  1.00 90.10  ? 54  PRO A CA  1 
ATOM   141  C C   . PRO A 1 21  ? 28.299  -6.448  -3.056  1.00 89.53  ? 54  PRO A C   1 
ATOM   142  O O   . PRO A 1 21  ? 29.310  -5.839  -3.459  1.00 73.33  ? 54  PRO A O   1 
ATOM   143  C CB  . PRO A 1 21  ? 28.561  -7.227  -0.646  1.00 87.21  ? 54  PRO A CB  1 
ATOM   144  C CG  . PRO A 1 21  ? 29.983  -7.505  -0.252  1.00 87.03  ? 54  PRO A CG  1 
ATOM   145  C CD  . PRO A 1 21  ? 30.703  -8.160  -1.390  1.00 83.15  ? 54  PRO A CD  1 
ATOM   146  N N   . GLU A 1 22  ? 27.052  -6.111  -3.387  1.00 95.09  ? 55  GLU A N   1 
ATOM   147  C CA  . GLU A 1 22  ? 26.754  -4.890  -4.136  1.00 110.24 ? 55  GLU A CA  1 
ATOM   148  C C   . GLU A 1 22  ? 27.011  -3.657  -3.264  1.00 113.16 ? 55  GLU A C   1 
ATOM   149  O O   . GLU A 1 22  ? 26.938  -3.753  -2.032  1.00 109.62 ? 55  GLU A O   1 
ATOM   150  C CB  . GLU A 1 22  ? 25.292  -4.888  -4.624  1.00 112.49 ? 55  GLU A CB  1 
ATOM   151  C CG  . GLU A 1 22  ? 24.950  -5.971  -5.647  1.00 111.36 ? 55  GLU A CG  1 
ATOM   152  C CD  . GLU A 1 22  ? 25.958  -6.070  -6.792  1.00 112.41 ? 55  GLU A CD  1 
ATOM   153  O OE1 . GLU A 1 22  ? 26.671  -5.078  -7.085  1.00 114.56 ? 55  GLU A OE1 1 
ATOM   154  O OE2 . GLU A 1 22  ? 26.046  -7.156  -7.401  1.00 103.44 ? 55  GLU A OE2 1 
ATOM   155  N N   . PRO A 1 23  ? 27.335  -2.504  -3.891  1.00 108.31 ? 56  PRO A N   1 
ATOM   156  C CA  . PRO A 1 23  ? 27.455  -1.259  -3.119  1.00 102.42 ? 56  PRO A CA  1 
ATOM   157  C C   . PRO A 1 23  ? 26.253  -0.968  -2.187  1.00 97.18  ? 56  PRO A C   1 
ATOM   158  O O   . PRO A 1 23  ? 26.454  -0.519  -1.052  1.00 84.51  ? 56  PRO A O   1 
ATOM   159  C CB  . PRO A 1 23  ? 27.621  -0.204  -4.210  1.00 102.34 ? 56  PRO A CB  1 
ATOM   160  C CG  . PRO A 1 23  ? 28.400  -0.926  -5.264  1.00 100.69 ? 56  PRO A CG  1 
ATOM   161  C CD  . PRO A 1 23  ? 27.860  -2.337  -5.261  1.00 102.25 ? 56  PRO A CD  1 
ATOM   162  N N   . GLY A 1 24  ? 25.027  -1.279  -2.609  1.00 91.49  ? 57  GLY A N   1 
ATOM   163  C CA  . GLY A 1 24  ? 23.883  -1.144  -1.695  1.00 90.67  ? 57  GLY A CA  1 
ATOM   164  C C   . GLY A 1 24  ? 24.056  -1.807  -0.322  1.00 87.61  ? 57  GLY A C   1 
ATOM   165  O O   . GLY A 1 24  ? 23.510  -1.336  0.677   1.00 83.09  ? 57  GLY A O   1 
ATOM   166  N N   . PHE A 1 25  ? 24.880  -2.858  -0.273  1.00 81.97  ? 58  PHE A N   1 
ATOM   167  C CA  . PHE A 1 25  ? 24.651  -4.001  0.606   1.00 67.40  ? 58  PHE A CA  1 
ATOM   168  C C   . PHE A 1 25  ? 24.572  -3.680  2.101   1.00 63.62  ? 58  PHE A C   1 
ATOM   169  O O   . PHE A 1 25  ? 25.290  -2.822  2.605   1.00 59.28  ? 58  PHE A O   1 
ATOM   170  C CB  . PHE A 1 25  ? 25.673  -5.122  0.323   1.00 67.71  ? 58  PHE A CB  1 
ATOM   171  C CG  . PHE A 1 25  ? 25.533  -6.311  1.244   1.00 72.39  ? 58  PHE A CG  1 
ATOM   172  C CD1 . PHE A 1 25  ? 24.390  -7.111  1.214   1.00 72.66  ? 58  PHE A CD1 1 
ATOM   173  C CD2 . PHE A 1 25  ? 26.516  -6.599  2.185   1.00 77.84  ? 58  PHE A CD2 1 
ATOM   174  C CE1 . PHE A 1 25  ? 24.236  -8.187  2.094   1.00 73.70  ? 58  PHE A CE1 1 
ATOM   175  C CE2 . PHE A 1 25  ? 26.363  -7.666  3.068   1.00 80.71  ? 58  PHE A CE2 1 
ATOM   176  C CZ  . PHE A 1 25  ? 25.223  -8.465  3.020   1.00 74.86  ? 58  PHE A CZ  1 
ATOM   177  N N   . SER A 1 26  ? 23.702  -4.421  2.784   1.00 57.78  ? 59  SER A N   1 
ATOM   178  C CA  . SER A 1 26  ? 23.505  -4.338  4.201   1.00 58.12  ? 59  SER A CA  1 
ATOM   179  C C   . SER A 1 26  ? 23.115  -5.726  4.793   1.00 63.04  ? 59  SER A C   1 
ATOM   180  O O   . SER A 1 26  ? 22.334  -6.489  4.223   1.00 60.59  ? 59  SER A O   1 
ATOM   181  C CB  . SER A 1 26  ? 22.377  -3.342  4.494   1.00 60.45  ? 59  SER A CB  1 
ATOM   182  O OG  . SER A 1 26  ? 21.179  -4.005  4.936   1.00 61.23  ? 59  SER A OG  1 
ATOM   183  N N   . LEU A 1 27  ? 23.573  -6.003  6.000   1.00 62.28  ? 60  LEU A N   1 
ATOM   184  C CA  . LEU A 1 27  ? 23.333  -7.287  6.607   1.00 60.62  ? 60  LEU A CA  1 
ATOM   185  C C   . LEU A 1 27  ? 21.864  -7.688  6.786   1.00 66.33  ? 60  LEU A C   1 
ATOM   186  O O   . LEU A 1 27  ? 21.578  -8.861  7.081   1.00 70.45  ? 60  LEU A O   1 
ATOM   187  C CB  . LEU A 1 27  ? 24.051  -7.381  7.957   1.00 64.16  ? 60  LEU A CB  1 
ATOM   188  C CG  . LEU A 1 27  ? 25.540  -6.985  8.067   1.00 67.53  ? 60  LEU A CG  1 
ATOM   189  C CD1 . LEU A 1 27  ? 25.924  -7.030  9.545   1.00 66.37  ? 60  LEU A CD1 1 
ATOM   190  C CD2 . LEU A 1 27  ? 26.502  -7.817  7.211   1.00 63.56  ? 60  LEU A CD2 1 
ATOM   191  N N   . ALA A 1 28  ? 20.912  -6.774  6.632   1.00 71.78  ? 61  ALA A N   1 
ATOM   192  C CA  . ALA A 1 28  ? 19.512  -7.209  6.790   1.00 80.30  ? 61  ALA A CA  1 
ATOM   193  C C   . ALA A 1 28  ? 19.091  -8.008  5.550   1.00 78.68  ? 61  ALA A C   1 
ATOM   194  O O   . ALA A 1 28  ? 18.165  -8.809  5.609   1.00 73.98  ? 61  ALA A O   1 
ATOM   195  C CB  . ALA A 1 28  ? 18.585  -6.040  7.031   1.00 82.01  ? 61  ALA A CB  1 
ATOM   196  N N   . GLN A 1 29  ? 19.816  -7.789  4.452   1.00 72.11  ? 62  GLN A N   1 
ATOM   197  C CA  . GLN A 1 29  ? 19.637  -8.528  3.212   1.00 74.87  ? 62  GLN A CA  1 
ATOM   198  C C   . GLN A 1 29  ? 20.098  -9.981  3.378   1.00 80.31  ? 62  GLN A C   1 
ATOM   199  O O   . GLN A 1 29  ? 19.372  -10.924 3.048   1.00 73.55  ? 62  GLN A O   1 
ATOM   200  C CB  . GLN A 1 29  ? 20.441  -7.865  2.061   1.00 74.59  ? 62  GLN A CB  1 
ATOM   201  C CG  . GLN A 1 29  ? 20.013  -6.440  1.684   1.00 70.36  ? 62  GLN A CG  1 
ATOM   202  C CD  . GLN A 1 29  ? 20.838  -5.852  0.541   1.00 74.60  ? 62  GLN A CD  1 
ATOM   203  O OE1 . GLN A 1 29  ? 20.895  -6.413  -0.552  1.00 77.97  ? 62  GLN A OE1 1 
ATOM   204  N NE2 . GLN A 1 29  ? 21.437  -4.690  0.771   1.00 81.09  ? 62  GLN A NE2 1 
ATOM   205  N N   . LEU A 1 30  ? 21.306  -10.142 3.919   1.00 87.97  ? 63  LEU A N   1 
ATOM   206  C CA  . LEU A 1 30  ? 22.013  -11.431 3.931   1.00 78.67  ? 63  LEU A CA  1 
ATOM   207  C C   . LEU A 1 30  ? 21.379  -12.520 4.762   1.00 66.96  ? 63  LEU A C   1 
ATOM   208  O O   . LEU A 1 30  ? 21.023  -12.308 5.894   1.00 68.92  ? 63  LEU A O   1 
ATOM   209  C CB  . LEU A 1 30  ? 23.455  -11.232 4.382   1.00 80.48  ? 63  LEU A CB  1 
ATOM   210  C CG  . LEU A 1 30  ? 24.239  -12.481 4.777   1.00 78.02  ? 63  LEU A CG  1 
ATOM   211  C CD1 . LEU A 1 30  ? 25.603  -12.476 4.116   1.00 74.14  ? 63  LEU A CD1 1 
ATOM   212  C CD2 . LEU A 1 30  ? 24.363  -12.522 6.287   1.00 79.34  ? 63  LEU A CD2 1 
ATOM   213  N N   . ASN A 1 31  ? 21.256  -13.692 4.156   1.00 73.17  ? 64  ASN A N   1 
ATOM   214  C CA  . ASN A 1 31  ? 20.802  -14.914 4.815   1.00 78.02  ? 64  ASN A CA  1 
ATOM   215  C C   . ASN A 1 31  ? 21.872  -15.997 4.607   1.00 72.19  ? 64  ASN A C   1 
ATOM   216  O O   . ASN A 1 31  ? 22.230  -16.281 3.465   1.00 72.24  ? 64  ASN A O   1 
ATOM   217  C CB  . ASN A 1 31  ? 19.462  -15.367 4.222   1.00 79.32  ? 64  ASN A CB  1 
ATOM   218  C CG  . ASN A 1 31  ? 18.801  -16.444 5.054   1.00 79.95  ? 64  ASN A CG  1 
ATOM   219  O OD1 . ASN A 1 31  ? 18.123  -16.153 6.027   1.00 89.58  ? 64  ASN A OD1 1 
ATOM   220  N ND2 . ASN A 1 31  ? 19.021  -17.690 4.694   1.00 77.68  ? 64  ASN A ND2 1 
ATOM   221  N N   . LEU A 1 32  ? 22.384  -16.586 5.692   1.00 68.77  ? 65  LEU A N   1 
ATOM   222  C CA  . LEU A 1 32  ? 23.622  -17.398 5.628   1.00 66.34  ? 65  LEU A CA  1 
ATOM   223  C C   . LEU A 1 32  ? 23.529  -18.655 6.439   1.00 65.87  ? 65  LEU A C   1 
ATOM   224  O O   . LEU A 1 32  ? 23.391  -18.590 7.661   1.00 67.53  ? 65  LEU A O   1 
ATOM   225  C CB  . LEU A 1 32  ? 24.811  -16.618 6.169   1.00 66.59  ? 65  LEU A CB  1 
ATOM   226  C CG  . LEU A 1 32  ? 26.136  -17.376 6.226   1.00 72.27  ? 65  LEU A CG  1 
ATOM   227  C CD1 . LEU A 1 32  ? 26.635  -17.546 4.815   1.00 92.79  ? 65  LEU A CD1 1 
ATOM   228  C CD2 . LEU A 1 32  ? 27.208  -16.652 7.006   1.00 69.18  ? 65  LEU A CD2 1 
ATOM   229  N N   . ILE A 1 33  ? 23.635  -19.803 5.778   1.00 66.77  ? 66  ILE A N   1 
ATOM   230  C CA  . ILE A 1 33  ? 23.612  -21.077 6.501   1.00 68.48  ? 66  ILE A CA  1 
ATOM   231  C C   . ILE A 1 33  ? 24.848  -21.905 6.241   1.00 63.67  ? 66  ILE A C   1 
ATOM   232  O O   . ILE A 1 33  ? 25.219  -22.129 5.090   1.00 66.01  ? 66  ILE A O   1 
ATOM   233  C CB  . ILE A 1 33  ? 22.379  -21.929 6.163   1.00 71.45  ? 66  ILE A CB  1 
ATOM   234  C CG1 . ILE A 1 33  ? 21.151  -21.397 6.902   1.00 73.11  ? 66  ILE A CG1 1 
ATOM   235  C CG2 . ILE A 1 33  ? 22.597  -23.391 6.540   1.00 74.07  ? 66  ILE A CG2 1 
ATOM   236  C CD1 . ILE A 1 33  ? 20.316  -20.485 6.041   1.00 80.26  ? 66  ILE A CD1 1 
ATOM   237  N N   . TRP A 1 34  ? 25.469  -22.340 7.336   1.00 56.58  ? 67  TRP A N   1 
ATOM   238  C CA  . TRP A 1 34  ? 26.482  -23.373 7.314   1.00 53.55  ? 67  TRP A CA  1 
ATOM   239  C C   . TRP A 1 34  ? 25.828  -24.657 7.772   1.00 56.46  ? 67  TRP A C   1 
ATOM   240  O O   . TRP A 1 34  ? 25.170  -24.702 8.829   1.00 54.13  ? 67  TRP A O   1 
ATOM   241  C CB  . TRP A 1 34  ? 27.626  -23.059 8.267   1.00 51.04  ? 67  TRP A CB  1 
ATOM   242  C CG  . TRP A 1 34  ? 28.617  -22.130 7.756   1.00 46.17  ? 67  TRP A CG  1 
ATOM   243  C CD1 . TRP A 1 34  ? 28.692  -20.823 8.025   1.00 49.25  ? 67  TRP A CD1 1 
ATOM   244  C CD2 . TRP A 1 34  ? 29.718  -22.437 6.900   1.00 44.85  ? 67  TRP A CD2 1 
ATOM   245  N NE1 . TRP A 1 34  ? 29.773  -20.252 7.367   1.00 52.79  ? 67  TRP A NE1 1 
ATOM   246  C CE2 . TRP A 1 34  ? 30.423  -21.232 6.675   1.00 45.94  ? 67  TRP A CE2 1 
ATOM   247  C CE3 . TRP A 1 34  ? 30.163  -23.601 6.284   1.00 44.29  ? 67  TRP A CE3 1 
ATOM   248  C CZ2 . TRP A 1 34  ? 31.547  -21.153 5.871   1.00 46.27  ? 67  TRP A CZ2 1 
ATOM   249  C CZ3 . TRP A 1 34  ? 31.308  -23.531 5.473   1.00 47.13  ? 67  TRP A CZ3 1 
ATOM   250  C CH2 . TRP A 1 34  ? 31.985  -22.309 5.277   1.00 48.20  ? 67  TRP A CH2 1 
ATOM   251  N N   . GLN A 1 35  ? 26.065  -25.711 7.001   1.00 64.95  ? 68  GLN A N   1 
ATOM   252  C CA  . GLN A 1 35  ? 25.429  -27.007 7.197   1.00 66.81  ? 68  GLN A CA  1 
ATOM   253  C C   . GLN A 1 35  ? 26.440  -28.105 6.966   1.00 65.65  ? 68  GLN A C   1 
ATOM   254  O O   . GLN A 1 35  ? 27.333  -27.945 6.108   1.00 65.78  ? 68  GLN A O   1 
ATOM   255  C CB  . GLN A 1 35  ? 24.406  -27.145 6.112   1.00 74.68  ? 68  GLN A CB  1 
ATOM   256  C CG  . GLN A 1 35  ? 23.024  -27.483 6.560   1.00 79.16  ? 68  GLN A CG  1 
ATOM   257  C CD  . GLN A 1 35  ? 22.063  -27.166 5.448   1.00 79.45  ? 68  GLN A CD  1 
ATOM   258  O OE1 . GLN A 1 35  ? 22.429  -27.226 4.276   1.00 74.73  ? 68  GLN A OE1 1 
ATOM   259  N NE2 . GLN A 1 35  ? 20.843  -26.799 5.801   1.00 84.22  ? 68  GLN A NE2 1 
ATOM   260  N N   . LEU A 1 36  ? 26.292  -29.221 7.680   1.00 63.49  ? 69  LEU A N   1 
ATOM   261  C CA  . LEU A 1 36  ? 27.020  -30.457 7.329   1.00 60.79  ? 69  LEU A CA  1 
ATOM   262  C C   . LEU A 1 36  ? 26.505  -30.984 5.995   1.00 61.30  ? 69  LEU A C   1 
ATOM   263  O O   . LEU A 1 36  ? 25.328  -31.327 5.859   1.00 60.47  ? 69  LEU A O   1 
ATOM   264  C CB  . LEU A 1 36  ? 26.844  -31.526 8.398   1.00 62.43  ? 69  LEU A CB  1 
ATOM   265  C CG  . LEU A 1 36  ? 27.540  -31.170 9.717   1.00 66.78  ? 69  LEU A CG  1 
ATOM   266  C CD1 . LEU A 1 36  ? 27.273  -32.205 10.797  1.00 62.89  ? 69  LEU A CD1 1 
ATOM   267  C CD2 . LEU A 1 36  ? 29.043  -30.968 9.528   1.00 66.29  ? 69  LEU A CD2 1 
ATOM   268  N N   . THR A 1 37  ? 27.386  -31.037 5.007   1.00 60.42  ? 70  THR A N   1 
ATOM   269  C CA  . THR A 1 37  ? 26.968  -31.314 3.641   1.00 61.54  ? 70  THR A CA  1 
ATOM   270  C C   . THR A 1 37  ? 25.993  -32.484 3.548   1.00 69.84  ? 70  THR A C   1 
ATOM   271  O O   . THR A 1 37  ? 24.869  -32.331 3.057   1.00 80.14  ? 70  THR A O   1 
ATOM   272  C CB  . THR A 1 37  ? 28.178  -31.613 2.747   1.00 58.29  ? 70  THR A CB  1 
ATOM   273  O OG1 . THR A 1 37  ? 29.166  -30.586 2.916   1.00 53.44  ? 70  THR A OG1 1 
ATOM   274  C CG2 . THR A 1 37  ? 27.750  -31.717 1.274   1.00 55.09  ? 70  THR A CG2 1 
ATOM   275  N N   . ASP A 1 38  ? 26.419  -33.636 4.050   1.00 75.95  ? 71  ASP A N   1 
ATOM   276  C CA  . ASP A 1 38  ? 25.677  -34.867 3.855   1.00 80.23  ? 71  ASP A CA  1 
ATOM   277  C C   . ASP A 1 38  ? 24.362  -34.851 4.665   1.00 78.07  ? 71  ASP A C   1 
ATOM   278  O O   . ASP A 1 38  ? 23.290  -34.771 4.070   1.00 77.08  ? 71  ASP A O   1 
ATOM   279  C CB  . ASP A 1 38  ? 26.588  -36.073 4.146   1.00 87.76  ? 71  ASP A CB  1 
ATOM   280  C CG  . ASP A 1 38  ? 27.736  -36.232 3.096   1.00 92.78  ? 71  ASP A CG  1 
ATOM   281  O OD1 . ASP A 1 38  ? 27.584  -35.826 1.915   1.00 85.41  ? 71  ASP A OD1 1 
ATOM   282  O OD2 . ASP A 1 38  ? 28.796  -36.790 3.446   1.00 95.94  ? 71  ASP A OD2 1 
ATOM   283  N N   . THR A 1 39  ? 24.450  -34.876 5.995   1.00 77.54  ? 72  THR A N   1 
ATOM   284  C CA  . THR A 1 39  ? 23.275  -34.768 6.899   1.00 82.08  ? 72  THR A CA  1 
ATOM   285  C C   . THR A 1 39  ? 22.338  -33.554 6.689   1.00 90.44  ? 72  THR A C   1 
ATOM   286  O O   . THR A 1 39  ? 21.135  -33.630 6.981   1.00 83.43  ? 72  THR A O   1 
ATOM   287  C CB  . THR A 1 39  ? 23.745  -34.682 8.367   1.00 87.35  ? 72  THR A CB  1 
ATOM   288  O OG1 . THR A 1 39  ? 24.507  -35.840 8.682   1.00 86.80  ? 72  THR A OG1 1 
ATOM   289  C CG2 . THR A 1 39  ? 22.575  -34.594 9.341   1.00 89.34  ? 72  THR A CG2 1 
ATOM   290  N N   . LYS A 1 40  ? 22.898  -32.431 6.233   1.00 99.04  ? 73  LYS A N   1 
ATOM   291  C CA  . LYS A 1 40  ? 22.179  -31.144 6.155   1.00 95.92  ? 73  LYS A CA  1 
ATOM   292  C C   . LYS A 1 40  ? 21.800  -30.615 7.548   1.00 94.88  ? 73  LYS A C   1 
ATOM   293  O O   . LYS A 1 40  ? 20.899  -29.783 7.682   1.00 89.15  ? 73  LYS A O   1 
ATOM   294  C CB  . LYS A 1 40  ? 20.919  -31.247 5.291   1.00 95.87  ? 73  LYS A CB  1 
ATOM   295  C CG  . LYS A 1 40  ? 21.051  -32.127 4.055   1.00 103.93 ? 73  LYS A CG  1 
ATOM   296  C CD  . LYS A 1 40  ? 20.929  -31.345 2.760   1.00 110.45 ? 73  LYS A CD  1 
ATOM   297  C CE  . LYS A 1 40  ? 20.651  -32.282 1.593   1.00 111.98 ? 73  LYS A CE  1 
ATOM   298  N NZ  . LYS A 1 40  ? 20.293  -31.530 0.360   1.00 110.30 ? 73  LYS A NZ  1 
ATOM   299  N N   . GLN A 1 41  ? 22.491  -31.083 8.586   1.00 93.29  ? 74  GLN A N   1 
ATOM   300  C CA  . GLN A 1 41  ? 22.276  -30.552 9.918   1.00 88.49  ? 74  GLN A CA  1 
ATOM   301  C C   . GLN A 1 41  ? 22.885  -29.158 9.978   1.00 88.50  ? 74  GLN A C   1 
ATOM   302  O O   . GLN A 1 41  ? 23.931  -28.884 9.376   1.00 92.05  ? 74  GLN A O   1 
ATOM   303  C CB  . GLN A 1 41  ? 22.907  -31.439 10.971  1.00 90.17  ? 74  GLN A CB  1 
ATOM   304  C CG  . GLN A 1 41  ? 22.902  -30.819 12.354  1.00 101.09 ? 74  GLN A CG  1 
ATOM   305  C CD  . GLN A 1 41  ? 23.671  -31.644 13.362  1.00 104.45 ? 74  GLN A CD  1 
ATOM   306  O OE1 . GLN A 1 41  ? 24.298  -32.646 13.008  1.00 96.63  ? 74  GLN A OE1 1 
ATOM   307  N NE2 . GLN A 1 41  ? 23.638  -31.217 14.627  1.00 105.62 ? 74  GLN A NE2 1 
ATOM   308  N N   . LEU A 1 42  ? 22.215  -28.284 10.712  1.00 81.72  ? 75  LEU A N   1 
ATOM   309  C CA  . LEU A 1 42  ? 22.609  -26.894 10.812  1.00 70.89  ? 75  LEU A CA  1 
ATOM   310  C C   . LEU A 1 42  ? 23.767  -26.722 11.801  1.00 70.14  ? 75  LEU A C   1 
ATOM   311  O O   . LEU A 1 42  ? 23.797  -27.345 12.867  1.00 70.96  ? 75  LEU A O   1 
ATOM   312  C CB  . LEU A 1 42  ? 21.410  -26.072 11.255  1.00 68.47  ? 75  LEU A CB  1 
ATOM   313  C CG  . LEU A 1 42  ? 21.624  -24.567 11.368  1.00 73.33  ? 75  LEU A CG  1 
ATOM   314  C CD1 . LEU A 1 42  ? 21.484  -23.885 10.004  1.00 70.89  ? 75  LEU A CD1 1 
ATOM   315  C CD2 . LEU A 1 42  ? 20.675  -23.992 12.413  1.00 70.58  ? 75  LEU A CD2 1 
ATOM   316  N N   . VAL A 1 43  ? 24.718  -25.871 11.424  1.00 66.68  ? 76  VAL A N   1 
ATOM   317  C CA  . VAL A 1 43  ? 25.947  -25.647 12.189  1.00 68.08  ? 76  VAL A CA  1 
ATOM   318  C C   . VAL A 1 43  ? 25.933  -24.226 12.752  1.00 67.39  ? 76  VAL A C   1 
ATOM   319  O O   . VAL A 1 43  ? 26.243  -23.999 13.944  1.00 61.80  ? 76  VAL A O   1 
ATOM   320  C CB  . VAL A 1 43  ? 27.208  -25.844 11.282  1.00 70.16  ? 76  VAL A CB  1 
ATOM   321  C CG1 . VAL A 1 43  ? 28.506  -25.459 11.986  1.00 65.83  ? 76  VAL A CG1 1 
ATOM   322  C CG2 . VAL A 1 43  ? 27.308  -27.287 10.801  1.00 72.39  ? 76  VAL A CG2 1 
ATOM   323  N N   . HIS A 1 44  ? 25.606  -23.278 11.870  1.00 61.15  ? 77  HIS A N   1 
ATOM   324  C CA  . HIS A 1 44  ? 25.638  -21.874 12.205  1.00 60.99  ? 77  HIS A CA  1 
ATOM   325  C C   . HIS A 1 44  ? 24.859  -21.085 11.185  1.00 68.67  ? 77  HIS A C   1 
ATOM   326  O O   . HIS A 1 44  ? 24.920  -21.358 9.982   1.00 71.30  ? 77  HIS A O   1 
ATOM   327  C CB  . HIS A 1 44  ? 27.069  -21.373 12.227  1.00 60.83  ? 77  HIS A CB  1 
ATOM   328  C CG  . HIS A 1 44  ? 27.310  -20.319 13.253  1.00 65.04  ? 77  HIS A CG  1 
ATOM   329  N ND1 . HIS A 1 44  ? 27.950  -20.581 14.447  1.00 64.43  ? 77  HIS A ND1 1 
ATOM   330  C CD2 . HIS A 1 44  ? 26.971  -19.011 13.284  1.00 64.14  ? 77  HIS A CD2 1 
ATOM   331  C CE1 . HIS A 1 44  ? 28.006  -19.473 15.162  1.00 63.17  ? 77  HIS A CE1 1 
ATOM   332  N NE2 . HIS A 1 44  ? 27.415  -18.508 14.482  1.00 64.32  ? 77  HIS A NE2 1 
ATOM   333  N N   . SER A 1 45  ? 24.134  -20.082 11.656  1.00 76.00  ? 78  SER A N   1 
ATOM   334  C CA  . SER A 1 45  ? 23.266  -19.316 10.772  1.00 71.29  ? 78  SER A CA  1 
ATOM   335  C C   . SER A 1 45  ? 23.371  -17.830 11.052  1.00 72.14  ? 78  SER A C   1 
ATOM   336  O O   . SER A 1 45  ? 23.600  -17.400 12.185  1.00 64.00  ? 78  SER A O   1 
ATOM   337  C CB  . SER A 1 45  ? 21.838  -19.771 10.972  1.00 69.30  ? 78  SER A CB  1 
ATOM   338  O OG  . SER A 1 45  ? 21.678  -20.183 12.322  1.00 75.71  ? 78  SER A OG  1 
ATOM   339  N N   . PHE A 1 46  ? 23.229  -17.054 9.991   1.00 73.04  ? 79  PHE A N   1 
ATOM   340  C CA  . PHE A 1 46  ? 23.014  -15.636 10.112  1.00 73.14  ? 79  PHE A CA  1 
ATOM   341  C C   . PHE A 1 46  ? 21.781  -15.270 9.296   1.00 76.94  ? 79  PHE A C   1 
ATOM   342  O O   . PHE A 1 46  ? 21.804  -15.260 8.068   1.00 80.96  ? 79  PHE A O   1 
ATOM   343  C CB  . PHE A 1 46  ? 24.217  -14.863 9.619   1.00 69.50  ? 79  PHE A CB  1 
ATOM   344  C CG  . PHE A 1 46  ? 24.149  -13.403 9.936   1.00 76.48  ? 79  PHE A CG  1 
ATOM   345  C CD1 . PHE A 1 46  ? 23.230  -12.584 9.299   1.00 78.25  ? 79  PHE A CD1 1 
ATOM   346  C CD2 . PHE A 1 46  ? 24.987  -12.846 10.891  1.00 78.18  ? 79  PHE A CD2 1 
ATOM   347  C CE1 . PHE A 1 46  ? 23.167  -11.234 9.594   1.00 82.95  ? 79  PHE A CE1 1 
ATOM   348  C CE2 . PHE A 1 46  ? 24.925  -11.503 11.191  1.00 77.85  ? 79  PHE A CE2 1 
ATOM   349  C CZ  . PHE A 1 46  ? 24.016  -10.693 10.538  1.00 81.22  ? 79  PHE A CZ  1 
ATOM   350  N N   . THR A 1 47  ? 20.700  -14.965 9.988   1.00 81.01  ? 80  THR A N   1 
ATOM   351  C CA  . THR A 1 47  ? 19.440  -14.692 9.325   1.00 89.30  ? 80  THR A CA  1 
ATOM   352  C C   . THR A 1 47  ? 18.726  -13.515 9.974   1.00 91.36  ? 80  THR A C   1 
ATOM   353  O O   . THR A 1 47  ? 18.814  -13.323 11.199  1.00 78.39  ? 80  THR A O   1 
ATOM   354  C CB  . THR A 1 47  ? 18.484  -15.895 9.434   1.00 87.17  ? 80  THR A CB  1 
ATOM   355  O OG1 . THR A 1 47  ? 17.924  -15.931 10.752  1.00 81.91  ? 80  THR A OG1 1 
ATOM   356  C CG2 . THR A 1 47  ? 19.201  -17.201 9.157   1.00 87.92  ? 80  THR A CG2 1 
ATOM   357  N N   . GLU A 1 48  ? 17.982  -12.772 9.145   1.00 94.77  ? 81  GLU A N   1 
ATOM   358  C CA  . GLU A 1 48  ? 17.142  -11.661 9.596   1.00 86.52  ? 81  GLU A CA  1 
ATOM   359  C C   . GLU A 1 48  ? 18.033  -10.710 10.342  1.00 75.10  ? 81  GLU A C   1 
ATOM   360  O O   . GLU A 1 48  ? 17.861  -10.497 11.529  1.00 66.21  ? 81  GLU A O   1 
ATOM   361  C CB  . GLU A 1 48  ? 16.007  -12.145 10.508  1.00 87.98  ? 81  GLU A CB  1 
ATOM   362  C CG  . GLU A 1 48  ? 15.184  -13.280 9.919   1.00 95.67  ? 81  GLU A CG  1 
ATOM   363  C CD  . GLU A 1 48  ? 14.519  -14.144 10.979  1.00 106.26 ? 81  GLU A CD  1 
ATOM   364  O OE1 . GLU A 1 48  ? 14.953  -14.119 12.153  1.00 107.24 ? 81  GLU A OE1 1 
ATOM   365  O OE2 . GLU A 1 48  ? 13.557  -14.864 10.632  1.00 118.88 ? 81  GLU A OE2 1 
ATOM   366  N N   . GLY A 1 49  ? 19.041  -10.201 9.646   1.00 77.90  ? 82  GLY A N   1 
ATOM   367  C CA  . GLY A 1 49  ? 19.958  -9.211  10.211  1.00 78.06  ? 82  GLY A CA  1 
ATOM   368  C C   . GLY A 1 49  ? 20.634  -9.522  11.538  1.00 73.47  ? 82  GLY A C   1 
ATOM   369  O O   . GLY A 1 49  ? 21.356  -8.682  12.061  1.00 78.85  ? 82  GLY A O   1 
ATOM   370  N N   . ARG A 1 50  ? 20.427  -10.719 12.077  1.00 76.76  ? 83  ARG A N   1 
ATOM   371  C CA  . ARG A 1 50  ? 21.045  -11.136 13.325  1.00 81.72  ? 83  ARG A CA  1 
ATOM   372  C C   . ARG A 1 50  ? 21.944  -12.347 13.067  1.00 81.87  ? 83  ARG A C   1 
ATOM   373  O O   . ARG A 1 50  ? 21.712  -13.114 12.139  1.00 85.07  ? 83  ARG A O   1 
ATOM   374  C CB  . ARG A 1 50  ? 19.964  -11.498 14.345  1.00 89.81  ? 83  ARG A CB  1 
ATOM   375  C CG  . ARG A 1 50  ? 20.431  -11.474 15.794  1.00 103.26 ? 83  ARG A CG  1 
ATOM   376  C CD  . ARG A 1 50  ? 19.259  -11.676 16.743  1.00 118.48 ? 83  ARG A CD  1 
ATOM   377  N NE  . ARG A 1 50  ? 18.263  -10.602 16.614  1.00 136.25 ? 83  ARG A NE  1 
ATOM   378  C CZ  . ARG A 1 50  ? 16.982  -10.684 16.982  1.00 143.37 ? 83  ARG A CZ  1 
ATOM   379  N NH1 . ARG A 1 50  ? 16.177  -9.639  16.811  1.00 139.60 ? 83  ARG A NH1 1 
ATOM   380  N NH2 . ARG A 1 50  ? 16.485  -11.799 17.519  1.00 147.87 ? 83  ARG A NH2 1 
ATOM   381  N N   . ASP A 1 51  ? 22.983  -12.493 13.887  1.00 80.40  ? 84  ASP A N   1 
ATOM   382  C CA  . ASP A 1 51  ? 23.787  -13.703 13.941  1.00 69.47  ? 84  ASP A CA  1 
ATOM   383  C C   . ASP A 1 51  ? 23.076  -14.578 14.935  1.00 67.49  ? 84  ASP A C   1 
ATOM   384  O O   . ASP A 1 51  ? 23.113  -14.290 16.118  1.00 67.87  ? 84  ASP A O   1 
ATOM   385  C CB  . ASP A 1 51  ? 25.204  -13.371 14.433  1.00 68.71  ? 84  ASP A CB  1 
ATOM   386  C CG  . ASP A 1 51  ? 26.081  -14.603 14.679  1.00 66.91  ? 84  ASP A CG  1 
ATOM   387  O OD1 . ASP A 1 51  ? 25.634  -15.732 14.488  1.00 70.07  ? 84  ASP A OD1 1 
ATOM   388  O OD2 . ASP A 1 51  ? 27.251  -14.436 15.071  1.00 70.59  ? 84  ASP A OD2 1 
ATOM   389  N N   . GLN A 1 52  ? 22.394  -15.621 14.456  1.00 69.78  ? 85  GLN A N   1 
ATOM   390  C CA  . GLN A 1 52  ? 21.907  -16.701 15.334  1.00 67.81  ? 85  GLN A CA  1 
ATOM   391  C C   . GLN A 1 52  ? 23.120  -17.386 15.940  1.00 68.29  ? 85  GLN A C   1 
ATOM   392  O O   . GLN A 1 52  ? 24.263  -17.057 15.618  1.00 72.01  ? 85  GLN A O   1 
ATOM   393  C CB  . GLN A 1 52  ? 21.043  -17.705 14.564  1.00 69.47  ? 85  GLN A CB  1 
ATOM   394  C CG  . GLN A 1 52  ? 19.548  -17.393 14.564  1.00 74.93  ? 85  GLN A CG  1 
ATOM   395  C CD  . GLN A 1 52  ? 19.176  -16.075 13.884  1.00 76.44  ? 85  GLN A CD  1 
ATOM   396  O OE1 . GLN A 1 52  ? 19.901  -15.553 13.027  1.00 86.96  ? 85  GLN A OE1 1 
ATOM   397  N NE2 . GLN A 1 52  ? 18.028  -15.540 14.256  1.00 70.76  ? 85  GLN A NE2 1 
ATOM   398  N N   . GLY A 1 53  ? 22.916  -18.336 16.827  1.00 68.08  ? 86  GLY A N   1 
ATOM   399  C CA  . GLY A 1 53  ? 24.089  -18.946 17.457  1.00 70.83  ? 86  GLY A CA  1 
ATOM   400  C C   . GLY A 1 53  ? 24.852  -19.946 16.599  1.00 69.21  ? 86  GLY A C   1 
ATOM   401  O O   . GLY A 1 53  ? 24.703  -20.006 15.363  1.00 64.64  ? 86  GLY A O   1 
ATOM   402  N N   . SER A 1 54  ? 25.706  -20.697 17.291  1.00 70.61  ? 87  SER A N   1 
ATOM   403  C CA  . SER A 1 54  ? 26.166  -22.010 16.861  1.00 72.08  ? 87  SER A CA  1 
ATOM   404  C C   . SER A 1 54  ? 24.966  -22.864 17.144  1.00 68.49  ? 87  SER A C   1 
ATOM   405  O O   . SER A 1 54  ? 24.310  -22.628 18.130  1.00 71.04  ? 87  SER A O   1 
ATOM   406  C CB  . SER A 1 54  ? 27.355  -22.474 17.715  1.00 74.97  ? 87  SER A CB  1 
ATOM   407  O OG  . SER A 1 54  ? 27.831  -23.755 17.325  1.00 77.87  ? 87  SER A OG  1 
ATOM   408  N N   . ALA A 1 55  ? 24.668  -23.837 16.293  1.00 71.97  ? 88  ALA A N   1 
ATOM   409  C CA  . ALA A 1 55  ? 23.439  -24.626 16.433  1.00 74.68  ? 88  ALA A CA  1 
ATOM   410  C C   . ALA A 1 55  ? 23.537  -25.691 17.539  1.00 82.77  ? 88  ALA A C   1 
ATOM   411  O O   . ALA A 1 55  ? 22.727  -25.714 18.460  1.00 93.42  ? 88  ALA A O   1 
ATOM   412  C CB  . ALA A 1 55  ? 23.068  -25.266 15.098  1.00 71.23  ? 88  ALA A CB  1 
ATOM   413  N N   . TYR A 1 56  ? 24.526  -26.565 17.453  1.00 88.46  ? 89  TYR A N   1 
ATOM   414  C CA  . TYR A 1 56  ? 24.650  -27.672 18.403  1.00 100.97 ? 89  TYR A CA  1 
ATOM   415  C C   . TYR A 1 56  ? 25.959  -27.538 19.199  1.00 102.02 ? 89  TYR A C   1 
ATOM   416  O O   . TYR A 1 56  ? 26.002  -27.735 20.420  1.00 103.25 ? 89  TYR A O   1 
ATOM   417  C CB  . TYR A 1 56  ? 24.575  -29.021 17.660  1.00 110.67 ? 89  TYR A CB  1 
ATOM   418  C CG  . TYR A 1 56  ? 25.746  -29.274 16.714  1.00 132.76 ? 89  TYR A CG  1 
ATOM   419  C CD1 . TYR A 1 56  ? 25.888  -28.536 15.526  1.00 140.14 ? 89  TYR A CD1 1 
ATOM   420  C CD2 . TYR A 1 56  ? 26.724  -30.243 17.007  1.00 136.28 ? 89  TYR A CD2 1 
ATOM   421  C CE1 . TYR A 1 56  ? 26.958  -28.746 14.667  1.00 136.87 ? 89  TYR A CE1 1 
ATOM   422  C CE2 . TYR A 1 56  ? 27.798  -30.462 16.144  1.00 132.67 ? 89  TYR A CE2 1 
ATOM   423  C CZ  . TYR A 1 56  ? 27.908  -29.708 14.976  1.00 129.78 ? 89  TYR A CZ  1 
ATOM   424  O OH  . TYR A 1 56  ? 28.953  -29.892 14.105  1.00 107.99 ? 89  TYR A OH  1 
ATOM   425  N N   . SER A 1 57  ? 27.013  -27.149 18.499  1.00 92.95  ? 90  SER A N   1 
ATOM   426  C CA  . SER A 1 57  ? 28.358  -27.325 18.981  1.00 91.11  ? 90  SER A CA  1 
ATOM   427  C C   . SER A 1 57  ? 28.719  -26.383 20.103  1.00 90.21  ? 90  SER A C   1 
ATOM   428  O O   . SER A 1 57  ? 29.379  -26.793 21.052  1.00 92.54  ? 90  SER A O   1 
ATOM   429  C CB  . SER A 1 57  ? 29.327  -27.151 17.807  1.00 97.75  ? 90  SER A CB  1 
ATOM   430  O OG  . SER A 1 57  ? 28.765  -26.305 16.805  1.00 110.28 ? 90  SER A OG  1 
ATOM   431  N N   . ASN A 1 58  ? 28.281  -25.126 19.988  1.00 91.98  ? 91  ASN A N   1 
ATOM   432  C CA  . ASN A 1 58  ? 28.834  -24.004 20.783  1.00 88.14  ? 91  ASN A CA  1 
ATOM   433  C C   . ASN A 1 58  ? 30.340  -23.796 20.604  1.00 72.71  ? 91  ASN A C   1 
ATOM   434  O O   . ASN A 1 58  ? 30.997  -23.205 21.447  1.00 61.40  ? 91  ASN A O   1 
ATOM   435  C CB  . ASN A 1 58  ? 28.519  -24.169 22.272  1.00 97.87  ? 91  ASN A CB  1 
ATOM   436  C CG  . ASN A 1 58  ? 27.324  -23.356 22.711  1.00 109.89 ? 91  ASN A CG  1 
ATOM   437  O OD1 . ASN A 1 58  ? 27.229  -22.154 22.437  1.00 110.75 ? 91  ASN A OD1 1 
ATOM   438  N ND2 . ASN A 1 58  ? 26.396  -24.022 23.416  1.00 129.12 ? 91  ASN A ND2 1 
ATOM   439  N N   . ARG A 1 59  ? 30.874  -24.280 19.491  1.00 70.42  ? 92  ARG A N   1 
ATOM   440  C CA  . ARG A 1 59  ? 32.292  -24.192 19.199  1.00 63.49  ? 92  ARG A CA  1 
ATOM   441  C C   . ARG A 1 59  ? 32.551  -23.448 17.889  1.00 60.23  ? 92  ARG A C   1 
ATOM   442  O O   . ARG A 1 59  ? 33.686  -23.398 17.431  1.00 56.53  ? 92  ARG A O   1 
ATOM   443  C CB  . ARG A 1 59  ? 32.874  -25.608 19.146  1.00 67.32  ? 92  ARG A CB  1 
ATOM   444  C CG  . ARG A 1 59  ? 33.308  -26.152 20.506  1.00 66.69  ? 92  ARG A CG  1 
ATOM   445  C CD  . ARG A 1 59  ? 33.293  -27.679 20.614  1.00 65.40  ? 92  ARG A CD  1 
ATOM   446  N NE  . ARG A 1 59  ? 34.037  -28.324 19.531  1.00 65.58  ? 92  ARG A NE  1 
ATOM   447  C CZ  . ARG A 1 59  ? 33.498  -29.083 18.580  1.00 65.17  ? 92  ARG A CZ  1 
ATOM   448  N NH1 . ARG A 1 59  ? 34.256  -29.589 17.635  1.00 65.71  ? 92  ARG A NH1 1 
ATOM   449  N NH2 . ARG A 1 59  ? 32.202  -29.345 18.551  1.00 71.03  ? 92  ARG A NH2 1 
ATOM   450  N N   . THR A 1 60  ? 31.506  -22.846 17.311  1.00 60.61  ? 93  THR A N   1 
ATOM   451  C CA  . THR A 1 60  ? 31.589  -22.184 16.009  1.00 58.20  ? 93  THR A CA  1 
ATOM   452  C C   . THR A 1 60  ? 31.291  -20.704 16.100  1.00 60.18  ? 93  THR A C   1 
ATOM   453  O O   . THR A 1 60  ? 30.474  -20.277 16.911  1.00 61.28  ? 93  THR A O   1 
ATOM   454  C CB  . THR A 1 60  ? 30.578  -22.785 15.026  1.00 59.51  ? 93  THR A CB  1 
ATOM   455  O OG1 . THR A 1 60  ? 29.245  -22.487 15.441  1.00 59.31  ? 93  THR A OG1 1 
ATOM   456  C CG2 . THR A 1 60  ? 30.723  -24.257 14.999  1.00 65.88  ? 93  THR A CG2 1 
ATOM   457  N N   . ALA A 1 61  ? 31.915  -19.927 15.227  1.00 60.11  ? 94  ALA A N   1 
ATOM   458  C CA  . ALA A 1 61  ? 31.756  -18.479 15.232  1.00 58.02  ? 94  ALA A CA  1 
ATOM   459  C C   . ALA A 1 61  ? 31.906  -17.916 13.843  1.00 57.41  ? 94  ALA A C   1 
ATOM   460  O O   . ALA A 1 61  ? 32.620  -18.493 13.031  1.00 55.20  ? 94  ALA A O   1 
ATOM   461  C CB  . ALA A 1 61  ? 32.815  -17.853 16.114  1.00 60.18  ? 94  ALA A CB  1 
ATOM   462  N N   . LEU A 1 62  ? 31.266  -16.771 13.586  1.00 57.79  ? 95  LEU A N   1 
ATOM   463  C CA  . LEU A 1 62  ? 31.488  -16.036 12.343  1.00 55.59  ? 95  LEU A CA  1 
ATOM   464  C C   . LEU A 1 62  ? 32.466  -14.959 12.636  1.00 52.12  ? 95  LEU A C   1 
ATOM   465  O O   . LEU A 1 62  ? 32.969  -14.904 13.733  1.00 59.32  ? 95  LEU A O   1 
ATOM   466  C CB  . LEU A 1 62  ? 30.190  -15.462 11.825  1.00 58.87  ? 95  LEU A CB  1 
ATOM   467  C CG  . LEU A 1 62  ? 29.251  -16.570 11.347  1.00 62.88  ? 95  LEU A CG  1 
ATOM   468  C CD1 . LEU A 1 62  ? 27.783  -16.202 11.479  1.00 61.48  ? 95  LEU A CD1 1 
ATOM   469  C CD2 . LEU A 1 62  ? 29.611  -16.937 9.918   1.00 64.50  ? 95  LEU A CD2 1 
ATOM   470  N N   . PHE A 1 63  ? 32.772  -14.136 11.648  1.00 50.52  ? 96  PHE A N   1 
ATOM   471  C CA  . PHE A 1 63  ? 33.580  -12.945 11.849  1.00 51.41  ? 96  PHE A CA  1 
ATOM   472  C C   . PHE A 1 63  ? 32.659  -11.770 11.610  1.00 56.35  ? 96  PHE A C   1 
ATOM   473  O O   . PHE A 1 63  ? 32.748  -11.108 10.567  1.00 57.08  ? 96  PHE A O   1 
ATOM   474  C CB  . PHE A 1 63  ? 34.727  -12.916 10.862  1.00 52.70  ? 96  PHE A CB  1 
ATOM   475  C CG  . PHE A 1 63  ? 35.684  -14.053 11.033  1.00 60.53  ? 96  PHE A CG  1 
ATOM   476  C CD1 . PHE A 1 63  ? 35.364  -15.314 10.580  1.00 63.00  ? 96  PHE A CD1 1 
ATOM   477  C CD2 . PHE A 1 63  ? 36.898  -13.865 11.668  1.00 64.01  ? 96  PHE A CD2 1 
ATOM   478  C CE1 . PHE A 1 63  ? 36.238  -16.359 10.750  1.00 65.27  ? 96  PHE A CE1 1 
ATOM   479  C CE2 . PHE A 1 63  ? 37.771  -14.906 11.844  1.00 58.94  ? 96  PHE A CE2 1 
ATOM   480  C CZ  . PHE A 1 63  ? 37.445  -16.153 11.382  1.00 61.24  ? 96  PHE A CZ  1 
ATOM   481  N N   . PRO A 1 64  ? 31.764  -11.496 12.576  1.00 54.02  ? 97  PRO A N   1 
ATOM   482  C CA  . PRO A 1 64  ? 30.621  -10.615 12.376  1.00 55.86  ? 97  PRO A CA  1 
ATOM   483  C C   . PRO A 1 64  ? 30.983  -9.226  11.872  1.00 54.48  ? 97  PRO A C   1 
ATOM   484  O O   . PRO A 1 64  ? 30.174  -8.572  11.203  1.00 55.22  ? 97  PRO A O   1 
ATOM   485  C CB  . PRO A 1 64  ? 30.018  -10.511 13.780  1.00 55.88  ? 97  PRO A CB  1 
ATOM   486  C CG  . PRO A 1 64  ? 30.540  -11.684 14.506  1.00 52.81  ? 97  PRO A CG  1 
ATOM   487  C CD  . PRO A 1 64  ? 31.939  -11.770 14.001  1.00 52.28  ? 97  PRO A CD  1 
ATOM   488  N N   . ASP A 1 65  ? 32.179  -8.777  12.210  1.00 53.24  ? 98  ASP A N   1 
ATOM   489  C CA  . ASP A 1 65  ? 32.663  -7.525  11.685  1.00 58.48  ? 98  ASP A CA  1 
ATOM   490  C C   . ASP A 1 65  ? 33.036  -7.639  10.233  1.00 57.98  ? 98  ASP A C   1 
ATOM   491  O O   . ASP A 1 65  ? 33.186  -6.628  9.570   1.00 59.74  ? 98  ASP A O   1 
ATOM   492  C CB  . ASP A 1 65  ? 33.860  -7.008  12.485  1.00 64.33  ? 98  ASP A CB  1 
ATOM   493  C CG  . ASP A 1 65  ? 35.075  -7.929  12.431  1.00 64.25  ? 98  ASP A CG  1 
ATOM   494  O OD1 . ASP A 1 65  ? 34.978  -9.125  12.818  1.00 68.87  ? 98  ASP A OD1 1 
ATOM   495  O OD2 . ASP A 1 65  ? 36.141  -7.412  12.050  1.00 57.75  ? 98  ASP A OD2 1 
ATOM   496  N N   . LEU A 1 66  ? 33.183  -8.861  9.736   1.00 56.31  ? 99  LEU A N   1 
ATOM   497  C CA  . LEU A 1 66  ? 33.681  -9.077  8.387   1.00 55.80  ? 99  LEU A CA  1 
ATOM   498  C C   . LEU A 1 66  ? 32.610  -9.469  7.349   1.00 51.32  ? 99  LEU A C   1 
ATOM   499  O O   . LEU A 1 66  ? 32.834  -9.334  6.167   1.00 49.51  ? 99  LEU A O   1 
ATOM   500  C CB  . LEU A 1 66  ? 34.781  -10.120 8.453   1.00 60.56  ? 99  LEU A CB  1 
ATOM   501  C CG  . LEU A 1 66  ? 36.170  -9.593  8.776   1.00 62.10  ? 99  LEU A CG  1 
ATOM   502  C CD1 . LEU A 1 66  ? 37.042  -10.723 9.258   1.00 62.41  ? 99  LEU A CD1 1 
ATOM   503  C CD2 . LEU A 1 66  ? 36.767  -9.026  7.505   1.00 79.02  ? 99  LEU A CD2 1 
ATOM   504  N N   . LEU A 1 67  ? 31.450  -9.932  7.796   1.00 50.96  ? 100 LEU A N   1 
ATOM   505  C CA  . LEU A 1 67  ? 30.336  -10.295 6.902   1.00 52.70  ? 100 LEU A CA  1 
ATOM   506  C C   . LEU A 1 67  ? 29.997  -9.241  5.857   1.00 58.08  ? 100 LEU A C   1 
ATOM   507  O O   . LEU A 1 67  ? 29.926  -9.534  4.677   1.00 61.33  ? 100 LEU A O   1 
ATOM   508  C CB  . LEU A 1 67  ? 29.070  -10.542 7.718   1.00 47.68  ? 100 LEU A CB  1 
ATOM   509  C CG  . LEU A 1 67  ? 29.259  -11.633 8.762   1.00 49.46  ? 100 LEU A CG  1 
ATOM   510  C CD1 . LEU A 1 67  ? 28.008  -11.869 9.601   1.00 49.78  ? 100 LEU A CD1 1 
ATOM   511  C CD2 . LEU A 1 67  ? 29.675  -12.908 8.033   1.00 53.87  ? 100 LEU A CD2 1 
ATOM   512  N N   . VAL A 1 68  ? 29.779  -8.013  6.296   1.00 62.68  ? 101 VAL A N   1 
ATOM   513  C CA  . VAL A 1 68  ? 29.366  -6.955  5.403   1.00 58.52  ? 101 VAL A CA  1 
ATOM   514  C C   . VAL A 1 68  ? 30.314  -6.867  4.206   1.00 56.47  ? 101 VAL A C   1 
ATOM   515  O O   . VAL A 1 68  ? 29.906  -6.477  3.116   1.00 60.56  ? 101 VAL A O   1 
ATOM   516  C CB  . VAL A 1 68  ? 29.263  -5.599  6.154   1.00 62.13  ? 101 VAL A CB  1 
ATOM   517  C CG1 . VAL A 1 68  ? 30.496  -4.721  5.943   1.00 62.53  ? 101 VAL A CG1 1 
ATOM   518  C CG2 . VAL A 1 68  ? 28.028  -4.843  5.719   1.00 65.06  ? 101 VAL A CG2 1 
ATOM   519  N N   . GLN A 1 69  ? 31.576  -7.227  4.392   1.00 52.61  ? 102 GLN A N   1 
ATOM   520  C CA  . GLN A 1 69  ? 32.518  -7.198  3.280   1.00 56.99  ? 102 GLN A CA  1 
ATOM   521  C C   . GLN A 1 69  ? 32.503  -8.494  2.481   1.00 55.78  ? 102 GLN A C   1 
ATOM   522  O O   . GLN A 1 69  ? 33.323  -8.667  1.597   1.00 57.97  ? 102 GLN A O   1 
ATOM   523  C CB  . GLN A 1 69  ? 33.940  -6.941  3.776   1.00 64.17  ? 102 GLN A CB  1 
ATOM   524  C CG  . GLN A 1 69  ? 34.102  -5.667  4.592   1.00 72.28  ? 102 GLN A CG  1 
ATOM   525  C CD  . GLN A 1 69  ? 35.005  -5.854  5.809   1.00 76.87  ? 102 GLN A CD  1 
ATOM   526  O OE1 . GLN A 1 69  ? 36.223  -6.038  5.691   1.00 73.36  ? 102 GLN A OE1 1 
ATOM   527  N NE2 . GLN A 1 69  ? 34.405  -5.813  6.988   1.00 82.69  ? 102 GLN A NE2 1 
ATOM   528  N N   . GLY A 1 70  ? 31.595  -9.408  2.793   1.00 55.17  ? 103 GLY A N   1 
ATOM   529  C CA  . GLY A 1 70  ? 31.493  -10.673 2.065   1.00 60.72  ? 103 GLY A CA  1 
ATOM   530  C C   . GLY A 1 70  ? 32.314  -11.868 2.551   1.00 61.58  ? 103 GLY A C   1 
ATOM   531  O O   . GLY A 1 70  ? 32.503  -12.816 1.808   1.00 66.42  ? 103 GLY A O   1 
ATOM   532  N N   . ASN A 1 71  ? 32.792  -11.839 3.788   1.00 57.82  ? 104 ASN A N   1 
ATOM   533  C CA  . ASN A 1 71  ? 33.490  -12.975 4.360   1.00 54.56  ? 104 ASN A CA  1 
ATOM   534  C C   . ASN A 1 71  ? 32.575  -13.803 5.231   1.00 51.42  ? 104 ASN A C   1 
ATOM   535  O O   . ASN A 1 71  ? 32.278  -13.389 6.349   1.00 45.56  ? 104 ASN A O   1 
ATOM   536  C CB  . ASN A 1 71  ? 34.624  -12.485 5.221   1.00 55.27  ? 104 ASN A CB  1 
ATOM   537  C CG  . ASN A 1 71  ? 35.519  -13.595 5.653   1.00 55.49  ? 104 ASN A CG  1 
ATOM   538  O OD1 . ASN A 1 71  ? 35.059  -14.660 6.038   1.00 57.33  ? 104 ASN A OD1 1 
ATOM   539  N ND2 . ASN A 1 71  ? 36.809  -13.359 5.576   1.00 60.26  ? 104 ASN A ND2 1 
ATOM   540  N N   . ALA A 1 72  ? 32.159  -14.976 4.745   1.00 48.77  ? 105 ALA A N   1 
ATOM   541  C CA  . ALA A 1 72  ? 31.202  -15.788 5.496   1.00 51.60  ? 105 ALA A CA  1 
ATOM   542  C C   . ALA A 1 72  ? 31.874  -16.971 6.160   1.00 50.86  ? 105 ALA A C   1 
ATOM   543  O O   . ALA A 1 72  ? 31.187  -17.899 6.659   1.00 47.73  ? 105 ALA A O   1 
ATOM   544  C CB  . ALA A 1 72  ? 30.068  -16.256 4.600   1.00 54.36  ? 105 ALA A CB  1 
ATOM   545  N N   . SER A 1 73  ? 33.207  -16.928 6.181   1.00 45.86  ? 106 SER A N   1 
ATOM   546  C CA  . SER A 1 73  ? 33.992  -17.996 6.748   1.00 43.21  ? 106 SER A CA  1 
ATOM   547  C C   . SER A 1 73  ? 33.552  -18.270 8.167   1.00 44.98  ? 106 SER A C   1 
ATOM   548  O O   . SER A 1 73  ? 33.135  -17.361 8.862   1.00 44.87  ? 106 SER A O   1 
ATOM   549  C CB  . SER A 1 73  ? 35.456  -17.629 6.742   1.00 44.61  ? 106 SER A CB  1 
ATOM   550  O OG  . SER A 1 73  ? 35.866  -17.203 5.454   1.00 45.25  ? 106 SER A OG  1 
ATOM   551  N N   . LEU A 1 74  ? 33.640  -19.535 8.573   1.00 46.11  ? 107 LEU A N   1 
ATOM   552  C CA  . LEU A 1 74  ? 33.247  -19.993 9.901   1.00 46.94  ? 107 LEU A CA  1 
ATOM   553  C C   . LEU A 1 74  ? 34.481  -20.423 10.685  1.00 48.04  ? 107 LEU A C   1 
ATOM   554  O O   . LEU A 1 74  ? 35.427  -20.932 10.109  1.00 41.84  ? 107 LEU A O   1 
ATOM   555  C CB  . LEU A 1 74  ? 32.357  -21.193 9.743   1.00 50.04  ? 107 LEU A CB  1 
ATOM   556  C CG  . LEU A 1 74  ? 31.777  -21.798 11.017  1.00 53.41  ? 107 LEU A CG  1 
ATOM   557  C CD1 . LEU A 1 74  ? 30.678  -20.915 11.581  1.00 60.12  ? 107 LEU A CD1 1 
ATOM   558  C CD2 . LEU A 1 74  ? 31.188  -23.152 10.698  1.00 53.67  ? 107 LEU A CD2 1 
ATOM   559  N N   . ARG A 1 75  ? 34.475  -20.193 11.994  1.00 51.65  ? 108 ARG A N   1 
ATOM   560  C CA  . ARG A 1 75  ? 35.612  -20.544 12.850  1.00 51.90  ? 108 ARG A CA  1 
ATOM   561  C C   . ARG A 1 75  ? 35.174  -21.689 13.695  1.00 49.62  ? 108 ARG A C   1 
ATOM   562  O O   . ARG A 1 75  ? 34.162  -21.587 14.392  1.00 45.40  ? 108 ARG A O   1 
ATOM   563  C CB  . ARG A 1 75  ? 36.054  -19.387 13.760  1.00 51.10  ? 108 ARG A CB  1 
ATOM   564  C CG  . ARG A 1 75  ? 37.256  -19.686 14.662  1.00 50.30  ? 108 ARG A CG  1 
ATOM   565  C CD  . ARG A 1 75  ? 38.562  -19.766 13.874  1.00 51.52  ? 108 ARG A CD  1 
ATOM   566  N NE  . ARG A 1 75  ? 39.753  -19.639 14.714  1.00 53.18  ? 108 ARG A NE  1 
ATOM   567  C CZ  . ARG A 1 75  ? 40.998  -19.874 14.296  1.00 59.00  ? 108 ARG A CZ  1 
ATOM   568  N NH1 . ARG A 1 75  ? 41.248  -20.272 13.052  1.00 55.43  ? 108 ARG A NH1 1 
ATOM   569  N NH2 . ARG A 1 75  ? 42.012  -19.714 15.137  1.00 66.76  ? 108 ARG A NH2 1 
ATOM   570  N N   . LEU A 1 76  ? 35.940  -22.775 13.623  1.00 52.92  ? 109 LEU A N   1 
ATOM   571  C CA  . LEU A 1 76  ? 35.642  -23.987 14.373  1.00 56.71  ? 109 LEU A CA  1 
ATOM   572  C C   . LEU A 1 76  ? 36.696  -24.167 15.443  1.00 57.58  ? 109 LEU A C   1 
ATOM   573  O O   . LEU A 1 76  ? 37.902  -24.169 15.151  1.00 57.65  ? 109 LEU A O   1 
ATOM   574  C CB  . LEU A 1 76  ? 35.604  -25.198 13.453  1.00 57.94  ? 109 LEU A CB  1 
ATOM   575  C CG  . LEU A 1 76  ? 35.101  -26.466 14.130  1.00 60.83  ? 109 LEU A CG  1 
ATOM   576  C CD1 . LEU A 1 76  ? 33.668  -26.358 14.624  1.00 63.64  ? 109 LEU A CD1 1 
ATOM   577  C CD2 . LEU A 1 76  ? 35.193  -27.585 13.135  1.00 64.17  ? 109 LEU A CD2 1 
ATOM   578  N N   . GLN A 1 77  ? 36.241  -24.304 16.683  1.00 56.42  ? 110 GLN A N   1 
ATOM   579  C CA  . GLN A 1 77  ? 37.140  -24.259 17.810  1.00 59.66  ? 110 GLN A CA  1 
ATOM   580  C C   . GLN A 1 77  ? 37.281  -25.613 18.445  1.00 58.20  ? 110 GLN A C   1 
ATOM   581  O O   . GLN A 1 77  ? 36.311  -26.391 18.485  1.00 55.86  ? 110 GLN A O   1 
ATOM   582  C CB  . GLN A 1 77  ? 36.630  -23.265 18.834  1.00 62.21  ? 110 GLN A CB  1 
ATOM   583  C CG  . GLN A 1 77  ? 36.400  -21.894 18.237  1.00 65.82  ? 110 GLN A CG  1 
ATOM   584  C CD  . GLN A 1 77  ? 36.062  -20.852 19.277  1.00 69.30  ? 110 GLN A CD  1 
ATOM   585  O OE1 . GLN A 1 77  ? 35.019  -20.927 19.940  1.00 67.41  ? 110 GLN A OE1 1 
ATOM   586  N NE2 . GLN A 1 77  ? 36.947  -19.870 19.430  1.00 71.28  ? 110 GLN A NE2 1 
ATOM   587  N N   . ARG A 1 78  ? 38.499  -25.868 18.933  1.00 60.65  ? 111 ARG A N   1 
ATOM   588  C CA  . ARG A 1 78  ? 38.842  -27.069 19.695  1.00 63.06  ? 111 ARG A CA  1 
ATOM   589  C C   . ARG A 1 78  ? 38.396  -28.265 18.881  1.00 61.26  ? 111 ARG A C   1 
ATOM   590  O O   . ARG A 1 78  ? 37.481  -29.018 19.276  1.00 51.05  ? 111 ARG A O   1 
ATOM   591  C CB  . ARG A 1 78  ? 38.189  -27.040 21.084  1.00 65.47  ? 111 ARG A CB  1 
ATOM   592  C CG  . ARG A 1 78  ? 38.924  -26.132 22.072  1.00 70.14  ? 111 ARG A CG  1 
ATOM   593  C CD  . ARG A 1 78  ? 38.148  -25.890 23.373  1.00 70.66  ? 111 ARG A CD  1 
ATOM   594  N NE  . ARG A 1 78  ? 37.180  -24.793 23.243  1.00 69.93  ? 111 ARG A NE  1 
ATOM   595  C CZ  . ARG A 1 78  ? 35.853  -24.910 23.337  1.00 73.63  ? 111 ARG A CZ  1 
ATOM   596  N NH1 . ARG A 1 78  ? 35.270  -26.084 23.591  1.00 73.94  ? 111 ARG A NH1 1 
ATOM   597  N NH2 . ARG A 1 78  ? 35.090  -23.833 23.180  1.00 72.61  ? 111 ARG A NH2 1 
ATOM   598  N N   . VAL A 1 79  ? 39.043  -28.395 17.724  1.00 54.55  ? 112 VAL A N   1 
ATOM   599  C CA  . VAL A 1 79  ? 38.647  -29.357 16.729  1.00 54.13  ? 112 VAL A CA  1 
ATOM   600  C C   . VAL A 1 79  ? 38.806  -30.781 17.239  1.00 56.01  ? 112 VAL A C   1 
ATOM   601  O O   . VAL A 1 79  ? 39.718  -31.087 18.020  1.00 54.86  ? 112 VAL A O   1 
ATOM   602  C CB  . VAL A 1 79  ? 39.472  -29.167 15.459  1.00 53.42  ? 112 VAL A CB  1 
ATOM   603  C CG1 . VAL A 1 79  ? 39.290  -30.330 14.500  1.00 55.99  ? 112 VAL A CG1 1 
ATOM   604  C CG2 . VAL A 1 79  ? 39.027  -27.902 14.767  1.00 55.02  ? 112 VAL A CG2 1 
ATOM   605  N N   . ARG A 1 80  ? 37.907  -31.648 16.790  1.00 52.66  ? 113 ARG A N   1 
ATOM   606  C CA  . ARG A 1 80  ? 37.971  -33.039 17.158  1.00 53.31  ? 113 ARG A CA  1 
ATOM   607  C C   . ARG A 1 80  ? 37.516  -33.995 16.063  1.00 52.41  ? 113 ARG A C   1 
ATOM   608  O O   . ARG A 1 80  ? 36.799  -33.618 15.155  1.00 50.44  ? 113 ARG A O   1 
ATOM   609  C CB  . ARG A 1 80  ? 37.111  -33.256 18.375  1.00 55.73  ? 113 ARG A CB  1 
ATOM   610  C CG  . ARG A 1 80  ? 35.628  -33.135 18.074  1.00 57.94  ? 113 ARG A CG  1 
ATOM   611  C CD  . ARG A 1 80  ? 34.876  -32.812 19.341  1.00 62.04  ? 113 ARG A CD  1 
ATOM   612  N NE  . ARG A 1 80  ? 35.599  -31.776 20.069  1.00 64.49  ? 113 ARG A NE  1 
ATOM   613  C CZ  . ARG A 1 80  ? 35.158  -31.182 21.166  1.00 68.52  ? 113 ARG A CZ  1 
ATOM   614  N NH1 . ARG A 1 80  ? 33.966  -31.493 21.666  1.00 72.19  ? 113 ARG A NH1 1 
ATOM   615  N NH2 . ARG A 1 80  ? 35.924  -30.255 21.743  1.00 69.98  ? 113 ARG A NH2 1 
ATOM   616  N N   . VAL A 1 81  ? 37.913  -35.255 16.187  1.00 54.36  ? 114 VAL A N   1 
ATOM   617  C CA  . VAL A 1 81  ? 37.721  -36.227 15.114  1.00 53.50  ? 114 VAL A CA  1 
ATOM   618  C C   . VAL A 1 81  ? 36.299  -36.187 14.616  1.00 52.09  ? 114 VAL A C   1 
ATOM   619  O O   . VAL A 1 81  ? 36.032  -36.209 13.424  1.00 51.86  ? 114 VAL A O   1 
ATOM   620  C CB  . VAL A 1 81  ? 38.031  -37.662 15.574  1.00 51.24  ? 114 VAL A CB  1 
ATOM   621  C CG1 . VAL A 1 81  ? 37.640  -38.674 14.497  1.00 46.15  ? 114 VAL A CG1 1 
ATOM   622  C CG2 . VAL A 1 81  ? 39.504  -37.774 15.927  1.00 52.05  ? 114 VAL A CG2 1 
ATOM   623  N N   . THR A 1 82  ? 35.389  -36.146 15.564  1.00 54.42  ? 115 THR A N   1 
ATOM   624  C CA  . THR A 1 82  ? 33.991  -36.007 15.267  1.00 55.87  ? 115 THR A CA  1 
ATOM   625  C C   . THR A 1 82  ? 33.619  -34.922 14.245  1.00 56.67  ? 115 THR A C   1 
ATOM   626  O O   . THR A 1 82  ? 32.650  -35.084 13.537  1.00 64.35  ? 115 THR A O   1 
ATOM   627  C CB  . THR A 1 82  ? 33.281  -35.754 16.584  1.00 63.73  ? 115 THR A CB  1 
ATOM   628  O OG1 . THR A 1 82  ? 32.792  -37.014 17.029  1.00 56.71  ? 115 THR A OG1 1 
ATOM   629  C CG2 . THR A 1 82  ? 32.146  -34.664 16.464  1.00 67.42  ? 115 THR A CG2 1 
ATOM   630  N N   . ASP A 1 83  ? 34.374  -33.826 14.162  1.00 54.92  ? 116 ASP A N   1 
ATOM   631  C CA  . ASP A 1 83  ? 34.030  -32.715 13.256  1.00 52.98  ? 116 ASP A CA  1 
ATOM   632  C C   . ASP A 1 83  ? 34.411  -33.000 11.821  1.00 53.70  ? 116 ASP A C   1 
ATOM   633  O O   . ASP A 1 83  ? 34.114  -32.206 10.932  1.00 55.30  ? 116 ASP A O   1 
ATOM   634  C CB  . ASP A 1 83  ? 34.740  -31.411 13.654  1.00 52.06  ? 116 ASP A CB  1 
ATOM   635  C CG  . ASP A 1 83  ? 34.564  -31.055 15.125  1.00 55.79  ? 116 ASP A CG  1 
ATOM   636  O OD1 . ASP A 1 83  ? 33.500  -31.385 15.710  1.00 60.37  ? 116 ASP A OD1 1 
ATOM   637  O OD2 . ASP A 1 83  ? 35.506  -30.449 15.717  1.00 56.31  ? 116 ASP A OD2 1 
ATOM   638  N N   . GLU A 1 84  ? 35.130  -34.091 11.591  1.00 55.40  ? 117 GLU A N   1 
ATOM   639  C CA  . GLU A 1 84  ? 35.732  -34.324 10.287  1.00 53.18  ? 117 GLU A CA  1 
ATOM   640  C C   . GLU A 1 84  ? 34.626  -34.485 9.282   1.00 49.85  ? 117 GLU A C   1 
ATOM   641  O O   . GLU A 1 84  ? 33.574  -35.002 9.626   1.00 51.47  ? 117 GLU A O   1 
ATOM   642  C CB  . GLU A 1 84  ? 36.561  -35.578 10.319  1.00 58.20  ? 117 GLU A CB  1 
ATOM   643  C CG  . GLU A 1 84  ? 37.744  -35.491 9.389   1.00 66.34  ? 117 GLU A CG  1 
ATOM   644  C CD  . GLU A 1 84  ? 38.497  -36.791 9.294   1.00 68.12  ? 117 GLU A CD  1 
ATOM   645  O OE1 . GLU A 1 84  ? 37.919  -37.829 9.676   1.00 68.57  ? 117 GLU A OE1 1 
ATOM   646  O OE2 . GLU A 1 84  ? 39.664  -36.766 8.847   1.00 78.68  ? 117 GLU A OE2 1 
ATOM   647  N N   . GLY A 1 85  ? 34.837  -34.021 8.059   1.00 46.21  ? 118 GLY A N   1 
ATOM   648  C CA  . GLY A 1 85  ? 33.755  -33.985 7.084   1.00 47.50  ? 118 GLY A CA  1 
ATOM   649  C C   . GLY A 1 85  ? 33.706  -32.791 6.139   1.00 53.91  ? 118 GLY A C   1 
ATOM   650  O O   . GLY A 1 85  ? 34.579  -31.903 6.140   1.00 54.32  ? 118 GLY A O   1 
ATOM   651  N N   . SER A 1 86  ? 32.668  -32.806 5.305   1.00 58.81  ? 119 SER A N   1 
ATOM   652  C CA  . SER A 1 86  ? 32.343  -31.718 4.390   1.00 59.42  ? 119 SER A CA  1 
ATOM   653  C C   . SER A 1 86  ? 31.306  -30.794 5.024   1.00 57.37  ? 119 SER A C   1 
ATOM   654  O O   . SER A 1 86  ? 30.311  -31.260 5.609   1.00 50.29  ? 119 SER A O   1 
ATOM   655  C CB  . SER A 1 86  ? 31.755  -32.261 3.093   1.00 58.31  ? 119 SER A CB  1 
ATOM   656  O OG  . SER A 1 86  ? 31.566  -31.221 2.143   1.00 59.26  ? 119 SER A OG  1 
ATOM   657  N N   . TYR A 1 87  ? 31.547  -29.490 4.874   1.00 53.25  ? 120 TYR A N   1 
ATOM   658  C CA  . TYR A 1 87  ? 30.625  -28.460 5.329   1.00 51.46  ? 120 TYR A CA  1 
ATOM   659  C C   . TYR A 1 87  ? 30.230  -27.626 4.148   1.00 54.13  ? 120 TYR A C   1 
ATOM   660  O O   . TYR A 1 87  ? 31.088  -27.274 3.303   1.00 47.86  ? 120 TYR A O   1 
ATOM   661  C CB  . TYR A 1 87  ? 31.295  -27.547 6.336   1.00 48.27  ? 120 TYR A CB  1 
ATOM   662  C CG  . TYR A 1 87  ? 31.666  -28.226 7.604   1.00 44.44  ? 120 TYR A CG  1 
ATOM   663  C CD1 . TYR A 1 87  ? 32.734  -29.115 7.670   1.00 46.32  ? 120 TYR A CD1 1 
ATOM   664  C CD2 . TYR A 1 87  ? 30.971  -27.973 8.739   1.00 44.48  ? 120 TYR A CD2 1 
ATOM   665  C CE1 . TYR A 1 87  ? 33.079  -29.732 8.862   1.00 45.57  ? 120 TYR A CE1 1 
ATOM   666  C CE2 . TYR A 1 87  ? 31.286  -28.590 9.923   1.00 46.83  ? 120 TYR A CE2 1 
ATOM   667  C CZ  . TYR A 1 87  ? 32.339  -29.456 9.985   1.00 46.66  ? 120 TYR A CZ  1 
ATOM   668  O OH  . TYR A 1 87  ? 32.598  -30.021 11.206  1.00 52.84  ? 120 TYR A OH  1 
ATOM   669  N N   . THR A 1 88  ? 28.940  -27.296 4.096   1.00 59.18  ? 121 THR A N   1 
ATOM   670  C CA  . THR A 1 88  ? 28.446  -26.442 3.030   1.00 70.10  ? 121 THR A CA  1 
ATOM   671  C C   . THR A 1 88  ? 27.885  -25.122 3.558   1.00 67.27  ? 121 THR A C   1 
ATOM   672  O O   . THR A 1 88  ? 27.102  -25.083 4.523   1.00 55.96  ? 121 THR A O   1 
ATOM   673  C CB  . THR A 1 88  ? 27.394  -27.140 2.157   1.00 76.97  ? 121 THR A CB  1 
ATOM   674  O OG1 . THR A 1 88  ? 27.685  -28.532 2.093   1.00 85.35  ? 121 THR A OG1 1 
ATOM   675  C CG2 . THR A 1 88  ? 27.438  -26.585 0.748   1.00 84.37  ? 121 THR A CG2 1 
ATOM   676  N N   . CYS A 1 89  ? 28.309  -24.061 2.873   1.00 64.99  ? 122 CYS A N   1 
ATOM   677  C CA  . CYS A 1 89  ? 27.944  -22.692 3.161   1.00 66.20  ? 122 CYS A CA  1 
ATOM   678  C C   . CYS A 1 89  ? 26.973  -22.168 2.106   1.00 64.26  ? 122 CYS A C   1 
ATOM   679  O O   . CYS A 1 89  ? 27.365  -21.942 0.952   1.00 55.96  ? 122 CYS A O   1 
ATOM   680  C CB  . CYS A 1 89  ? 29.219  -21.844 3.134   1.00 70.27  ? 122 CYS A CB  1 
ATOM   681  S SG  . CYS A 1 89  ? 29.004  -20.050 3.242   1.00 68.58  ? 122 CYS A SG  1 
ATOM   682  N N   . PHE A 1 90  ? 25.726  -21.957 2.523   1.00 64.97  ? 123 PHE A N   1 
ATOM   683  C CA  . PHE A 1 90  ? 24.695  -21.295 1.709   1.00 66.47  ? 123 PHE A CA  1 
ATOM   684  C C   . PHE A 1 90  ? 24.543  -19.789 1.973   1.00 63.42  ? 123 PHE A C   1 
ATOM   685  O O   . PHE A 1 90  ? 24.227  -19.383 3.087   1.00 65.48  ? 123 PHE A O   1 
ATOM   686  C CB  . PHE A 1 90  ? 23.370  -21.959 2.001   1.00 72.88  ? 123 PHE A CB  1 
ATOM   687  C CG  . PHE A 1 90  ? 23.331  -23.383 1.585   1.00 83.18  ? 123 PHE A CG  1 
ATOM   688  C CD1 . PHE A 1 90  ? 23.254  -23.707 0.230   1.00 84.91  ? 123 PHE A CD1 1 
ATOM   689  C CD2 . PHE A 1 90  ? 23.392  -24.411 2.529   1.00 85.19  ? 123 PHE A CD2 1 
ATOM   690  C CE1 . PHE A 1 90  ? 23.228  -25.029 -0.173  1.00 80.21  ? 123 PHE A CE1 1 
ATOM   691  C CE2 . PHE A 1 90  ? 23.355  -25.738 2.123   1.00 78.35  ? 123 PHE A CE2 1 
ATOM   692  C CZ  . PHE A 1 90  ? 23.269  -26.041 0.776   1.00 78.78  ? 123 PHE A CZ  1 
ATOM   693  N N   . VAL A 1 91  ? 24.718  -18.980 0.934   1.00 65.01  ? 124 VAL A N   1 
ATOM   694  C CA  . VAL A 1 91  ? 24.638  -17.517 1.022   1.00 68.98  ? 124 VAL A CA  1 
ATOM   695  C C   . VAL A 1 91  ? 23.514  -16.965 0.159   1.00 72.31  ? 124 VAL A C   1 
ATOM   696  O O   . VAL A 1 91  ? 23.718  -16.811 -1.037  1.00 68.65  ? 124 VAL A O   1 
ATOM   697  C CB  . VAL A 1 91  ? 25.910  -16.893 0.419   1.00 71.23  ? 124 VAL A CB  1 
ATOM   698  C CG1 . VAL A 1 91  ? 26.018  -15.411 0.744   1.00 68.93  ? 124 VAL A CG1 1 
ATOM   699  C CG2 . VAL A 1 91  ? 27.145  -17.655 0.861   1.00 76.64  ? 124 VAL A CG2 1 
ATOM   700  N N   . SER A 1 92  ? 22.351  -16.642 0.730   1.00 84.31  ? 125 SER A N   1 
ATOM   701  C CA  . SER A 1 92  ? 21.301  -15.926 -0.039  1.00 93.78  ? 125 SER A CA  1 
ATOM   702  C C   . SER A 1 92  ? 21.182  -14.449 0.274   1.00 90.77  ? 125 SER A C   1 
ATOM   703  O O   . SER A 1 92  ? 20.773  -14.082 1.375   1.00 95.20  ? 125 SER A O   1 
ATOM   704  C CB  . SER A 1 92  ? 19.915  -16.480 0.219   1.00 99.86  ? 125 SER A CB  1 
ATOM   705  O OG  . SER A 1 92  ? 18.965  -15.458 -0.051  1.00 110.30 ? 125 SER A OG  1 
ATOM   706  N N   . ILE A 1 93  ? 21.447  -13.608 -0.713  1.00 87.80  ? 126 ILE A N   1 
ATOM   707  C CA  . ILE A 1 93  ? 21.156  -12.183 -0.579  1.00 88.56  ? 126 ILE A CA  1 
ATOM   708  C C   . ILE A 1 93  ? 19.780  -11.778 -1.119  1.00 90.09  ? 126 ILE A C   1 
ATOM   709  O O   . ILE A 1 93  ? 19.453  -12.037 -2.281  1.00 100.86 ? 126 ILE A O   1 
ATOM   710  C CB  . ILE A 1 93  ? 22.178  -11.375 -1.341  1.00 80.63  ? 126 ILE A CB  1 
ATOM   711  C CG1 . ILE A 1 93  ? 23.548  -11.642 -0.749  1.00 79.15  ? 126 ILE A CG1 1 
ATOM   712  C CG2 . ILE A 1 93  ? 21.821  -9.908  -1.269  1.00 84.66  ? 126 ILE A CG2 1 
ATOM   713  C CD1 . ILE A 1 93  ? 24.656  -10.885 -1.458  1.00 81.12  ? 126 ILE A CD1 1 
ATOM   714  N N   . GLN A 1 94  ? 18.994  -11.109 -0.286  1.00 85.37  ? 127 GLN A N   1 
ATOM   715  C CA  . GLN A 1 94  ? 17.703  -10.556 -0.723  1.00 89.09  ? 127 GLN A CA  1 
ATOM   716  C C   . GLN A 1 94  ? 17.757  -9.075  -1.109  1.00 85.90  ? 127 GLN A C   1 
ATOM   717  O O   . GLN A 1 94  ? 18.062  -8.236  -0.264  1.00 85.55  ? 127 GLN A O   1 
ATOM   718  C CB  . GLN A 1 94  ? 16.676  -10.672 0.398   1.00 83.01  ? 127 GLN A CB  1 
ATOM   719  C CG  . GLN A 1 94  ? 16.020  -12.021 0.504   1.00 91.99  ? 127 GLN A CG  1 
ATOM   720  C CD  . GLN A 1 94  ? 14.819  -11.981 1.426   1.00 103.47 ? 127 GLN A CD  1 
ATOM   721  O OE1 . GLN A 1 94  ? 14.748  -11.131 2.326   1.00 109.15 ? 127 GLN A OE1 1 
ATOM   722  N NE2 . GLN A 1 94  ? 13.858  -12.893 1.209   1.00 102.91 ? 127 GLN A NE2 1 
ATOM   723  N N   . ASP A 1 95  ? 17.441  -8.752  -2.365  1.00 88.57  ? 128 ASP A N   1 
ATOM   724  C CA  A ASP A 1 95  ? 17.193  -7.373  -2.829  0.50 84.82  ? 128 ASP A CA  1 
ATOM   725  C CA  B ASP A 1 95  ? 17.193  -7.343  -2.699  0.50 86.15  ? 128 ASP A CA  1 
ATOM   726  C C   . ASP A 1 95  ? 15.685  -7.123  -2.804  1.00 80.61  ? 128 ASP A C   1 
ATOM   727  O O   . ASP A 1 95  ? 14.990  -7.748  -3.600  1.00 89.95  ? 128 ASP A O   1 
ATOM   728  C CB  A ASP A 1 95  ? 17.752  -7.165  -4.275  0.50 81.14  ? 128 ASP A CB  1 
ATOM   729  C CB  B ASP A 1 95  ? 17.941  -6.881  -3.950  0.50 84.30  ? 128 ASP A CB  1 
ATOM   730  C CG  A ASP A 1 95  ? 16.971  -7.954  -5.382  0.50 72.61  ? 128 ASP A CG  1 
ATOM   731  C CG  B ASP A 1 95  ? 18.510  -5.486  -3.788  0.50 78.26  ? 128 ASP A CG  1 
ATOM   732  O OD1 A ASP A 1 95  ? 17.165  -9.174  -5.566  0.50 60.40  ? 128 ASP A OD1 1 
ATOM   733  O OD1 B ASP A 1 95  ? 18.216  -4.837  -2.764  0.50 69.60  ? 128 ASP A OD1 1 
ATOM   734  O OD2 A ASP A 1 95  ? 16.176  -7.327  -6.106  0.50 73.01  ? 128 ASP A OD2 1 
ATOM   735  O OD2 B ASP A 1 95  ? 19.260  -5.043  -4.677  0.50 78.14  ? 128 ASP A OD2 1 
ATOM   736  N N   . PHE A 1 96  ? 15.179  -6.253  -1.923  1.00 75.24  ? 129 PHE A N   1 
ATOM   737  C CA  A PHE A 1 96  ? 13.721  -5.987  -1.879  0.50 77.41  ? 129 PHE A CA  1 
ATOM   738  C CA  B PHE A 1 96  ? 13.737  -5.966  -1.815  0.50 80.53  ? 129 PHE A CA  1 
ATOM   739  C C   . PHE A 1 96  ? 13.355  -4.673  -2.560  1.00 76.43  ? 129 PHE A C   1 
ATOM   740  O O   . PHE A 1 96  ? 13.924  -3.627  -2.283  1.00 85.35  ? 129 PHE A O   1 
ATOM   741  C CB  A PHE A 1 96  ? 13.165  -5.999  -0.449  0.50 74.57  ? 129 PHE A CB  1 
ATOM   742  C CB  B PHE A 1 96  ? 13.308  -5.815  -0.337  0.50 81.58  ? 129 PHE A CB  1 
ATOM   743  C CG  A PHE A 1 96  ? 12.144  -7.079  -0.202  0.50 68.91  ? 129 PHE A CG  1 
ATOM   744  C CG  B PHE A 1 96  ? 14.392  -6.127  0.688   0.50 79.04  ? 129 PHE A CG  1 
ATOM   745  C CD1 A PHE A 1 96  ? 11.046  -7.212  -1.025  0.50 64.91  ? 129 PHE A CD1 1 
ATOM   746  C CD1 B PHE A 1 96  ? 14.768  -7.436  0.965   0.50 78.77  ? 129 PHE A CD1 1 
ATOM   747  C CD2 A PHE A 1 96  ? 12.283  -7.958  0.869   0.50 66.22  ? 129 PHE A CD2 1 
ATOM   748  C CD2 B PHE A 1 96  ? 14.982  -5.105  1.417   0.50 76.73  ? 129 PHE A CD2 1 
ATOM   749  C CE1 A PHE A 1 96  ? 10.111  -8.204  -0.794  0.50 64.74  ? 129 PHE A CE1 1 
ATOM   750  C CE1 B PHE A 1 96  ? 15.731  -7.717  1.922   0.50 77.26  ? 129 PHE A CE1 1 
ATOM   751  C CE2 A PHE A 1 96  ? 11.353  -8.947  1.104   0.50 62.81  ? 129 PHE A CE2 1 
ATOM   752  C CE2 B PHE A 1 96  ? 15.940  -5.381  2.375   0.50 79.67  ? 129 PHE A CE2 1 
ATOM   753  C CZ  A PHE A 1 96  ? 10.261  -9.065  0.273   0.50 64.85  ? 129 PHE A CZ  1 
ATOM   754  C CZ  B PHE A 1 96  ? 16.318  -6.687  2.623   0.50 78.86  ? 129 PHE A CZ  1 
ATOM   755  N N   . ASP A 1 97  ? 12.402  -4.729  -3.487  1.00 77.56  ? 130 ASP A N   1 
ATOM   756  C CA  . ASP A 1 97  ? 11.892  -3.502  -4.146  1.00 75.86  ? 130 ASP A CA  1 
ATOM   757  C C   . ASP A 1 97  ? 10.438  -3.359  -3.855  1.00 74.60  ? 130 ASP A C   1 
ATOM   758  O O   . ASP A 1 97  ? 9.761   -4.327  -3.500  1.00 79.10  ? 130 ASP A O   1 
ATOM   759  C CB  . ASP A 1 97  ? 12.087  -3.496  -5.653  1.00 75.36  ? 130 ASP A CB  1 
ATOM   760  C CG  . ASP A 1 97  ? 13.528  -3.320  -6.034  1.00 89.01  ? 130 ASP A CG  1 
ATOM   761  O OD1 . ASP A 1 97  ? 14.400  -3.570  -5.164  1.00 96.46  ? 130 ASP A OD1 1 
ATOM   762  O OD2 . ASP A 1 97  ? 13.803  -2.932  -7.191  1.00 88.47  ? 130 ASP A OD2 1 
ATOM   763  N N   . SER A 1 98  ? 9.962   -2.133  -3.987  1.00 72.56  ? 131 SER A N   1 
ATOM   764  C CA  . SER A 1 98  ? 8.574   -1.845  -3.699  1.00 70.44  ? 131 SER A CA  1 
ATOM   765  C C   . SER A 1 98  ? 8.034   -0.897  -4.738  1.00 64.83  ? 131 SER A C   1 
ATOM   766  O O   . SER A 1 98  ? 8.784   -0.165  -5.372  1.00 56.43  ? 131 SER A O   1 
ATOM   767  C CB  . SER A 1 98  ? 8.416   -1.264  -2.305  1.00 69.36  ? 131 SER A CB  1 
ATOM   768  O OG  . SER A 1 98  ? 8.925   0.044   -2.300  1.00 77.71  ? 131 SER A OG  1 
ATOM   769  N N   . ALA A 1 99  ? 6.726   -0.983  -4.950  1.00 70.56  ? 132 ALA A N   1 
ATOM   770  C CA  . ALA A 1 99  ? 5.990   -0.031  -5.766  1.00 63.48  ? 132 ALA A CA  1 
ATOM   771  C C   . ALA A 1 99  ? 4.644   0.150   -5.100  1.00 67.64  ? 132 ALA A C   1 
ATOM   772  O O   . ALA A 1 99  ? 4.118   -0.766  -4.418  1.00 57.63  ? 132 ALA A O   1 
ATOM   773  C CB  . ALA A 1 99  ? 5.826   -0.525  -7.181  1.00 59.52  ? 132 ALA A CB  1 
ATOM   774  N N   . ALA A 1 100 ? 4.106   1.356   -5.267  1.00 67.56  ? 133 ALA A N   1 
ATOM   775  C CA  . ALA A 1 100 ? 2.803   1.647   -4.736  1.00 61.99  ? 133 ALA A CA  1 
ATOM   776  C C   . ALA A 1 100 ? 1.843   1.951   -5.876  1.00 62.35  ? 133 ALA A C   1 
ATOM   777  O O   . ALA A 1 100 ? 2.234   2.352   -6.997  1.00 55.32  ? 133 ALA A O   1 
ATOM   778  C CB  . ALA A 1 100 ? 2.871   2.771   -3.739  1.00 60.65  ? 133 ALA A CB  1 
ATOM   779  N N   . VAL A 1 101 ? 0.581   1.662   -5.594  1.00 63.02  ? 134 VAL A N   1 
ATOM   780  C CA  . VAL A 1 101 ? -0.483  1.864   -6.547  1.00 63.13  ? 134 VAL A CA  1 
ATOM   781  C C   . VAL A 1 101 ? -1.636  2.263   -5.702  1.00 61.12  ? 134 VAL A C   1 
ATOM   782  O O   . VAL A 1 101 ? -1.851  1.646   -4.645  1.00 55.18  ? 134 VAL A O   1 
ATOM   783  C CB  . VAL A 1 101 ? -0.883  0.581   -7.283  1.00 62.83  ? 134 VAL A CB  1 
ATOM   784  C CG1 . VAL A 1 101 ? -1.488  0.926   -8.628  1.00 66.39  ? 134 VAL A CG1 1 
ATOM   785  C CG2 . VAL A 1 101 ? 0.314   -0.311  -7.498  1.00 67.34  ? 134 VAL A CG2 1 
ATOM   786  N N   . SER A 1 102 ? -2.347  3.299   -6.149  1.00 59.13  ? 135 SER A N   1 
ATOM   787  C CA  . SER A 1 102 ? -3.502  3.788   -5.416  1.00 60.07  ? 135 SER A CA  1 
ATOM   788  C C   . SER A 1 102 ? -4.738  3.422   -6.186  1.00 53.38  ? 135 SER A C   1 
ATOM   789  O O   . SER A 1 102 ? -4.822  3.611   -7.396  1.00 52.40  ? 135 SER A O   1 
ATOM   790  C CB  . SER A 1 102 ? -3.457  5.296   -5.208  1.00 61.47  ? 135 SER A CB  1 
ATOM   791  O OG  . SER A 1 102 ? -2.187  5.787   -5.543  1.00 69.99  ? 135 SER A OG  1 
ATOM   792  N N   . LEU A 1 103 ? -5.707  2.897   -5.466  1.00 49.45  ? 136 LEU A N   1 
ATOM   793  C CA  . LEU A 1 103 ? -6.964  2.567   -6.061  1.00 50.41  ? 136 LEU A CA  1 
ATOM   794  C C   . LEU A 1 103 ? -7.938  3.661   -5.674  1.00 49.83  ? 136 LEU A C   1 
ATOM   795  O O   . LEU A 1 103 ? -8.125  3.930   -4.496  1.00 48.17  ? 136 LEU A O   1 
ATOM   796  C CB  . LEU A 1 103 ? -7.440  1.229   -5.533  1.00 50.69  ? 136 LEU A CB  1 
ATOM   797  C CG  . LEU A 1 103 ? -8.807  0.752   -6.008  1.00 48.79  ? 136 LEU A CG  1 
ATOM   798  C CD1 . LEU A 1 103 ? -8.752  0.350   -7.470  1.00 48.16  ? 136 LEU A CD1 1 
ATOM   799  C CD2 . LEU A 1 103 ? -9.270  -0.392  -5.111  1.00 47.30  ? 136 LEU A CD2 1 
ATOM   800  N N   . GLN A 1 104 ? -8.521  4.281   -6.691  1.00 49.72  ? 137 GLN A N   1 
ATOM   801  C CA  . GLN A 1 104 ? -9.552  5.269   -6.558  1.00 54.38  ? 137 GLN A CA  1 
ATOM   802  C C   . GLN A 1 104 ? -10.848 4.574   -6.992  1.00 54.06  ? 137 GLN A C   1 
ATOM   803  O O   . GLN A 1 104 ? -10.992 4.104   -8.122  1.00 51.05  ? 137 GLN A O   1 
ATOM   804  C CB  . GLN A 1 104 ? -9.212  6.492   -7.433  1.00 64.59  ? 137 GLN A CB  1 
ATOM   805  C CG  . GLN A 1 104 ? -10.326 7.534   -7.616  1.00 78.11  ? 137 GLN A CG  1 
ATOM   806  C CD  . GLN A 1 104 ? -10.570 8.439   -6.401  1.00 86.76  ? 137 GLN A CD  1 
ATOM   807  O OE1 . GLN A 1 104 ? -11.683 8.483   -5.826  1.00 72.91  ? 137 GLN A OE1 1 
ATOM   808  N NE2 . GLN A 1 104 ? -9.533  9.182   -6.016  1.00 95.35  ? 137 GLN A NE2 1 
ATOM   809  N N   . VAL A 1 105 ? -11.792 4.503   -6.066  1.00 54.37  ? 138 VAL A N   1 
ATOM   810  C CA  . VAL A 1 105 ? -13.081 3.871   -6.306  1.00 54.17  ? 138 VAL A CA  1 
ATOM   811  C C   . VAL A 1 105 ? -14.107 4.911   -6.751  1.00 49.09  ? 138 VAL A C   1 
ATOM   812  O O   . VAL A 1 105 ? -14.063 6.060   -6.346  1.00 51.01  ? 138 VAL A O   1 
ATOM   813  C CB  . VAL A 1 105 ? -13.596 3.214   -5.010  1.00 56.81  ? 138 VAL A CB  1 
ATOM   814  C CG1 . VAL A 1 105 ? -14.984 2.629   -5.204  1.00 56.64  ? 138 VAL A CG1 1 
ATOM   815  C CG2 . VAL A 1 105 ? -12.640 2.129   -4.540  1.00 60.23  ? 138 VAL A CG2 1 
ATOM   816  N N   . ALA A 1 106 ? -15.039 4.493   -7.576  1.00 46.71  ? 139 ALA A N   1 
ATOM   817  C CA  . ALA A 1 106 ? -16.095 5.372   -8.031  1.00 47.24  ? 139 ALA A CA  1 
ATOM   818  C C   . ALA A 1 106 ? -17.449 4.684   -8.217  1.00 46.53  ? 139 ALA A C   1 
ATOM   819  O O   . ALA A 1 106 ? -17.550 3.464   -8.375  1.00 43.43  ? 139 ALA A O   1 
ATOM   820  C CB  . ALA A 1 106 ? -15.682 6.018   -9.330  1.00 47.99  ? 139 ALA A CB  1 
ATOM   821  N N   . ALA A 1 107 ? -18.494 5.495   -8.174  1.00 47.50  ? 140 ALA A N   1 
ATOM   822  C CA  . ALA A 1 107 ? -19.820 5.050   -8.575  1.00 47.86  ? 140 ALA A CA  1 
ATOM   823  C C   . ALA A 1 107 ? -20.554 6.237   -9.110  1.00 46.92  ? 140 ALA A C   1 
ATOM   824  O O   . ALA A 1 107 ? -20.338 7.356   -8.672  1.00 42.23  ? 140 ALA A O   1 
ATOM   825  C CB  . ALA A 1 107 ? -20.587 4.465   -7.407  1.00 48.18  ? 140 ALA A CB  1 
ATOM   826  N N   . PRO A 1 108 ? -21.427 5.998   -10.073 1.00 48.20  ? 141 PRO A N   1 
ATOM   827  C CA  . PRO A 1 108 ? -22.227 7.049   -10.668 1.00 49.27  ? 141 PRO A CA  1 
ATOM   828  C C   . PRO A 1 108 ? -23.458 7.421   -9.841  1.00 49.85  ? 141 PRO A C   1 
ATOM   829  O O   . PRO A 1 108 ? -24.033 6.586   -9.136  1.00 58.22  ? 141 PRO A O   1 
ATOM   830  C CB  . PRO A 1 108 ? -22.661 6.435   -11.994 1.00 45.42  ? 141 PRO A CB  1 
ATOM   831  C CG  . PRO A 1 108 ? -22.747 5.007   -11.709 1.00 46.09  ? 141 PRO A CG  1 
ATOM   832  C CD  . PRO A 1 108 ? -21.619 4.719   -10.753 1.00 47.51  ? 141 PRO A CD  1 
ATOM   833  N N   . TYR A 1 109 ? -23.829 8.682   -9.937  1.00 47.15  ? 142 TYR A N   1 
ATOM   834  C CA  . TYR A 1 109 ? -25.038 9.175   -9.344  1.00 44.16  ? 142 TYR A CA  1 
ATOM   835  C C   . TYR A 1 109 ? -26.197 8.975   -10.306 1.00 46.67  ? 142 TYR A C   1 
ATOM   836  O O   . TYR A 1 109 ? -26.039 9.035   -11.515 1.00 51.68  ? 142 TYR A O   1 
ATOM   837  C CB  . TYR A 1 109 ? -24.860 10.644  -9.012  1.00 42.04  ? 142 TYR A CB  1 
ATOM   838  C CG  . TYR A 1 109 ? -23.954 10.859  -7.821  1.00 39.02  ? 142 TYR A CG  1 
ATOM   839  C CD1 . TYR A 1 109 ? -24.462 10.831  -6.544  1.00 38.81  ? 142 TYR A CD1 1 
ATOM   840  C CD2 . TYR A 1 109 ? -22.600 11.070  -7.973  1.00 39.61  ? 142 TYR A CD2 1 
ATOM   841  C CE1 . TYR A 1 109 ? -23.654 10.988  -5.440  1.00 38.32  ? 142 TYR A CE1 1 
ATOM   842  C CE2 . TYR A 1 109 ? -21.772 11.239  -6.870  1.00 40.08  ? 142 TYR A CE2 1 
ATOM   843  C CZ  . TYR A 1 109 ? -22.311 11.201  -5.599  1.00 39.48  ? 142 TYR A CZ  1 
ATOM   844  O OH  . TYR A 1 109 ? -21.535 11.394  -4.470  1.00 39.40  ? 142 TYR A OH  1 
ATOM   845  N N   . SER A 1 110 ? -27.370 8.719   -9.748  1.00 48.88  ? 143 SER A N   1 
ATOM   846  C CA  . SER A 1 110 ? -28.576 8.548   -10.520 1.00 47.70  ? 143 SER A CA  1 
ATOM   847  C C   . SER A 1 110 ? -29.055 9.896   -10.982 1.00 54.34  ? 143 SER A C   1 
ATOM   848  O O   . SER A 1 110 ? -28.674 10.930  -10.415 1.00 53.39  ? 143 SER A O   1 
ATOM   849  C CB  . SER A 1 110 ? -29.653 7.908   -9.663  1.00 47.06  ? 143 SER A CB  1 
ATOM   850  O OG  . SER A 1 110 ? -29.875 8.646   -8.472  1.00 47.72  ? 143 SER A OG  1 
ATOM   851  N N   . LYS A 1 111 ? -29.885 9.882   -12.022 1.00 60.51  ? 144 LYS A N   1 
ATOM   852  C CA  . LYS A 1 111 ? -30.548 11.089  -12.494 1.00 63.23  ? 144 LYS A CA  1 
ATOM   853  C C   . LYS A 1 111 ? -31.279 11.732  -11.335 1.00 61.58  ? 144 LYS A C   1 
ATOM   854  O O   . LYS A 1 111 ? -32.006 11.059  -10.617 1.00 65.64  ? 144 LYS A O   1 
ATOM   855  C CB  . LYS A 1 111 ? -31.551 10.750  -13.590 1.00 71.47  ? 144 LYS A CB  1 
ATOM   856  C CG  . LYS A 1 111 ? -32.356 11.949  -14.060 1.00 82.52  ? 144 LYS A CG  1 
ATOM   857  C CD  . LYS A 1 111 ? -32.479 12.028  -15.574 1.00 86.72  ? 144 LYS A CD  1 
ATOM   858  C CE  . LYS A 1 111 ? -33.051 13.385  -15.992 1.00 91.89  ? 144 LYS A CE  1 
ATOM   859  N NZ  . LYS A 1 111 ? -32.205 14.067  -17.018 1.00 92.98  ? 144 LYS A NZ  1 
ATOM   860  N N   . PRO A 1 112 ? -31.088 13.033  -11.129 1.00 60.71  ? 145 PRO A N   1 
ATOM   861  C CA  . PRO A 1 112 ? -31.736 13.616  -9.966  1.00 62.71  ? 145 PRO A CA  1 
ATOM   862  C C   . PRO A 1 112 ? -33.242 13.672  -10.077 1.00 63.81  ? 145 PRO A C   1 
ATOM   863  O O   . PRO A 1 112 ? -33.782 13.677  -11.178 1.00 63.27  ? 145 PRO A O   1 
ATOM   864  C CB  . PRO A 1 112 ? -31.189 15.036  -9.923  1.00 61.94  ? 145 PRO A CB  1 
ATOM   865  C CG  . PRO A 1 112 ? -29.936 14.984  -10.699 1.00 62.89  ? 145 PRO A CG  1 
ATOM   866  C CD  . PRO A 1 112 ? -30.188 13.984  -11.782 1.00 60.11  ? 145 PRO A CD  1 
ATOM   867  N N   . SER A 1 113 ? -33.892 13.708  -8.921  1.00 70.01  ? 146 SER A N   1 
ATOM   868  C CA  . SER A 1 113 ? -35.330 13.852  -8.832  1.00 70.76  ? 146 SER A CA  1 
ATOM   869  C C   . SER A 1 113 ? -35.609 15.176  -8.113  1.00 69.03  ? 146 SER A C   1 
ATOM   870  O O   . SER A 1 113 ? -35.001 15.476  -7.079  1.00 68.60  ? 146 SER A O   1 
ATOM   871  C CB  . SER A 1 113 ? -35.951 12.660  -8.090  1.00 69.38  ? 146 SER A CB  1 
ATOM   872  O OG  . SER A 1 113 ? -35.796 12.790  -6.694  1.00 74.43  ? 146 SER A OG  1 
ATOM   873  N N   . MET A 1 114 ? -36.545 15.944  -8.668  1.00 68.53  ? 147 MET A N   1 
ATOM   874  C CA  . MET A 1 114 ? -36.767 17.328  -8.277  1.00 67.07  ? 147 MET A CA  1 
ATOM   875  C C   . MET A 1 114 ? -38.088 17.535  -7.537  1.00 66.06  ? 147 MET A C   1 
ATOM   876  O O   . MET A 1 114 ? -39.039 16.814  -7.757  1.00 57.42  ? 147 MET A O   1 
ATOM   877  C CB  . MET A 1 114 ? -36.706 18.197  -9.524  1.00 68.28  ? 147 MET A CB  1 
ATOM   878  C CG  . MET A 1 114 ? -35.449 17.969  -10.369 1.00 73.95  ? 147 MET A CG  1 
ATOM   879  S SD  . MET A 1 114 ? -33.934 18.598  -9.604  1.00 78.44  ? 147 MET A SD  1 
ATOM   880  C CE  . MET A 1 114 ? -33.899 20.285  -10.204 1.00 76.46  ? 147 MET A CE  1 
ATOM   881  N N   . THR A 1 115 ? -38.126 18.541  -6.663  1.00 77.04  ? 148 THR A N   1 
ATOM   882  C CA  . THR A 1 115 ? -39.247 18.781  -5.751  1.00 73.46  ? 148 THR A CA  1 
ATOM   883  C C   . THR A 1 115 ? -39.256 20.226  -5.263  1.00 84.69  ? 148 THR A C   1 
ATOM   884  O O   . THR A 1 115 ? -38.198 20.809  -5.039  1.00 85.63  ? 148 THR A O   1 
ATOM   885  C CB  . THR A 1 115 ? -39.136 17.835  -4.534  1.00 68.35  ? 148 THR A CB  1 
ATOM   886  O OG1 . THR A 1 115 ? -39.637 16.554  -4.895  1.00 66.34  ? 148 THR A OG1 1 
ATOM   887  C CG2 . THR A 1 115 ? -39.907 18.324  -3.303  1.00 66.43  ? 148 THR A CG2 1 
ATOM   888  N N   . LEU A 1 116 ? -40.462 20.759  -5.032  1.00 103.77 ? 149 LEU A N   1 
ATOM   889  C CA  . LEU A 1 116 ? -40.687 22.161  -4.606  1.00 99.84  ? 149 LEU A CA  1 
ATOM   890  C C   . LEU A 1 116 ? -41.949 22.343  -3.736  1.00 99.90  ? 149 LEU A C   1 
ATOM   891  O O   . LEU A 1 116 ? -42.676 21.382  -3.502  1.00 99.79  ? 149 LEU A O   1 
ATOM   892  C CB  . LEU A 1 116 ? -40.757 23.075  -5.833  1.00 91.61  ? 149 LEU A CB  1 
ATOM   893  C CG  . LEU A 1 116 ? -41.975 22.902  -6.744  1.00 92.74  ? 149 LEU A CG  1 
ATOM   894  C CD1 . LEU A 1 116 ? -41.745 23.694  -8.022  1.00 87.54  ? 149 LEU A CD1 1 
ATOM   895  C CD2 . LEU A 1 116 ? -42.317 21.440  -7.058  1.00 94.16  ? 149 LEU A CD2 1 
ATOM   896  N N   . GLU A 1 117 ? -42.190 23.570  -3.259  1.00 112.14 ? 150 GLU A N   1 
ATOM   897  C CA  . GLU A 1 117 ? -43.417 23.931  -2.511  1.00 116.71 ? 150 GLU A CA  1 
ATOM   898  C C   . GLU A 1 117 ? -44.466 24.670  -3.402  1.00 116.88 ? 150 GLU A C   1 
ATOM   899  O O   . GLU A 1 117 ? -44.507 25.893  -3.363  1.00 104.58 ? 150 GLU A O   1 
ATOM   900  C CB  . GLU A 1 117 ? -43.024 24.824  -1.318  1.00 103.58 ? 150 GLU A CB  1 
ATOM   901  N N   . PRO A 1 118 ? -45.324 23.942  -4.188  1.00 131.29 ? 151 PRO A N   1 
ATOM   902  C CA  . PRO A 1 118 ? -46.170 24.640  -5.181  1.00 128.07 ? 151 PRO A CA  1 
ATOM   903  C C   . PRO A 1 118 ? -47.544 25.080  -4.635  1.00 126.98 ? 151 PRO A C   1 
ATOM   904  O O   . PRO A 1 118 ? -48.594 24.619  -5.100  1.00 126.74 ? 151 PRO A O   1 
ATOM   905  C CB  . PRO A 1 118 ? -46.321 23.587  -6.296  1.00 123.22 ? 151 PRO A CB  1 
ATOM   906  C CG  . PRO A 1 118 ? -46.260 22.270  -5.579  1.00 123.96 ? 151 PRO A CG  1 
ATOM   907  C CD  . PRO A 1 118 ? -45.617 22.490  -4.215  1.00 130.88 ? 151 PRO A CD  1 
ATOM   908  N N   . PRO A 1 124 ? -44.990 34.422  -7.555  1.00 118.77 ? 157 PRO A N   1 
ATOM   909  C CA  . PRO A 1 124 ? -43.943 34.918  -8.460  1.00 119.66 ? 157 PRO A CA  1 
ATOM   910  C C   . PRO A 1 124 ? -43.037 36.035  -7.915  1.00 115.20 ? 157 PRO A C   1 
ATOM   911  O O   . PRO A 1 124 ? -42.159 36.493  -8.634  1.00 117.24 ? 157 PRO A O   1 
ATOM   912  C CB  . PRO A 1 124 ? -44.745 35.386  -9.678  1.00 113.91 ? 157 PRO A CB  1 
ATOM   913  C CG  . PRO A 1 124 ? -45.918 34.434  -9.714  1.00 112.39 ? 157 PRO A CG  1 
ATOM   914  C CD  . PRO A 1 124 ? -46.123 33.868  -8.319  1.00 113.20 ? 157 PRO A CD  1 
ATOM   915  N N   . GLY A 1 125 ? -43.262 36.471  -6.678  1.00 113.63 ? 158 GLY A N   1 
ATOM   916  C CA  . GLY A 1 125 ? -42.258 37.216  -5.907  1.00 119.16 ? 158 GLY A CA  1 
ATOM   917  C C   . GLY A 1 125 ? -42.067 36.494  -4.585  1.00 129.04 ? 158 GLY A C   1 
ATOM   918  O O   . GLY A 1 125 ? -41.668 37.089  -3.580  1.00 125.58 ? 158 GLY A O   1 
ATOM   919  N N   . ASN A 1 126 ? -42.361 35.192  -4.612  1.00 141.39 ? 159 ASN A N   1 
ATOM   920  C CA  . ASN A 1 126 ? -42.384 34.343  -3.425  1.00 141.14 ? 159 ASN A CA  1 
ATOM   921  C C   . ASN A 1 126 ? -41.122 33.514  -3.290  1.00 135.97 ? 159 ASN A C   1 
ATOM   922  O O   . ASN A 1 126 ? -40.549 33.074  -4.293  1.00 124.62 ? 159 ASN A O   1 
ATOM   923  C CB  . ASN A 1 126 ? -43.588 33.403  -3.481  1.00 140.58 ? 159 ASN A CB  1 
ATOM   924  C CG  . ASN A 1 126 ? -44.893 34.130  -3.274  1.00 142.97 ? 159 ASN A CG  1 
ATOM   925  O OD1 . ASN A 1 126 ? -44.995 35.326  -3.543  1.00 144.85 ? 159 ASN A OD1 1 
ATOM   926  N ND2 . ASN A 1 126 ? -45.897 33.418  -2.783  1.00 142.45 ? 159 ASN A ND2 1 
ATOM   927  N N   . MET A 1 127 ? -40.698 33.311  -2.044  1.00 133.75 ? 160 MET A N   1 
ATOM   928  C CA  . MET A 1 127 ? -39.601 32.410  -1.746  1.00 128.18 ? 160 MET A CA  1 
ATOM   929  C C   . MET A 1 127 ? -40.150 30.992  -1.737  1.00 124.48 ? 160 MET A C   1 
ATOM   930  O O   . MET A 1 127 ? -41.025 30.661  -0.937  1.00 113.41 ? 160 MET A O   1 
ATOM   931  C CB  . MET A 1 127 ? -38.928 32.738  -0.406  1.00 130.34 ? 160 MET A CB  1 
ATOM   932  C CG  . MET A 1 127 ? -37.841 31.739  -0.007  1.00 134.15 ? 160 MET A CG  1 
ATOM   933  S SD  . MET A 1 127 ? -36.376 32.441  0.802   1.00 145.34 ? 160 MET A SD  1 
ATOM   934  C CE  . MET A 1 127 ? -35.577 33.305  -0.553  1.00 133.43 ? 160 MET A CE  1 
ATOM   935  N N   . VAL A 1 128 ? -39.632 30.172  -2.649  1.00 126.84 ? 161 VAL A N   1 
ATOM   936  C CA  . VAL A 1 128 ? -39.994 28.753  -2.769  1.00 115.25 ? 161 VAL A CA  1 
ATOM   937  C C   . VAL A 1 128 ? -38.738 27.911  -2.687  1.00 102.14 ? 161 VAL A C   1 
ATOM   938  O O   . VAL A 1 128 ? -37.627 28.430  -2.821  1.00 99.22  ? 161 VAL A O   1 
ATOM   939  C CB  . VAL A 1 128 ? -40.693 28.451  -4.103  1.00 108.42 ? 161 VAL A CB  1 
ATOM   940  C CG1 . VAL A 1 128 ? -41.909 29.352  -4.249  1.00 111.55 ? 161 VAL A CG1 1 
ATOM   941  C CG2 . VAL A 1 128 ? -39.741 28.630  -5.282  1.00 103.73 ? 161 VAL A CG2 1 
ATOM   942  N N   . THR A 1 129 ? -38.904 26.613  -2.482  1.00 91.67  ? 162 THR A N   1 
ATOM   943  C CA  . THR A 1 129 ? -37.737 25.759  -2.311  1.00 87.48  ? 162 THR A CA  1 
ATOM   944  C C   . THR A 1 129 ? -37.735 24.621  -3.318  1.00 84.38  ? 162 THR A C   1 
ATOM   945  O O   . THR A 1 129 ? -38.728 23.916  -3.456  1.00 78.47  ? 162 THR A O   1 
ATOM   946  C CB  . THR A 1 129 ? -37.666 25.137  -0.918  1.00 80.00  ? 162 THR A CB  1 
ATOM   947  O OG1 . THR A 1 129 ? -38.387 23.912  -0.949  1.00 82.20  ? 162 THR A OG1 1 
ATOM   948  C CG2 . THR A 1 129 ? -38.246 26.067  0.152   1.00 83.12  ? 162 THR A CG2 1 
ATOM   949  N N   . ILE A 1 130 ? -36.602 24.451  -4.000  1.00 77.40  ? 163 ILE A N   1 
ATOM   950  C CA  . ILE A 1 130 ? -36.407 23.349  -4.920  1.00 72.58  ? 163 ILE A CA  1 
ATOM   951  C C   . ILE A 1 130 ? -35.388 22.363  -4.336  1.00 71.35  ? 163 ILE A C   1 
ATOM   952  O O   . ILE A 1 130 ? -34.467 22.739  -3.584  1.00 60.60  ? 163 ILE A O   1 
ATOM   953  C CB  . ILE A 1 130 ? -35.950 23.852  -6.288  1.00 73.76  ? 163 ILE A CB  1 
ATOM   954  C CG1 . ILE A 1 130 ? -36.834 25.030  -6.686  1.00 72.95  ? 163 ILE A CG1 1 
ATOM   955  C CG2 . ILE A 1 130 ? -35.995 22.722  -7.319  1.00 76.69  ? 163 ILE A CG2 1 
ATOM   956  C CD1 . ILE A 1 130 ? -36.684 25.464  -8.127  1.00 75.06  ? 163 ILE A CD1 1 
ATOM   957  N N   . THR A 1 131 ? -35.587 21.094  -4.672  1.00 65.68  ? 164 THR A N   1 
ATOM   958  C CA  . THR A 1 131 ? -34.845 20.041  -4.047  1.00 67.86  ? 164 THR A CA  1 
ATOM   959  C C   . THR A 1 131 ? -34.326 19.074  -5.080  1.00 66.53  ? 164 THR A C   1 
ATOM   960  O O   . THR A 1 131 ? -35.091 18.552  -5.904  1.00 60.20  ? 164 THR A O   1 
ATOM   961  C CB  . THR A 1 131 ? -35.695 19.347  -2.966  1.00 70.57  ? 164 THR A CB  1 
ATOM   962  O OG1 . THR A 1 131 ? -35.119 19.639  -1.693  1.00 68.42  ? 164 THR A OG1 1 
ATOM   963  C CG2 . THR A 1 131 ? -35.739 17.816  -3.143  1.00 75.97  ? 164 THR A CG2 1 
ATOM   964  N N   . CYS A 1 132 ? -33.013 18.860  -5.018  1.00 60.18  ? 165 CYS A N   1 
ATOM   965  C CA  . CYS A 1 132 ? -32.331 17.961  -5.903  1.00 60.80  ? 165 CYS A CA  1 
ATOM   966  C C   . CYS A 1 132 ? -31.881 16.764  -5.101  1.00 58.66  ? 165 CYS A C   1 
ATOM   967  O O   . CYS A 1 132 ? -31.124 16.908  -4.125  1.00 57.69  ? 165 CYS A O   1 
ATOM   968  C CB  . CYS A 1 132 ? -31.095 18.641  -6.441  1.00 68.83  ? 165 CYS A CB  1 
ATOM   969  S SG  . CYS A 1 132 ? -30.459 17.911  -7.949  1.00 72.07  ? 165 CYS A SG  1 
ATOM   970  N N   . SER A 1 133 ? -32.315 15.582  -5.517  1.00 52.78  ? 166 SER A N   1 
ATOM   971  C CA  . SER A 1 133 ? -31.864 14.376  -4.874  1.00 52.08  ? 166 SER A CA  1 
ATOM   972  C C   . SER A 1 133 ? -31.289 13.409  -5.879  1.00 47.79  ? 166 SER A C   1 
ATOM   973  O O   . SER A 1 133 ? -31.952 13.083  -6.868  1.00 45.78  ? 166 SER A O   1 
ATOM   974  C CB  . SER A 1 133 ? -33.020 13.755  -4.116  1.00 56.07  ? 166 SER A CB  1 
ATOM   975  O OG  . SER A 1 133 ? -33.220 14.482  -2.923  1.00 54.73  ? 166 SER A OG  1 
ATOM   976  N N   . SER A 1 134 ? -30.061 12.955  -5.617  1.00 44.18  ? 167 SER A N   1 
ATOM   977  C CA  . SER A 1 134 ? -29.370 12.014  -6.508  1.00 44.40  ? 167 SER A CA  1 
ATOM   978  C C   . SER A 1 134 ? -28.706 10.951  -5.686  1.00 44.68  ? 167 SER A C   1 
ATOM   979  O O   . SER A 1 134 ? -28.190 11.233  -4.592  1.00 46.66  ? 167 SER A O   1 
ATOM   980  C CB  . SER A 1 134 ? -28.320 12.709  -7.346  1.00 43.29  ? 167 SER A CB  1 
ATOM   981  O OG  . SER A 1 134 ? -27.949 11.886  -8.422  1.00 45.34  ? 167 SER A OG  1 
ATOM   982  N N   . TYR A 1 135 ? -28.702 9.731   -6.211  1.00 45.51  ? 168 TYR A N   1 
ATOM   983  C CA  . TYR A 1 135 ? -28.518 8.569   -5.352  1.00 48.04  ? 168 TYR A CA  1 
ATOM   984  C C   . TYR A 1 135 ? -27.339 7.666   -5.696  1.00 48.93  ? 168 TYR A C   1 
ATOM   985  O O   . TYR A 1 135 ? -27.143 7.259   -6.839  1.00 47.12  ? 168 TYR A O   1 
ATOM   986  C CB  . TYR A 1 135 ? -29.815 7.753   -5.308  1.00 48.42  ? 168 TYR A CB  1 
ATOM   987  C CG  . TYR A 1 135 ? -30.987 8.484   -4.645  1.00 47.70  ? 168 TYR A CG  1 
ATOM   988  C CD1 . TYR A 1 135 ? -31.090 8.547   -3.285  1.00 49.85  ? 168 TYR A CD1 1 
ATOM   989  C CD2 . TYR A 1 135 ? -31.966 9.098   -5.384  1.00 44.55  ? 168 TYR A CD2 1 
ATOM   990  C CE1 . TYR A 1 135 ? -32.135 9.199   -2.675  1.00 52.44  ? 168 TYR A CE1 1 
ATOM   991  C CE2 . TYR A 1 135 ? -33.014 9.751   -4.780  1.00 45.58  ? 168 TYR A CE2 1 
ATOM   992  C CZ  . TYR A 1 135 ? -33.090 9.804   -3.421  1.00 50.28  ? 168 TYR A CZ  1 
ATOM   993  O OH  . TYR A 1 135 ? -34.117 10.453  -2.748  1.00 58.19  ? 168 TYR A OH  1 
ATOM   994  N N   . GLN A 1 136 ? -26.549 7.392   -4.668  1.00 52.38  ? 169 GLN A N   1 
ATOM   995  C CA  . GLN A 1 136 ? -25.594 6.291   -4.638  1.00 55.00  ? 169 GLN A CA  1 
ATOM   996  C C   . GLN A 1 136 ? -24.408 6.456   -5.530  1.00 52.88  ? 169 GLN A C   1 
ATOM   997  O O   . GLN A 1 136 ? -24.124 5.606   -6.350  1.00 57.34  ? 169 GLN A O   1 
ATOM   998  C CB  . GLN A 1 136 ? -26.290 4.988   -4.942  1.00 54.63  ? 169 GLN A CB  1 
ATOM   999  C CG  . GLN A 1 136 ? -26.989 4.444   -3.741  1.00 60.11  ? 169 GLN A CG  1 
ATOM   1000 C CD  . GLN A 1 136 ? -27.935 3.355   -4.151  1.00 72.62  ? 169 GLN A CD  1 
ATOM   1001 O OE1 . GLN A 1 136 ? -27.537 2.189   -4.276  1.00 82.19  ? 169 GLN A OE1 1 
ATOM   1002 N NE2 . GLN A 1 136 ? -29.202 3.723   -4.391  1.00 75.59  ? 169 GLN A NE2 1 
ATOM   1003 N N   . GLY A 1 137 ? -23.704 7.557   -5.364  1.00 52.77  ? 170 GLY A N   1 
ATOM   1004 C CA  . GLY A 1 137 ? -22.531 7.817   -6.181  1.00 50.51  ? 170 GLY A CA  1 
ATOM   1005 C C   . GLY A 1 137 ? -21.353 7.900   -5.254  1.00 48.76  ? 170 GLY A C   1 
ATOM   1006 O O   . GLY A 1 137 ? -21.493 7.928   -4.043  1.00 46.74  ? 170 GLY A O   1 
ATOM   1007 N N   . TYR A 1 138 ? -20.180 7.893   -5.833  1.00 48.56  ? 171 TYR A N   1 
ATOM   1008 C CA  . TYR A 1 138 ? -18.998 7.961   -5.058  1.00 45.97  ? 171 TYR A CA  1 
ATOM   1009 C C   . TYR A 1 138 ? -17.905 8.461   -5.977  1.00 43.96  ? 171 TYR A C   1 
ATOM   1010 O O   . TYR A 1 138 ? -17.853 8.055   -7.134  1.00 40.29  ? 171 TYR A O   1 
ATOM   1011 C CB  . TYR A 1 138 ? -18.659 6.574   -4.512  1.00 48.68  ? 171 TYR A CB  1 
ATOM   1012 C CG  . TYR A 1 138 ? -17.538 6.651   -3.508  1.00 49.49  ? 171 TYR A CG  1 
ATOM   1013 C CD1 . TYR A 1 138 ? -17.795 6.853   -2.164  1.00 48.59  ? 171 TYR A CD1 1 
ATOM   1014 C CD2 . TYR A 1 138 ? -16.228 6.603   -3.921  1.00 49.39  ? 171 TYR A CD2 1 
ATOM   1015 C CE1 . TYR A 1 138 ? -16.768 6.961   -1.256  1.00 52.24  ? 171 TYR A CE1 1 
ATOM   1016 C CE2 . TYR A 1 138 ? -15.195 6.716   -3.026  1.00 52.55  ? 171 TYR A CE2 1 
ATOM   1017 C CZ  . TYR A 1 138 ? -15.465 6.886   -1.695  1.00 52.51  ? 171 TYR A CZ  1 
ATOM   1018 O OH  . TYR A 1 138 ? -14.413 6.994   -0.825  1.00 50.44  ? 171 TYR A OH  1 
ATOM   1019 N N   . PRO A 1 139 ? -17.048 9.364   -5.484  1.00 44.11  ? 172 PRO A N   1 
ATOM   1020 C CA  . PRO A 1 139 ? -17.072 10.030  -4.168  1.00 47.60  ? 172 PRO A CA  1 
ATOM   1021 C C   . PRO A 1 139 ? -18.088 11.171  -4.112  1.00 50.36  ? 172 PRO A C   1 
ATOM   1022 O O   . PRO A 1 139 ? -18.943 11.277  -4.989  1.00 53.00  ? 172 PRO A O   1 
ATOM   1023 C CB  . PRO A 1 139 ? -15.647 10.576  -4.012  1.00 42.73  ? 172 PRO A CB  1 
ATOM   1024 C CG  . PRO A 1 139 ? -15.153 10.746  -5.392  1.00 42.28  ? 172 PRO A CG  1 
ATOM   1025 C CD  . PRO A 1 139 ? -15.870 9.748   -6.275  1.00 42.83  ? 172 PRO A CD  1 
ATOM   1026 N N   . GLU A 1 140 ? -17.985 12.013  -3.088  1.00 52.61  ? 173 GLU A N   1 
ATOM   1027 C CA  . GLU A 1 140 ? -18.849 13.178  -2.985  1.00 55.50  ? 173 GLU A CA  1 
ATOM   1028 C C   . GLU A 1 140 ? -18.844 13.899  -4.323  1.00 57.09  ? 173 GLU A C   1 
ATOM   1029 O O   . GLU A 1 140 ? -17.813 13.954  -5.027  1.00 56.30  ? 173 GLU A O   1 
ATOM   1030 C CB  . GLU A 1 140 ? -18.415 14.104  -1.858  1.00 56.50  ? 173 GLU A CB  1 
ATOM   1031 C CG  . GLU A 1 140 ? -17.915 13.327  -0.647  1.00 73.29  ? 173 GLU A CG  1 
ATOM   1032 C CD  . GLU A 1 140 ? -18.171 13.991  0.696   1.00 88.22  ? 173 GLU A CD  1 
ATOM   1033 O OE1 . GLU A 1 140 ? -18.924 14.992  0.764   1.00 96.06  ? 173 GLU A OE1 1 
ATOM   1034 O OE2 . GLU A 1 140 ? -17.619 13.483  1.702   1.00 95.85  ? 173 GLU A OE2 1 
ATOM   1035 N N   . ALA A 1 141 ? -20.014 14.412  -4.691  1.00 54.57  ? 174 ALA A N   1 
ATOM   1036 C CA  . ALA A 1 141 ? -20.188 15.059  -5.980  1.00 54.09  ? 174 ALA A CA  1 
ATOM   1037 C C   . ALA A 1 141 ? -20.004 16.551  -5.840  1.00 52.90  ? 174 ALA A C   1 
ATOM   1038 O O   . ALA A 1 141 ? -20.064 17.069  -4.736  1.00 48.63  ? 174 ALA A O   1 
ATOM   1039 C CB  . ALA A 1 141 ? -21.574 14.767  -6.496  1.00 56.48  ? 174 ALA A CB  1 
ATOM   1040 N N   . GLU A 1 142 ? -19.758 17.234  -6.953  1.00 55.18  ? 175 GLU A N   1 
ATOM   1041 C CA  . GLU A 1 142 ? -19.836 18.692  -6.984  1.00 60.17  ? 175 GLU A CA  1 
ATOM   1042 C C   . GLU A 1 142 ? -21.242 18.961  -7.478  1.00 57.06  ? 175 GLU A C   1 
ATOM   1043 O O   . GLU A 1 142 ? -21.680 18.337  -8.461  1.00 58.17  ? 175 GLU A O   1 
ATOM   1044 C CB  . GLU A 1 142 ? -18.824 19.327  -7.967  1.00 69.26  ? 175 GLU A CB  1 
ATOM   1045 C CG  . GLU A 1 142 ? -17.328 19.068  -7.728  1.00 71.56  ? 175 GLU A CG  1 
ATOM   1046 C CD  . GLU A 1 142 ? -16.439 19.264  -8.984  1.00 74.62  ? 175 GLU A CD  1 
ATOM   1047 O OE1 . GLU A 1 142 ? -16.682 20.186  -9.825  1.00 69.02  ? 175 GLU A OE1 1 
ATOM   1048 O OE2 . GLU A 1 142 ? -15.461 18.487  -9.118  1.00 73.30  ? 175 GLU A OE2 1 
ATOM   1049 N N   . VAL A 1 143 ? -21.949 19.860  -6.791  1.00 53.03  ? 176 VAL A N   1 
ATOM   1050 C CA  . VAL A 1 143 ? -23.319 20.247  -7.170  1.00 54.63  ? 176 VAL A CA  1 
ATOM   1051 C C   . VAL A 1 143 ? -23.415 21.698  -7.686  1.00 53.16  ? 176 VAL A C   1 
ATOM   1052 O O   . VAL A 1 143 ? -22.934 22.637  -7.031  1.00 46.78  ? 176 VAL A O   1 
ATOM   1053 C CB  . VAL A 1 143 ? -24.270 20.129  -5.961  1.00 55.25  ? 176 VAL A CB  1 
ATOM   1054 C CG1 . VAL A 1 143 ? -25.699 20.467  -6.358  1.00 57.71  ? 176 VAL A CG1 1 
ATOM   1055 C CG2 . VAL A 1 143 ? -24.218 18.735  -5.372  1.00 56.35  ? 176 VAL A CG2 1 
ATOM   1056 N N   . PHE A 1 144 ? -24.081 21.876  -8.826  1.00 49.46  ? 177 PHE A N   1 
ATOM   1057 C CA  . PHE A 1 144 ? -24.247 23.187  -9.422  1.00 52.88  ? 177 PHE A CA  1 
ATOM   1058 C C   . PHE A 1 144 ? -25.703 23.446  -9.686  1.00 53.99  ? 177 PHE A C   1 
ATOM   1059 O O   . PHE A 1 144 ? -26.363 22.640  -10.348 1.00 56.66  ? 177 PHE A O   1 
ATOM   1060 C CB  . PHE A 1 144 ? -23.512 23.294  -10.764 1.00 57.11  ? 177 PHE A CB  1 
ATOM   1061 C CG  . PHE A 1 144 ? -22.049 23.006  -10.675 1.00 63.12  ? 177 PHE A CG  1 
ATOM   1062 C CD1 . PHE A 1 144 ? -21.541 21.776  -11.096 1.00 72.28  ? 177 PHE A CD1 1 
ATOM   1063 C CD2 . PHE A 1 144 ? -21.185 23.941  -10.172 1.00 62.03  ? 177 PHE A CD2 1 
ATOM   1064 C CE1 . PHE A 1 144 ? -20.190 21.492  -11.013 1.00 69.19  ? 177 PHE A CE1 1 
ATOM   1065 C CE2 . PHE A 1 144 ? -19.835 23.670  -10.091 1.00 69.99  ? 177 PHE A CE2 1 
ATOM   1066 C CZ  . PHE A 1 144 ? -19.333 22.441  -10.502 1.00 69.03  ? 177 PHE A CZ  1 
ATOM   1067 N N   . TRP A 1 145 ? -26.197 24.579  -9.187  1.00 56.95  ? 178 TRP A N   1 
ATOM   1068 C CA  . TRP A 1 145 ? -27.530 25.086  -9.543  1.00 54.95  ? 178 TRP A CA  1 
ATOM   1069 C C   . TRP A 1 145 ? -27.416 26.141  -10.621 1.00 57.66  ? 178 TRP A C   1 
ATOM   1070 O O   . TRP A 1 145 ? -26.560 27.003  -10.556 1.00 68.32  ? 178 TRP A O   1 
ATOM   1071 C CB  . TRP A 1 145 ? -28.171 25.716  -8.328  1.00 53.40  ? 178 TRP A CB  1 
ATOM   1072 C CG  . TRP A 1 145 ? -28.659 24.723  -7.355  1.00 55.04  ? 178 TRP A CG  1 
ATOM   1073 C CD1 . TRP A 1 145 ? -28.037 24.303  -6.213  1.00 55.54  ? 178 TRP A CD1 1 
ATOM   1074 C CD2 . TRP A 1 145 ? -29.873 24.000  -7.439  1.00 51.55  ? 178 TRP A CD2 1 
ATOM   1075 N NE1 . TRP A 1 145 ? -28.798 23.358  -5.584  1.00 53.04  ? 178 TRP A NE1 1 
ATOM   1076 C CE2 . TRP A 1 145 ? -29.937 23.163  -6.319  1.00 53.37  ? 178 TRP A CE2 1 
ATOM   1077 C CE3 . TRP A 1 145 ? -30.922 23.993  -8.347  1.00 55.91  ? 178 TRP A CE3 1 
ATOM   1078 C CZ2 . TRP A 1 145 ? -31.007 22.334  -6.086  1.00 57.56  ? 178 TRP A CZ2 1 
ATOM   1079 C CZ3 . TRP A 1 145 ? -31.983 23.167  -8.124  1.00 59.01  ? 178 TRP A CZ3 1 
ATOM   1080 C CH2 . TRP A 1 145 ? -32.025 22.350  -7.002  1.00 60.97  ? 178 TRP A CH2 1 
ATOM   1081 N N   . LYS A 1 146 ? -28.276 26.100  -11.612 1.00 61.01  ? 179 LYS A N   1 
ATOM   1082 C CA  . LYS A 1 146 ? -28.208 27.101  -12.671 1.00 63.90  ? 179 LYS A CA  1 
ATOM   1083 C C   . LYS A 1 146 ? -29.541 27.283  -13.370 1.00 69.93  ? 179 LYS A C   1 
ATOM   1084 O O   . LYS A 1 146 ? -30.380 26.395  -13.380 1.00 80.58  ? 179 LYS A O   1 
ATOM   1085 C CB  . LYS A 1 146 ? -27.168 26.700  -13.691 1.00 64.28  ? 179 LYS A CB  1 
ATOM   1086 C CG  . LYS A 1 146 ? -27.257 25.253  -14.130 1.00 66.04  ? 179 LYS A CG  1 
ATOM   1087 C CD  . LYS A 1 146 ? -26.453 25.024  -15.395 1.00 68.81  ? 179 LYS A CD  1 
ATOM   1088 C CE  . LYS A 1 146 ? -26.086 23.558  -15.589 1.00 74.39  ? 179 LYS A CE  1 
ATOM   1089 N NZ  . LYS A 1 146 ? -26.135 23.149  -17.032 1.00 77.82  ? 179 LYS A NZ  1 
ATOM   1090 N N   . ASP A 1 147 ? -29.734 28.454  -13.950 1.00 72.50  ? 180 ASP A N   1 
ATOM   1091 C CA  . ASP A 1 147 ? -30.926 28.720  -14.737 1.00 68.11  ? 180 ASP A CA  1 
ATOM   1092 C C   . ASP A 1 147 ? -30.806 28.044  -16.109 1.00 67.65  ? 180 ASP A C   1 
ATOM   1093 O O   . ASP A 1 147 ? -29.906 27.227  -16.336 1.00 67.12  ? 180 ASP A O   1 
ATOM   1094 C CB  . ASP A 1 147 ? -31.167 30.228  -14.842 1.00 68.22  ? 180 ASP A CB  1 
ATOM   1095 C CG  . ASP A 1 147 ? -30.225 30.915  -15.795 1.00 71.31  ? 180 ASP A CG  1 
ATOM   1096 O OD1 . ASP A 1 147 ? -29.811 30.267  -16.792 1.00 64.32  ? 180 ASP A OD1 1 
ATOM   1097 O OD2 . ASP A 1 147 ? -29.923 32.113  -15.533 1.00 74.33  ? 180 ASP A OD2 1 
ATOM   1098 N N   . GLY A 1 148 ? -31.709 28.383  -17.017 1.00 66.73  ? 181 GLY A N   1 
ATOM   1099 C CA  . GLY A 1 148 ? -31.870 27.635  -18.262 1.00 68.76  ? 181 GLY A CA  1 
ATOM   1100 C C   . GLY A 1 148 ? -30.913 28.006  -19.368 1.00 70.20  ? 181 GLY A C   1 
ATOM   1101 O O   . GLY A 1 148 ? -30.927 27.413  -20.438 1.00 68.62  ? 181 GLY A O   1 
ATOM   1102 N N   . GLN A 1 149 ? -30.070 28.992  -19.122 1.00 77.64  ? 182 GLN A N   1 
ATOM   1103 C CA  . GLN A 1 149 ? -29.076 29.397  -20.111 1.00 81.86  ? 182 GLN A CA  1 
ATOM   1104 C C   . GLN A 1 149 ? -27.673 29.191  -19.520 1.00 80.34  ? 182 GLN A C   1 
ATOM   1105 O O   . GLN A 1 149 ? -26.706 29.762  -19.980 1.00 83.72  ? 182 GLN A O   1 
ATOM   1106 C CB  . GLN A 1 149 ? -29.339 30.840  -20.537 1.00 94.10  ? 182 GLN A CB  1 
ATOM   1107 C CG  . GLN A 1 149 ? -29.818 31.720  -19.385 1.00 103.72 ? 182 GLN A CG  1 
ATOM   1108 C CD  . GLN A 1 149 ? -30.313 33.073  -19.821 1.00 106.01 ? 182 GLN A CD  1 
ATOM   1109 O OE1 . GLN A 1 149 ? -30.248 33.424  -21.002 1.00 101.77 ? 182 GLN A OE1 1 
ATOM   1110 N NE2 . GLN A 1 149 ? -30.829 33.843  -18.861 1.00 106.39 ? 182 GLN A NE2 1 
ATOM   1111 N N   . GLY A 1 150 ? -27.579 28.344  -18.499 1.00 77.68  ? 183 GLY A N   1 
ATOM   1112 C CA  . GLY A 1 150 ? -26.306 27.860  -18.004 1.00 70.38  ? 183 GLY A CA  1 
ATOM   1113 C C   . GLY A 1 150 ? -25.761 28.701  -16.882 1.00 65.10  ? 183 GLY A C   1 
ATOM   1114 O O   . GLY A 1 150 ? -24.650 28.436  -16.394 1.00 69.72  ? 183 GLY A O   1 
ATOM   1115 N N   . VAL A 1 151 ? -26.554 29.673  -16.440 1.00 52.97  ? 184 VAL A N   1 
ATOM   1116 C CA  . VAL A 1 151 ? -26.053 30.712  -15.550 1.00 57.15  ? 184 VAL A CA  1 
ATOM   1117 C C   . VAL A 1 151 ? -26.343 30.412  -14.081 1.00 57.27  ? 184 VAL A C   1 
ATOM   1118 O O   . VAL A 1 151 ? -27.488 30.156  -13.712 1.00 59.31  ? 184 VAL A O   1 
ATOM   1119 C CB  . VAL A 1 151 ? -26.661 32.097  -15.913 1.00 56.40  ? 184 VAL A CB  1 
ATOM   1120 C CG1 . VAL A 1 151 ? -26.454 33.106  -14.787 1.00 57.41  ? 184 VAL A CG1 1 
ATOM   1121 C CG2 . VAL A 1 151 ? -26.096 32.618  -17.234 1.00 52.73  ? 184 VAL A CG2 1 
ATOM   1122 N N   . PRO A 1 152 ? -25.318 30.481  -13.221 1.00 58.08  ? 185 PRO A N   1 
ATOM   1123 C CA  . PRO A 1 152 ? -25.571 30.197  -11.808 1.00 63.24  ? 185 PRO A CA  1 
ATOM   1124 C C   . PRO A 1 152 ? -26.750 30.956  -11.259 1.00 68.78  ? 185 PRO A C   1 
ATOM   1125 O O   . PRO A 1 152 ? -26.858 32.159  -11.483 1.00 70.94  ? 185 PRO A O   1 
ATOM   1126 C CB  . PRO A 1 152 ? -24.296 30.649  -11.095 1.00 59.18  ? 185 PRO A CB  1 
ATOM   1127 C CG  . PRO A 1 152 ? -23.282 30.855  -12.161 1.00 62.07  ? 185 PRO A CG  1 
ATOM   1128 C CD  . PRO A 1 152 ? -23.886 30.539  -13.510 1.00 59.51  ? 185 PRO A CD  1 
ATOM   1129 N N   . LEU A 1 153 ? -27.626 30.234  -10.561 1.00 76.72  ? 186 LEU A N   1 
ATOM   1130 C CA  . LEU A 1 153 ? -28.735 30.832  -9.825  1.00 73.52  ? 186 LEU A CA  1 
ATOM   1131 C C   . LEU A 1 153 ? -28.159 31.387  -8.547  1.00 77.95  ? 186 LEU A C   1 
ATOM   1132 O O   . LEU A 1 153 ? -27.262 30.780  -7.946  1.00 71.43  ? 186 LEU A O   1 
ATOM   1133 C CB  . LEU A 1 153 ? -29.808 29.793  -9.484  1.00 68.73  ? 186 LEU A CB  1 
ATOM   1134 C CG  . LEU A 1 153 ? -30.383 29.076  -10.710 1.00 73.70  ? 186 LEU A CG  1 
ATOM   1135 C CD1 . LEU A 1 153 ? -31.026 27.739  -10.377 1.00 72.16  ? 186 LEU A CD1 1 
ATOM   1136 C CD2 . LEU A 1 153 ? -31.360 29.975  -11.439 1.00 75.87  ? 186 LEU A CD2 1 
ATOM   1137 N N   . THR A 1 154 ? -28.654 32.555  -8.153  1.00 89.51  ? 187 THR A N   1 
ATOM   1138 C CA  . THR A 1 154 ? -28.341 33.109  -6.840  1.00 96.07  ? 187 THR A CA  1 
ATOM   1139 C C   . THR A 1 154 ? -29.430 32.622  -5.882  1.00 87.27  ? 187 THR A C   1 
ATOM   1140 O O   . THR A 1 154 ? -30.559 32.335  -6.291  1.00 74.89  ? 187 THR A O   1 
ATOM   1141 C CB  . THR A 1 154 ? -28.263 34.654  -6.853  1.00 101.88 ? 187 THR A CB  1 
ATOM   1142 O OG1 . THR A 1 154 ? -29.575 35.198  -7.041  1.00 99.50  ? 187 THR A OG1 1 
ATOM   1143 C CG2 . THR A 1 154 ? -27.321 35.163  -7.967  1.00 100.70 ? 187 THR A CG2 1 
ATOM   1144 N N   . GLY A 1 155 ? -29.083 32.515  -4.611  1.00 82.00  ? 188 GLY A N   1 
ATOM   1145 C CA  . GLY A 1 155 ? -29.979 31.910  -3.646  1.00 84.82  ? 188 GLY A CA  1 
ATOM   1146 C C   . GLY A 1 155 ? -29.203 31.191  -2.572  1.00 83.48  ? 188 GLY A C   1 
ATOM   1147 O O   . GLY A 1 155 ? -27.995 30.985  -2.678  1.00 79.83  ? 188 GLY A O   1 
ATOM   1148 N N   . ASN A 1 156 ? -29.899 30.830  -1.514  1.00 85.53  ? 189 ASN A N   1 
ATOM   1149 C CA  . ASN A 1 156 ? -29.279 30.072  -0.464  1.00 90.89  ? 189 ASN A CA  1 
ATOM   1150 C C   . ASN A 1 156 ? -29.437 28.642  -0.910  1.00 82.97  ? 189 ASN A C   1 
ATOM   1151 O O   . ASN A 1 156 ? -30.543 28.247  -1.263  1.00 80.05  ? 189 ASN A O   1 
ATOM   1152 C CB  . ASN A 1 156 ? -29.968 30.354  0.867   1.00 99.38  ? 189 ASN A CB  1 
ATOM   1153 C CG  . ASN A 1 156 ? -30.043 31.851  1.175   1.00 112.54 ? 189 ASN A CG  1 
ATOM   1154 O OD1 . ASN A 1 156 ? -29.037 32.557  1.121   1.00 113.20 ? 189 ASN A OD1 1 
ATOM   1155 N ND2 . ASN A 1 156 ? -31.241 32.343  1.484   1.00 125.37 ? 189 ASN A ND2 1 
ATOM   1156 N N   . VAL A 1 157 ? -28.331 27.897  -0.985  1.00 74.07  ? 190 VAL A N   1 
ATOM   1157 C CA  . VAL A 1 157 ? -28.406 26.455  -1.220  1.00 71.09  ? 190 VAL A CA  1 
ATOM   1158 C C   . VAL A 1 157 ? -27.761 25.722  -0.059  1.00 69.12  ? 190 VAL A C   1 
ATOM   1159 O O   . VAL A 1 157 ? -26.667 26.059  0.374   1.00 63.39  ? 190 VAL A O   1 
ATOM   1160 C CB  . VAL A 1 157 ? -27.818 25.965  -2.585  1.00 72.85  ? 190 VAL A CB  1 
ATOM   1161 C CG1 . VAL A 1 157 ? -27.687 27.098  -3.582  1.00 75.54  ? 190 VAL A CG1 1 
ATOM   1162 C CG2 . VAL A 1 157 ? -26.480 25.259  -2.443  1.00 72.51  ? 190 VAL A CG2 1 
ATOM   1163 N N   . THR A 1 158 ? -28.493 24.743  0.457   1.00 69.22  ? 191 THR A N   1 
ATOM   1164 C CA  . THR A 1 158 ? -27.982 23.795  1.411   1.00 71.45  ? 191 THR A CA  1 
ATOM   1165 C C   . THR A 1 158 ? -27.822 22.483  0.669   1.00 73.11  ? 191 THR A C   1 
ATOM   1166 O O   . THR A 1 158 ? -28.762 21.983  0.018   1.00 69.27  ? 191 THR A O   1 
ATOM   1167 C CB  . THR A 1 158 ? -28.964 23.591  2.574   1.00 77.71  ? 191 THR A CB  1 
ATOM   1168 O OG1 . THR A 1 158 ? -28.842 24.687  3.474   1.00 79.28  ? 191 THR A OG1 1 
ATOM   1169 C CG2 . THR A 1 158 ? -28.686 22.274  3.349   1.00 80.10  ? 191 THR A CG2 1 
ATOM   1170 N N   . THR A 1 159 ? -26.637 21.905  0.779   1.00 65.81  ? 192 THR A N   1 
ATOM   1171 C CA  . THR A 1 159 ? -26.425 20.627  0.168   1.00 61.10  ? 192 THR A CA  1 
ATOM   1172 C C   . THR A 1 159 ? -25.783 19.711  1.144   1.00 59.92  ? 192 THR A C   1 
ATOM   1173 O O   . THR A 1 159 ? -24.728 20.028  1.662   1.00 61.13  ? 192 THR A O   1 
ATOM   1174 C CB  . THR A 1 159 ? -25.525 20.769  -1.034  1.00 60.97  ? 192 THR A CB  1 
ATOM   1175 O OG1 . THR A 1 159 ? -26.185 21.596  -1.996  1.00 64.57  ? 192 THR A OG1 1 
ATOM   1176 C CG2 . THR A 1 159 ? -25.250 19.422  -1.625  1.00 65.50  ? 192 THR A CG2 1 
ATOM   1177 N N   . SER A 1 160 ? -26.418 18.575  1.402   1.00 61.79  ? 193 SER A N   1 
ATOM   1178 C CA  . SER A 1 160 ? -25.782 17.558  2.197   1.00 63.59  ? 193 SER A CA  1 
ATOM   1179 C C   . SER A 1 160 ? -25.678 16.246  1.424   1.00 61.91  ? 193 SER A C   1 
ATOM   1180 O O   . SER A 1 160 ? -26.512 15.941  0.548   1.00 58.60  ? 193 SER A O   1 
ATOM   1181 C CB  . SER A 1 160 ? -26.522 17.366  3.512   1.00 65.33  ? 193 SER A CB  1 
ATOM   1182 O OG  . SER A 1 160 ? -27.602 16.482  3.331   1.00 78.20  ? 193 SER A OG  1 
ATOM   1183 N N   . GLN A 1 161 ? -24.635 15.489  1.780   1.00 55.75  ? 194 GLN A N   1 
ATOM   1184 C CA  . GLN A 1 161 ? -24.333 14.206  1.179   1.00 56.85  ? 194 GLN A CA  1 
ATOM   1185 C C   . GLN A 1 161 ? -24.149 13.118  2.243   1.00 54.17  ? 194 GLN A C   1 
ATOM   1186 O O   . GLN A 1 161 ? -23.267 13.194  3.082   1.00 53.14  ? 194 GLN A O   1 
ATOM   1187 C CB  . GLN A 1 161 ? -23.052 14.312  0.343   1.00 57.97  ? 194 GLN A CB  1 
ATOM   1188 C CG  . GLN A 1 161 ? -22.964 15.582  -0.482  1.00 57.91  ? 194 GLN A CG  1 
ATOM   1189 C CD  . GLN A 1 161 ? -22.121 15.434  -1.737  1.00 58.81  ? 194 GLN A CD  1 
ATOM   1190 O OE1 . GLN A 1 161 ? -21.919 14.334  -2.251  1.00 56.38  ? 194 GLN A OE1 1 
ATOM   1191 N NE2 . GLN A 1 161 ? -21.662 16.564  -2.268  1.00 59.63  ? 194 GLN A NE2 1 
ATOM   1192 N N   . MET A 1 162 ? -24.953 12.073  2.154   1.00 55.96  ? 195 MET A N   1 
ATOM   1193 C CA  . MET A 1 162 ? -25.083 11.092  3.209   1.00 56.82  ? 195 MET A CA  1 
ATOM   1194 C C   . MET A 1 162 ? -24.700 9.734   2.690   1.00 55.66  ? 195 MET A C   1 
ATOM   1195 O O   . MET A 1 162 ? -25.207 9.286   1.676   1.00 57.52  ? 195 MET A O   1 
ATOM   1196 C CB  . MET A 1 162 ? -26.531 11.037  3.668   1.00 63.63  ? 195 MET A CB  1 
ATOM   1197 C CG  . MET A 1 162 ? -27.117 12.392  4.030   1.00 71.79  ? 195 MET A CG  1 
ATOM   1198 S SD  . MET A 1 162 ? -26.363 12.969  5.565   1.00 82.26  ? 195 MET A SD  1 
ATOM   1199 C CE  . MET A 1 162 ? -27.509 14.302  5.950   1.00 97.87  ? 195 MET A CE  1 
ATOM   1200 N N   . ALA A 1 163 ? -23.831 9.066   3.432   1.00 56.58  ? 196 ALA A N   1 
ATOM   1201 C CA  . ALA A 1 163 ? -23.256 7.813   3.013   1.00 50.98  ? 196 ALA A CA  1 
ATOM   1202 C C   . ALA A 1 163 ? -24.041 6.662   3.591   1.00 50.29  ? 196 ALA A C   1 
ATOM   1203 O O   . ALA A 1 163 ? -24.378 6.682   4.760   1.00 49.01  ? 196 ALA A O   1 
ATOM   1204 C CB  . ALA A 1 163 ? -21.834 7.759   3.507   1.00 52.30  ? 196 ALA A CB  1 
ATOM   1205 N N   . ASN A 1 164 ? -24.333 5.651   2.789   1.00 55.12  ? 197 ASN A N   1 
ATOM   1206 C CA  . ASN A 1 164 ? -25.051 4.471   3.290   1.00 55.27  ? 197 ASN A CA  1 
ATOM   1207 C C   . ASN A 1 164 ? -24.116 3.394   3.882   1.00 56.02  ? 197 ASN A C   1 
ATOM   1208 O O   . ASN A 1 164 ? -22.939 3.647   4.080   1.00 53.50  ? 197 ASN A O   1 
ATOM   1209 C CB  . ASN A 1 164 ? -25.929 3.900   2.178   1.00 54.03  ? 197 ASN A CB  1 
ATOM   1210 C CG  . ASN A 1 164 ? -25.129 3.261   1.088   1.00 52.11  ? 197 ASN A CG  1 
ATOM   1211 O OD1 . ASN A 1 164 ? -23.963 2.944   1.271   1.00 51.40  ? 197 ASN A OD1 1 
ATOM   1212 N ND2 . ASN A 1 164 ? -25.744 3.083   -0.065  1.00 56.73  ? 197 ASN A ND2 1 
ATOM   1213 N N   . GLU A 1 165 ? -24.648 2.206   4.168   1.00 62.28  ? 198 GLU A N   1 
ATOM   1214 C CA  . GLU A 1 165 ? -23.845 1.111   4.747   1.00 66.07  ? 198 GLU A CA  1 
ATOM   1215 C C   . GLU A 1 165 ? -22.611 0.820   3.925   1.00 62.37  ? 198 GLU A C   1 
ATOM   1216 O O   . GLU A 1 165 ? -21.546 0.634   4.478   1.00 77.30  ? 198 GLU A O   1 
ATOM   1217 C CB  . GLU A 1 165 ? -24.631 -0.206  5.006   1.00 75.04  ? 198 GLU A CB  1 
ATOM   1218 C CG  . GLU A 1 165 ? -26.090 -0.294  4.545   1.00 90.01  ? 198 GLU A CG  1 
ATOM   1219 C CD  . GLU A 1 165 ? -26.245 -0.517  3.044   1.00 102.94 ? 198 GLU A CD  1 
ATOM   1220 O OE1 . GLU A 1 165 ? -26.732 0.408   2.343   1.00 107.59 ? 198 GLU A OE1 1 
ATOM   1221 O OE2 . GLU A 1 165 ? -25.891 -1.626  2.568   1.00 109.56 ? 198 GLU A OE2 1 
ATOM   1222 N N   . ARG A 1 166 ? -22.741 0.817   2.607   1.00 61.29  ? 199 ARG A N   1 
ATOM   1223 C CA  . ARG A 1 166 ? -21.636 0.471   1.698   1.00 55.42  ? 199 ARG A CA  1 
ATOM   1224 C C   . ARG A 1 166 ? -20.734 1.645   1.330   1.00 50.64  ? 199 ARG A C   1 
ATOM   1225 O O   . ARG A 1 166 ? -19.910 1.515   0.440   1.00 52.65  ? 199 ARG A O   1 
ATOM   1226 C CB  . ARG A 1 166 ? -22.192 -0.075  0.381   1.00 59.34  ? 199 ARG A CB  1 
ATOM   1227 C CG  . ARG A 1 166 ? -23.231 -1.170  0.502   1.00 67.14  ? 199 ARG A CG  1 
ATOM   1228 C CD  . ARG A 1 166 ? -23.610 -1.744  -0.868  1.00 80.00  ? 199 ARG A CD  1 
ATOM   1229 N NE  . ARG A 1 166 ? -24.316 -0.807  -1.766  1.00 84.74  ? 199 ARG A NE  1 
ATOM   1230 C CZ  . ARG A 1 166 ? -25.596 -0.427  -1.641  1.00 93.27  ? 199 ARG A CZ  1 
ATOM   1231 N NH1 . ARG A 1 166 ? -26.355 -0.871  -0.636  1.00 100.98 ? 199 ARG A NH1 1 
ATOM   1232 N NH2 . ARG A 1 166 ? -26.128 0.419   -2.526  1.00 91.33  ? 199 ARG A NH2 1 
ATOM   1233 N N   . GLY A 1 167 ? -20.917 2.804   1.947   1.00 48.53  ? 200 GLY A N   1 
ATOM   1234 C CA  . GLY A 1 167 ? -20.063 3.963   1.664   1.00 46.29  ? 200 GLY A CA  1 
ATOM   1235 C C   . GLY A 1 167 ? -20.548 4.902   0.582   1.00 46.34  ? 200 GLY A C   1 
ATOM   1236 O O   . GLY A 1 167 ? -19.962 5.954   0.384   1.00 44.73  ? 200 GLY A O   1 
ATOM   1237 N N   . LEU A 1 168 ? -21.622 4.541   -0.116  1.00 47.38  ? 201 LEU A N   1 
ATOM   1238 C CA  . LEU A 1 168 ? -22.063 5.324   -1.261  1.00 47.21  ? 201 LEU A CA  1 
ATOM   1239 C C   . LEU A 1 168 ? -22.837 6.537   -0.802  1.00 49.86  ? 201 LEU A C   1 
ATOM   1240 O O   . LEU A 1 168 ? -23.507 6.477   0.221   1.00 59.08  ? 201 LEU A O   1 
ATOM   1241 C CB  . LEU A 1 168 ? -22.923 4.458   -2.163  1.00 50.23  ? 201 LEU A CB  1 
ATOM   1242 C CG  . LEU A 1 168 ? -22.250 3.538   -3.218  1.00 51.23  ? 201 LEU A CG  1 
ATOM   1243 C CD1 . LEU A 1 168 ? -20.754 3.372   -3.067  1.00 50.89  ? 201 LEU A CD1 1 
ATOM   1244 C CD2 . LEU A 1 168 ? -22.885 2.178   -3.248  1.00 49.08  ? 201 LEU A CD2 1 
ATOM   1245 N N   . PHE A 1 169 ? -22.751 7.633   -1.553  1.00 48.36  ? 202 PHE A N   1 
ATOM   1246 C CA  . PHE A 1 169 ? -23.434 8.897   -1.189  1.00 45.02  ? 202 PHE A CA  1 
ATOM   1247 C C   . PHE A 1 169 ? -24.750 9.136   -1.881  1.00 45.59  ? 202 PHE A C   1 
ATOM   1248 O O   . PHE A 1 169 ? -24.872 8.943   -3.117  1.00 44.78  ? 202 PHE A O   1 
ATOM   1249 C CB  . PHE A 1 169 ? -22.572 10.089  -1.549  1.00 44.50  ? 202 PHE A CB  1 
ATOM   1250 C CG  . PHE A 1 169 ? -21.412 10.215  -0.683  1.00 47.98  ? 202 PHE A CG  1 
ATOM   1251 C CD1 . PHE A 1 169 ? -21.572 10.658  0.612   1.00 48.97  ? 202 PHE A CD1 1 
ATOM   1252 C CD2 . PHE A 1 169 ? -20.171 9.808   -1.106  1.00 52.46  ? 202 PHE A CD2 1 
ATOM   1253 C CE1 . PHE A 1 169 ? -20.500 10.732  1.466   1.00 45.49  ? 202 PHE A CE1 1 
ATOM   1254 C CE2 . PHE A 1 169 ? -19.089 9.876   -0.247  1.00 50.75  ? 202 PHE A CE2 1 
ATOM   1255 C CZ  . PHE A 1 169 ? -19.262 10.347  1.038   1.00 44.92  ? 202 PHE A CZ  1 
ATOM   1256 N N   . ASP A 1 170 ? -25.707 9.620   -1.097  1.00 44.69  ? 203 ASP A N   1 
ATOM   1257 C CA  . ASP A 1 170 ? -26.923 10.196  -1.642  1.00 49.81  ? 203 ASP A CA  1 
ATOM   1258 C C   . ASP A 1 170 ? -26.798 11.670  -1.402  1.00 49.39  ? 203 ASP A C   1 
ATOM   1259 O O   . ASP A 1 170 ? -26.511 12.090  -0.286  1.00 44.84  ? 203 ASP A O   1 
ATOM   1260 C CB  . ASP A 1 170 ? -28.164 9.640   -0.952  1.00 52.51  ? 203 ASP A CB  1 
ATOM   1261 C CG  . ASP A 1 170 ? -28.405 8.182   -1.276  1.00 55.99  ? 203 ASP A CG  1 
ATOM   1262 O OD1 . ASP A 1 170 ? -27.896 7.711   -2.319  1.00 54.97  ? 203 ASP A OD1 1 
ATOM   1263 O OD2 . ASP A 1 170 ? -29.106 7.510   -0.481  1.00 58.17  ? 203 ASP A OD2 1 
ATOM   1264 N N   . VAL A 1 171 ? -26.963 12.464  -2.451  1.00 53.10  ? 204 VAL A N   1 
ATOM   1265 C CA  . VAL A 1 171 ? -26.845 13.915  -2.274  1.00 57.34  ? 204 VAL A CA  1 
ATOM   1266 C C   . VAL A 1 171 ? -28.210 14.535  -2.377  1.00 51.59  ? 204 VAL A C   1 
ATOM   1267 O O   . VAL A 1 171 ? -29.004 14.175  -3.248  1.00 50.01  ? 204 VAL A O   1 
ATOM   1268 C CB  . VAL A 1 171 ? -25.828 14.626  -3.216  1.00 60.69  ? 204 VAL A CB  1 
ATOM   1269 C CG1 . VAL A 1 171 ? -25.533 13.836  -4.464  1.00 63.21  ? 204 VAL A CG1 1 
ATOM   1270 C CG2 . VAL A 1 171 ? -26.316 16.013  -3.607  1.00 64.67  ? 204 VAL A CG2 1 
ATOM   1271 N N   . HIS A 1 172 ? -28.446 15.460  -1.450  1.00 51.50  ? 205 HIS A N   1 
ATOM   1272 C CA  . HIS A 1 172 ? -29.711 16.149  -1.289  1.00 51.60  ? 205 HIS A CA  1 
ATOM   1273 C C   . HIS A 1 172 ? -29.409 17.622  -1.172  1.00 51.05  ? 205 HIS A C   1 
ATOM   1274 O O   . HIS A 1 172 ? -28.828 18.072  -0.169  1.00 50.84  ? 205 HIS A O   1 
ATOM   1275 C CB  . HIS A 1 172 ? -30.384 15.688  0.000   1.00 53.52  ? 205 HIS A CB  1 
ATOM   1276 C CG  . HIS A 1 172 ? -30.798 14.257  -0.023  1.00 54.63  ? 205 HIS A CG  1 
ATOM   1277 N ND1 . HIS A 1 172 ? -31.787 13.784  -0.864  1.00 53.38  ? 205 HIS A ND1 1 
ATOM   1278 C CD2 . HIS A 1 172 ? -30.344 13.186  0.674   1.00 56.49  ? 205 HIS A CD2 1 
ATOM   1279 C CE1 . HIS A 1 172 ? -31.933 12.483  -0.673  1.00 55.75  ? 205 HIS A CE1 1 
ATOM   1280 N NE2 . HIS A 1 172 ? -31.069 12.096  0.257   1.00 57.28  ? 205 HIS A NE2 1 
ATOM   1281 N N   . SER A 1 173 ? -29.766 18.363  -2.209  1.00 50.72  ? 206 SER A N   1 
ATOM   1282 C CA  . SER A 1 173 ? -29.429 19.779  -2.279  1.00 55.48  ? 206 SER A CA  1 
ATOM   1283 C C   . SER A 1 173 ? -30.702 20.593  -2.416  1.00 58.43  ? 206 SER A C   1 
ATOM   1284 O O   . SER A 1 173 ? -31.571 20.316  -3.282  1.00 50.76  ? 206 SER A O   1 
ATOM   1285 C CB  . SER A 1 173 ? -28.491 20.066  -3.459  1.00 54.20  ? 206 SER A CB  1 
ATOM   1286 O OG  . SER A 1 173 ? -28.219 21.451  -3.581  1.00 50.78  ? 206 SER A OG  1 
ATOM   1287 N N   . VAL A 1 174 ? -30.783 21.611  -1.565  1.00 61.13  ? 207 VAL A N   1 
ATOM   1288 C CA  . VAL A 1 174 ? -31.965 22.438  -1.441  1.00 65.92  ? 207 VAL A CA  1 
ATOM   1289 C C   . VAL A 1 174 ? -31.643 23.878  -1.783  1.00 62.44  ? 207 VAL A C   1 
ATOM   1290 O O   . VAL A 1 174 ? -30.841 24.512  -1.124  1.00 56.14  ? 207 VAL A O   1 
ATOM   1291 C CB  . VAL A 1 174 ? -32.527 22.410  0.000   1.00 75.02  ? 207 VAL A CB  1 
ATOM   1292 C CG1 . VAL A 1 174 ? -33.859 23.146  0.065   1.00 81.73  ? 207 VAL A CG1 1 
ATOM   1293 C CG2 . VAL A 1 174 ? -32.698 20.981  0.492   1.00 76.80  ? 207 VAL A CG2 1 
ATOM   1294 N N   . LEU A 1 175 ? -32.304 24.391  -2.807  1.00 69.00  ? 208 LEU A N   1 
ATOM   1295 C CA  . LEU A 1 175 ? -32.198 25.789  -3.179  1.00 77.03  ? 208 LEU A CA  1 
ATOM   1296 C C   . LEU A 1 175 ? -33.450 26.538  -2.733  1.00 83.83  ? 208 LEU A C   1 
ATOM   1297 O O   . LEU A 1 175 ? -34.558 26.148  -3.091  1.00 86.16  ? 208 LEU A O   1 
ATOM   1298 C CB  . LEU A 1 175 ? -32.102 25.874  -4.694  1.00 79.31  ? 208 LEU A CB  1 
ATOM   1299 C CG  . LEU A 1 175 ? -31.467 27.085  -5.369  1.00 80.17  ? 208 LEU A CG  1 
ATOM   1300 C CD1 . LEU A 1 175 ? -32.233 27.350  -6.662  1.00 78.55  ? 208 LEU A CD1 1 
ATOM   1301 C CD2 . LEU A 1 175 ? -31.396 28.321  -4.481  1.00 81.45  ? 208 LEU A CD2 1 
ATOM   1302 N N   . ARG A 1 176 ? -33.274 27.607  -1.959  1.00 95.57  ? 209 ARG A N   1 
ATOM   1303 C CA  . ARG A 1 176 ? -34.359 28.559  -1.681  1.00 99.33  ? 209 ARG A CA  1 
ATOM   1304 C C   . ARG A 1 176 ? -34.204 29.784  -2.590  1.00 101.47 ? 209 ARG A C   1 
ATOM   1305 O O   . ARG A 1 176 ? -33.194 30.501  -2.538  1.00 95.81  ? 209 ARG A O   1 
ATOM   1306 C CB  . ARG A 1 176 ? -34.382 28.960  -0.202  1.00 103.70 ? 209 ARG A CB  1 
ATOM   1307 C CG  . ARG A 1 176 ? -35.035 27.915  0.693   1.00 111.36 ? 209 ARG A CG  1 
ATOM   1308 C CD  . ARG A 1 176 ? -34.624 28.056  2.152   1.00 118.21 ? 209 ARG A CD  1 
ATOM   1309 N NE  . ARG A 1 176 ? -34.819 29.428  2.616   1.00 131.73 ? 209 ARG A NE  1 
ATOM   1310 C CZ  . ARG A 1 176 ? -33.872 30.232  3.104   1.00 139.99 ? 209 ARG A CZ  1 
ATOM   1311 N NH1 . ARG A 1 176 ? -32.607 29.831  3.248   1.00 141.87 ? 209 ARG A NH1 1 
ATOM   1312 N NH2 . ARG A 1 176 ? -34.204 31.463  3.467   1.00 146.55 ? 209 ARG A NH2 1 
ATOM   1313 N N   . VAL A 1 177 ? -35.203 29.992  -3.444  1.00 106.13 ? 210 VAL A N   1 
ATOM   1314 C CA  . VAL A 1 177 ? -35.196 31.090  -4.404  1.00 111.14 ? 210 VAL A CA  1 
ATOM   1315 C C   . VAL A 1 177 ? -36.409 31.970  -4.255  1.00 119.62 ? 210 VAL A C   1 
ATOM   1316 O O   . VAL A 1 177 ? -37.455 31.537  -3.770  1.00 112.82 ? 210 VAL A O   1 
ATOM   1317 C CB  . VAL A 1 177 ? -35.225 30.616  -5.877  1.00 110.86 ? 210 VAL A CB  1 
ATOM   1318 C CG1 . VAL A 1 177 ? -33.822 30.365  -6.383  1.00 117.67 ? 210 VAL A CG1 1 
ATOM   1319 C CG2 . VAL A 1 177 ? -36.114 29.395  -6.058  1.00 110.12 ? 210 VAL A CG2 1 
ATOM   1320 N N   . VAL A 1 178 ? -36.246 33.206  -4.713  1.00 125.89 ? 211 VAL A N   1 
ATOM   1321 C CA  . VAL A 1 178 ? -37.357 34.083  -5.018  1.00 124.20 ? 211 VAL A CA  1 
ATOM   1322 C C   . VAL A 1 178 ? -37.626 33.944  -6.525  1.00 119.04 ? 211 VAL A C   1 
ATOM   1323 O O   . VAL A 1 178 ? -36.694 33.803  -7.321  1.00 105.59 ? 211 VAL A O   1 
ATOM   1324 C CB  . VAL A 1 178 ? -37.022 35.520  -4.592  1.00 124.70 ? 211 VAL A CB  1 
ATOM   1325 C CG1 . VAL A 1 178 ? -38.005 36.520  -5.193  1.00 132.40 ? 211 VAL A CG1 1 
ATOM   1326 C CG2 . VAL A 1 178 ? -36.999 35.598  -3.070  1.00 119.55 ? 211 VAL A CG2 1 
ATOM   1327 N N   . LEU A 1 179 ? -38.900 33.965  -6.907  1.00 118.62 ? 212 LEU A N   1 
ATOM   1328 C CA  . LEU A 1 179 ? -39.298 33.623  -8.277  1.00 127.72 ? 212 LEU A CA  1 
ATOM   1329 C C   . LEU A 1 179 ? -39.186 34.739  -9.312  1.00 132.78 ? 212 LEU A C   1 
ATOM   1330 O O   . LEU A 1 179 ? -39.273 35.919  -8.988  1.00 130.45 ? 212 LEU A O   1 
ATOM   1331 C CB  . LEU A 1 179 ? -40.741 33.144  -8.282  1.00 125.69 ? 212 LEU A CB  1 
ATOM   1332 C CG  . LEU A 1 179 ? -40.963 31.833  -7.555  1.00 125.82 ? 212 LEU A CG  1 
ATOM   1333 C CD1 . LEU A 1 179 ? -42.451 31.572  -7.436  1.00 125.32 ? 212 LEU A CD1 1 
ATOM   1334 C CD2 . LEU A 1 179 ? -40.262 30.707  -8.299  1.00 131.71 ? 212 LEU A CD2 1 
ATOM   1335 N N   . GLY A 1 180 ? -39.001 34.326  -10.564 1.00 139.73 ? 213 GLY A N   1 
ATOM   1336 C CA  . GLY A 1 180 ? -39.153 35.191  -11.732 1.00 144.34 ? 213 GLY A CA  1 
ATOM   1337 C C   . GLY A 1 180 ? -40.105 34.492  -12.685 1.00 149.98 ? 213 GLY A C   1 
ATOM   1338 O O   . GLY A 1 180 ? -39.917 33.312  -12.992 1.00 155.22 ? 213 GLY A O   1 
ATOM   1339 N N   . ALA A 1 181 ? -41.108 35.221  -13.172 1.00 148.56 ? 214 ALA A N   1 
ATOM   1340 C CA  . ALA A 1 181 ? -42.258 34.630  -13.870 1.00 141.52 ? 214 ALA A CA  1 
ATOM   1341 C C   . ALA A 1 181 ? -41.947 33.557  -14.931 1.00 139.25 ? 214 ALA A C   1 
ATOM   1342 O O   . ALA A 1 181 ? -42.819 32.738  -15.228 1.00 138.83 ? 214 ALA A O   1 
ATOM   1343 C CB  . ALA A 1 181 ? -43.125 35.727  -14.482 1.00 135.92 ? 214 ALA A CB  1 
ATOM   1344 N N   . ASN A 1 182 ? -40.740 33.538  -15.500 1.00 128.89 ? 215 ASN A N   1 
ATOM   1345 C CA  . ASN A 1 182 ? -40.463 32.579  -16.576 1.00 129.85 ? 215 ASN A CA  1 
ATOM   1346 C C   . ASN A 1 182 ? -39.256 31.624  -16.397 1.00 126.65 ? 215 ASN A C   1 
ATOM   1347 O O   . ASN A 1 182 ? -38.806 31.010  -17.367 1.00 118.00 ? 215 ASN A O   1 
ATOM   1348 C CB  . ASN A 1 182 ? -40.360 33.337  -17.909 1.00 125.78 ? 215 ASN A CB  1 
ATOM   1349 C CG  . ASN A 1 182 ? -41.058 32.612  -19.052 1.00 126.58 ? 215 ASN A CG  1 
ATOM   1350 O OD1 . ASN A 1 182 ? -42.000 31.846  -18.841 1.00 121.24 ? 215 ASN A OD1 1 
ATOM   1351 N ND2 . ASN A 1 182 ? -40.607 32.865  -20.273 1.00 130.38 ? 215 ASN A ND2 1 
ATOM   1352 N N   . GLY A 1 183 ? -38.777 31.446  -15.166 1.00 124.94 ? 216 GLY A N   1 
ATOM   1353 C CA  . GLY A 1 183 ? -37.533 30.690  -14.912 1.00 120.39 ? 216 GLY A CA  1 
ATOM   1354 C C   . GLY A 1 183 ? -37.527 29.154  -14.995 1.00 109.32 ? 216 GLY A C   1 
ATOM   1355 O O   . GLY A 1 183 ? -38.371 28.482  -14.399 1.00 97.07  ? 216 GLY A O   1 
ATOM   1356 N N   . THR A 1 184 ? -36.554 28.608  -15.734 1.00 96.39  ? 217 THR A N   1 
ATOM   1357 C CA  . THR A 1 184 ? -36.127 27.197  -15.613 1.00 83.95  ? 217 THR A CA  1 
ATOM   1358 C C   . THR A 1 184 ? -35.080 27.057  -14.496 1.00 81.12  ? 217 THR A C   1 
ATOM   1359 O O   . THR A 1 184 ? -34.190 27.886  -14.383 1.00 88.52  ? 217 THR A O   1 
ATOM   1360 C CB  . THR A 1 184 ? -35.497 26.694  -16.923 1.00 76.75  ? 217 THR A CB  1 
ATOM   1361 O OG1 . THR A 1 184 ? -36.516 26.553  -17.918 1.00 77.97  ? 217 THR A OG1 1 
ATOM   1362 C CG2 . THR A 1 184 ? -34.801 25.361  -16.735 1.00 73.64  ? 217 THR A CG2 1 
ATOM   1363 N N   . TYR A 1 185 ? -35.180 26.015  -13.680 1.00 76.81  ? 218 TYR A N   1 
ATOM   1364 C CA  . TYR A 1 185 ? -34.228 25.792  -12.590 1.00 77.71  ? 218 TYR A CA  1 
ATOM   1365 C C   . TYR A 1 185 ? -33.609 24.404  -12.694 1.00 77.06  ? 218 TYR A C   1 
ATOM   1366 O O   . TYR A 1 185 ? -34.331 23.407  -12.806 1.00 69.36  ? 218 TYR A O   1 
ATOM   1367 C CB  . TYR A 1 185 ? -34.921 25.932  -11.252 1.00 81.33  ? 218 TYR A CB  1 
ATOM   1368 C CG  . TYR A 1 185 ? -35.547 27.280  -11.059 1.00 87.68  ? 218 TYR A CG  1 
ATOM   1369 C CD1 . TYR A 1 185 ? -36.708 27.637  -11.750 1.00 92.34  ? 218 TYR A CD1 1 
ATOM   1370 C CD2 . TYR A 1 185 ? -34.986 28.209  -10.183 1.00 92.32  ? 218 TYR A CD2 1 
ATOM   1371 C CE1 . TYR A 1 185 ? -37.286 28.889  -11.582 1.00 95.77  ? 218 TYR A CE1 1 
ATOM   1372 C CE2 . TYR A 1 185 ? -35.560 29.460  -9.997  1.00 94.86  ? 218 TYR A CE2 1 
ATOM   1373 C CZ  . TYR A 1 185 ? -36.706 29.796  -10.700 1.00 98.56  ? 218 TYR A CZ  1 
ATOM   1374 O OH  . TYR A 1 185 ? -37.279 31.034  -10.513 1.00 103.34 ? 218 TYR A OH  1 
ATOM   1375 N N   . SER A 1 186 ? -32.272 24.348  -12.651 1.00 74.03  ? 219 SER A N   1 
ATOM   1376 C CA  . SER A 1 186 ? -31.541 23.109  -12.910 1.00 64.45  ? 219 SER A CA  1 
ATOM   1377 C C   . SER A 1 186 ? -30.521 22.759  -11.887 1.00 61.29  ? 219 SER A C   1 
ATOM   1378 O O   . SER A 1 186 ? -29.939 23.606  -11.214 1.00 63.99  ? 219 SER A O   1 
ATOM   1379 C CB  . SER A 1 186 ? -30.837 23.155  -14.238 1.00 58.59  ? 219 SER A CB  1 
ATOM   1380 O OG  . SER A 1 186 ? -31.765 23.506  -15.215 1.00 60.81  ? 219 SER A OG  1 
ATOM   1381 N N   . CYS A 1 187 ? -30.302 21.462  -11.834 1.00 60.50  ? 220 CYS A N   1 
ATOM   1382 C CA  . CYS A 1 187 ? -29.423 20.855  -10.901 1.00 61.25  ? 220 CYS A CA  1 
ATOM   1383 C C   . CYS A 1 187 ? -28.488 20.050  -11.726 1.00 58.06  ? 220 CYS A C   1 
ATOM   1384 O O   . CYS A 1 187 ? -28.946 19.246  -12.526 1.00 53.84  ? 220 CYS A O   1 
ATOM   1385 C CB  . CYS A 1 187 ? -30.222 19.894  -10.085 1.00 68.72  ? 220 CYS A CB  1 
ATOM   1386 S SG  . CYS A 1 187 ? -29.342 19.444  -8.621  1.00 84.40  ? 220 CYS A SG  1 
ATOM   1387 N N   . LEU A 1 188 ? -27.193 20.276  -11.569 1.00 54.60  ? 221 LEU A N   1 
ATOM   1388 C CA  . LEU A 1 188 ? -26.224 19.393  -12.176 1.00 55.92  ? 221 LEU A CA  1 
ATOM   1389 C C   . LEU A 1 188 ? -25.479 18.747  -11.042 1.00 56.58  ? 221 LEU A C   1 
ATOM   1390 O O   . LEU A 1 188 ? -24.893 19.452  -10.194 1.00 55.46  ? 221 LEU A O   1 
ATOM   1391 C CB  . LEU A 1 188 ? -25.267 20.130  -13.098 1.00 57.55  ? 221 LEU A CB  1 
ATOM   1392 C CG  . LEU A 1 188 ? -24.275 19.229  -13.851 1.00 62.08  ? 221 LEU A CG  1 
ATOM   1393 C CD1 . LEU A 1 188 ? -23.989 19.683  -15.272 1.00 65.28  ? 221 LEU A CD1 1 
ATOM   1394 C CD2 . LEU A 1 188 ? -22.953 19.152  -13.124 1.00 64.49  ? 221 LEU A CD2 1 
ATOM   1395 N N   . VAL A 1 189 ? -25.536 17.411  -11.016 1.00 55.02  ? 222 VAL A N   1 
ATOM   1396 C CA  . VAL A 1 189 ? -24.784 16.600  -10.051 1.00 57.25  ? 222 VAL A CA  1 
ATOM   1397 C C   . VAL A 1 189 ? -23.607 15.944  -10.750 1.00 54.79  ? 222 VAL A C   1 
ATOM   1398 O O   . VAL A 1 189 ? -23.785 15.005  -11.549 1.00 49.19  ? 222 VAL A O   1 
ATOM   1399 C CB  . VAL A 1 189 ? -25.646 15.495  -9.411  1.00 56.45  ? 222 VAL A CB  1 
ATOM   1400 C CG1 . VAL A 1 189 ? -24.796 14.645  -8.480  1.00 54.71  ? 222 VAL A CG1 1 
ATOM   1401 C CG2 . VAL A 1 189 ? -26.800 16.104  -8.634  1.00 56.10  ? 222 VAL A CG2 1 
ATOM   1402 N N   . ARG A 1 190 ? -22.410 16.424  -10.418 1.00 51.96  ? 223 ARG A N   1 
ATOM   1403 C CA  . ARG A 1 190 ? -21.209 15.956  -11.083 1.00 53.37  ? 223 ARG A CA  1 
ATOM   1404 C C   . ARG A 1 190 ? -20.353 15.009  -10.269 1.00 48.66  ? 223 ARG A C   1 
ATOM   1405 O O   . ARG A 1 190 ? -20.036 15.272  -9.116  1.00 49.16  ? 223 ARG A O   1 
ATOM   1406 C CB  . ARG A 1 190 ? -20.330 17.139  -11.418 1.00 60.38  ? 223 ARG A CB  1 
ATOM   1407 C CG  . ARG A 1 190 ? -18.990 16.744  -12.026 1.00 59.71  ? 223 ARG A CG  1 
ATOM   1408 C CD  . ARG A 1 190 ? -18.329 17.950  -12.635 1.00 56.29  ? 223 ARG A CD  1 
ATOM   1409 N NE  . ARG A 1 190 ? -18.932 18.294  -13.919 1.00 53.38  ? 223 ARG A NE  1 
ATOM   1410 C CZ  . ARG A 1 190 ? -18.809 19.489  -14.481 1.00 52.64  ? 223 ARG A CZ  1 
ATOM   1411 N NH1 . ARG A 1 190 ? -18.111 20.447  -13.863 1.00 59.94  ? 223 ARG A NH1 1 
ATOM   1412 N NH2 . ARG A 1 190 ? -19.376 19.733  -15.653 1.00 45.81  ? 223 ARG A NH2 1 
ATOM   1413 N N   . ASN A 1 191 ? -19.926 13.939  -10.910 1.00 46.74  ? 224 ASN A N   1 
ATOM   1414 C CA  . ASN A 1 191 ? -18.894 13.097  -10.361 1.00 48.31  ? 224 ASN A CA  1 
ATOM   1415 C C   . ASN A 1 191 ? -17.530 13.520  -10.928 1.00 51.68  ? 224 ASN A C   1 
ATOM   1416 O O   . ASN A 1 191 ? -17.228 13.253  -12.119 1.00 47.82  ? 224 ASN A O   1 
ATOM   1417 C CB  . ASN A 1 191 ? -19.166 11.628  -10.695 1.00 47.97  ? 224 ASN A CB  1 
ATOM   1418 C CG  . ASN A 1 191 ? -18.316 10.695  -9.880  1.00 47.92  ? 224 ASN A CG  1 
ATOM   1419 O OD1 . ASN A 1 191 ? -17.124 10.905  -9.746  1.00 55.34  ? 224 ASN A OD1 1 
ATOM   1420 N ND2 . ASN A 1 191 ? -18.918 9.678   -9.313  1.00 50.10  ? 224 ASN A ND2 1 
ATOM   1421 N N   . PRO A 1 192 ? -16.695 14.150  -10.078 1.00 51.60  ? 225 PRO A N   1 
ATOM   1422 C CA  . PRO A 1 192 ? -15.354 14.585  -10.473 1.00 55.67  ? 225 PRO A CA  1 
ATOM   1423 C C   . PRO A 1 192 ? -14.513 13.452  -11.042 1.00 61.29  ? 225 PRO A C   1 
ATOM   1424 O O   . PRO A 1 192 ? -13.896 13.604  -12.101 1.00 70.87  ? 225 PRO A O   1 
ATOM   1425 C CB  . PRO A 1 192 ? -14.718 15.052  -9.170  1.00 53.13  ? 225 PRO A CB  1 
ATOM   1426 C CG  . PRO A 1 192 ? -15.540 14.474  -8.090  1.00 56.06  ? 225 PRO A CG  1 
ATOM   1427 C CD  . PRO A 1 192 ? -16.917 14.278  -8.630  1.00 52.92  ? 225 PRO A CD  1 
ATOM   1428 N N   . VAL A 1 193 ? -14.506 12.320  -10.351 1.00 53.96  ? 226 VAL A N   1 
ATOM   1429 C CA  . VAL A 1 193 ? -13.659 11.218  -10.743 1.00 49.62  ? 226 VAL A CA  1 
ATOM   1430 C C   . VAL A 1 193 ? -14.080 10.629  -12.067 1.00 49.71  ? 226 VAL A C   1 
ATOM   1431 O O   . VAL A 1 193 ? -13.281 10.560  -12.968 1.00 57.13  ? 226 VAL A O   1 
ATOM   1432 C CB  . VAL A 1 193 ? -13.631 10.124  -9.669  1.00 47.24  ? 226 VAL A CB  1 
ATOM   1433 C CG1 . VAL A 1 193 ? -13.050 8.840   -10.237 1.00 47.68  ? 226 VAL A CG1 1 
ATOM   1434 C CG2 . VAL A 1 193 ? -12.875 10.604  -8.435  1.00 41.65  ? 226 VAL A CG2 1 
ATOM   1435 N N   . LEU A 1 194 ? -15.320 10.184  -12.192 1.00 56.55  ? 227 LEU A N   1 
ATOM   1436 C CA  . LEU A 1 194 ? -15.810 9.630   -13.485 1.00 57.54  ? 227 LEU A CA  1 
ATOM   1437 C C   . LEU A 1 194 ? -16.048 10.713  -14.504 1.00 62.05  ? 227 LEU A C   1 
ATOM   1438 O O   . LEU A 1 194 ? -16.192 10.405  -15.679 1.00 60.26  ? 227 LEU A O   1 
ATOM   1439 C CB  . LEU A 1 194 ? -17.156 8.889   -13.338 1.00 52.93  ? 227 LEU A CB  1 
ATOM   1440 C CG  . LEU A 1 194 ? -17.232 7.685   -12.410 1.00 51.25  ? 227 LEU A CG  1 
ATOM   1441 C CD1 . LEU A 1 194 ? -18.501 6.907   -12.614 1.00 52.92  ? 227 LEU A CD1 1 
ATOM   1442 C CD2 . LEU A 1 194 ? -16.070 6.776   -12.686 1.00 52.76  ? 227 LEU A CD2 1 
ATOM   1443 N N   . GLN A 1 195 ? -16.164 11.966  -14.053 1.00 69.41  ? 228 GLN A N   1 
ATOM   1444 C CA  . GLN A 1 195 ? -16.558 13.062  -14.934 1.00 74.90  ? 228 GLN A CA  1 
ATOM   1445 C C   . GLN A 1 195 ? -17.867 12.718  -15.651 1.00 68.38  ? 228 GLN A C   1 
ATOM   1446 O O   . GLN A 1 195 ? -17.969 12.835  -16.856 1.00 64.94  ? 228 GLN A O   1 
ATOM   1447 C CB  . GLN A 1 195 ? -15.441 13.362  -15.937 1.00 84.93  ? 228 GLN A CB  1 
ATOM   1448 C CG  . GLN A 1 195 ? -14.108 13.718  -15.278 1.00 97.69  ? 228 GLN A CG  1 
ATOM   1449 C CD  . GLN A 1 195 ? -12.909 13.626  -16.218 1.00 103.37 ? 228 GLN A CD  1 
ATOM   1450 O OE1 . GLN A 1 195 ? -13.049 13.677  -17.443 1.00 101.98 ? 228 GLN A OE1 1 
ATOM   1451 N NE2 . GLN A 1 195 ? -11.716 13.486  -15.639 1.00 109.27 ? 228 GLN A NE2 1 
ATOM   1452 N N   . GLN A 1 196 ? -18.850 12.243  -14.899 1.00 66.13  ? 229 GLN A N   1 
ATOM   1453 C CA  . GLN A 1 196 ? -20.182 11.988  -15.438 1.00 64.67  ? 229 GLN A CA  1 
ATOM   1454 C C   . GLN A 1 196 ? -21.025 13.050  -14.788 1.00 58.61  ? 229 GLN A C   1 
ATOM   1455 O O   . GLN A 1 196 ? -20.822 13.390  -13.615 1.00 49.83  ? 229 GLN A O   1 
ATOM   1456 C CB  . GLN A 1 196 ? -20.674 10.554  -15.131 1.00 72.71  ? 229 GLN A CB  1 
ATOM   1457 C CG  . GLN A 1 196 ? -22.123 10.393  -14.631 1.00 84.50  ? 229 GLN A CG  1 
ATOM   1458 C CD  . GLN A 1 196 ? -22.250 10.281  -13.100 1.00 87.39  ? 229 GLN A CD  1 
ATOM   1459 O OE1 . GLN A 1 196 ? -21.816 9.298   -12.507 1.00 77.15  ? 229 GLN A OE1 1 
ATOM   1460 N NE2 . GLN A 1 196 ? -22.856 11.287  -12.463 1.00 92.63  ? 229 GLN A NE2 1 
ATOM   1461 N N   . ASP A 1 197 ? -21.932 13.603  -15.585 1.00 58.07  ? 230 ASP A N   1 
ATOM   1462 C CA  . ASP A 1 197 ? -22.805 14.674  -15.155 1.00 59.67  ? 230 ASP A CA  1 
ATOM   1463 C C   . ASP A 1 197 ? -24.241 14.167  -15.144 1.00 58.78  ? 230 ASP A C   1 
ATOM   1464 O O   . ASP A 1 197 ? -24.691 13.532  -16.089 1.00 60.69  ? 230 ASP A O   1 
ATOM   1465 C CB  . ASP A 1 197 ? -22.680 15.865  -16.107 1.00 60.80  ? 230 ASP A CB  1 
ATOM   1466 C CG  . ASP A 1 197 ? -21.459 16.723  -15.832 1.00 64.55  ? 230 ASP A CG  1 
ATOM   1467 O OD1 . ASP A 1 197 ? -20.783 16.544  -14.788 1.00 67.18  ? 230 ASP A OD1 1 
ATOM   1468 O OD2 . ASP A 1 197 ? -21.178 17.593  -16.677 1.00 63.94  ? 230 ASP A OD2 1 
ATOM   1469 N N   . ALA A 1 198 ? -24.955 14.449  -14.068 1.00 55.67  ? 231 ALA A N   1 
ATOM   1470 C CA  . ALA A 1 198 ? -26.360 14.142  -14.008 1.00 55.71  ? 231 ALA A CA  1 
ATOM   1471 C C   . ALA A 1 198 ? -27.137 15.417  -13.682 1.00 58.96  ? 231 ALA A C   1 
ATOM   1472 O O   . ALA A 1 198 ? -26.745 16.168  -12.783 1.00 61.14  ? 231 ALA A O   1 
ATOM   1473 C CB  . ALA A 1 198 ? -26.591 13.092  -12.953 1.00 59.39  ? 231 ALA A CB  1 
ATOM   1474 N N   . HIS A 1 199 ? -28.218 15.659  -14.420 1.00 59.99  ? 232 HIS A N   1 
ATOM   1475 C CA  . HIS A 1 199 ? -29.039 16.840  -14.230 1.00 67.31  ? 232 HIS A CA  1 
ATOM   1476 C C   . HIS A 1 199 ? -30.514 16.547  -14.166 1.00 65.42  ? 232 HIS A C   1 
ATOM   1477 O O   . HIS A 1 199 ? -31.000 15.562  -14.694 1.00 66.73  ? 232 HIS A O   1 
ATOM   1478 C CB  . HIS A 1 199 ? -28.831 17.889  -15.339 1.00 82.95  ? 232 HIS A CB  1 
ATOM   1479 C CG  . HIS A 1 199 ? -28.024 17.408  -16.496 1.00 90.86  ? 232 HIS A CG  1 
ATOM   1480 N ND1 . HIS A 1 199 ? -26.825 17.990  -16.852 1.00 96.12  ? 232 HIS A ND1 1 
ATOM   1481 C CD2 . HIS A 1 199 ? -28.233 16.399  -17.375 1.00 98.74  ? 232 HIS A CD2 1 
ATOM   1482 C CE1 . HIS A 1 199 ? -26.326 17.355  -17.898 1.00 104.44 ? 232 HIS A CE1 1 
ATOM   1483 N NE2 . HIS A 1 199 ? -27.161 16.386  -18.235 1.00 110.24 ? 232 HIS A NE2 1 
ATOM   1484 N N   . GLY A 1 200 ? -31.225 17.457  -13.536 1.00 66.73  ? 233 GLY A N   1 
ATOM   1485 C CA  . GLY A 1 200 ? -32.665 17.502  -13.629 1.00 71.11  ? 233 GLY A CA  1 
ATOM   1486 C C   . GLY A 1 200 ? -33.022 18.958  -13.577 1.00 72.13  ? 233 GLY A C   1 
ATOM   1487 O O   . GLY A 1 200 ? -32.178 19.795  -13.249 1.00 74.08  ? 233 GLY A O   1 
ATOM   1488 N N   . SER A 1 201 ? -34.266 19.264  -13.903 1.00 77.48  ? 234 SER A N   1 
ATOM   1489 C CA  . SER A 1 201 ? -34.711 20.643  -13.934 1.00 78.98  ? 234 SER A CA  1 
ATOM   1490 C C   . SER A 1 201 ? -36.215 20.718  -13.941 1.00 80.71  ? 234 SER A C   1 
ATOM   1491 O O   . SER A 1 201 ? -36.890 19.912  -14.556 1.00 82.92  ? 234 SER A O   1 
ATOM   1492 C CB  . SER A 1 201 ? -34.164 21.382  -15.167 1.00 75.82  ? 234 SER A CB  1 
ATOM   1493 O OG  . SER A 1 201 ? -34.357 20.626  -16.355 1.00 73.53  ? 234 SER A OG  1 
ATOM   1494 N N   . VAL A 1 202 ? -36.715 21.718  -13.242 1.00 87.27  ? 235 VAL A N   1 
ATOM   1495 C CA  . VAL A 1 202 ? -38.109 22.092  -13.283 1.00 82.81  ? 235 VAL A CA  1 
ATOM   1496 C C   . VAL A 1 202 ? -38.173 23.343  -14.127 1.00 83.24  ? 235 VAL A C   1 
ATOM   1497 O O   . VAL A 1 202 ? -37.225 24.119  -14.149 1.00 89.41  ? 235 VAL A O   1 
ATOM   1498 C CB  . VAL A 1 202 ? -38.616 22.394  -11.868 1.00 80.26  ? 235 VAL A CB  1 
ATOM   1499 C CG1 . VAL A 1 202 ? -38.205 21.283  -10.930 1.00 78.66  ? 235 VAL A CG1 1 
ATOM   1500 C CG2 . VAL A 1 202 ? -38.048 23.704  -11.341 1.00 84.82  ? 235 VAL A CG2 1 
ATOM   1501 N N   . THR A 1 203 ? -39.259 23.540  -14.852 1.00 89.59  ? 236 THR A N   1 
ATOM   1502 C CA  . THR A 1 203 ? -39.483 24.839  -15.491 1.00 93.16  ? 236 THR A CA  1 
ATOM   1503 C C   . THR A 1 203 ? -40.807 25.393  -14.950 1.00 90.73  ? 236 THR A C   1 
ATOM   1504 O O   . THR A 1 203 ? -41.767 24.650  -14.772 1.00 85.40  ? 236 THR A O   1 
ATOM   1505 C CB  . THR A 1 203 ? -39.436 24.754  -17.033 1.00 87.50  ? 236 THR A CB  1 
ATOM   1506 O OG1 . THR A 1 203 ? -40.671 24.246  -17.520 1.00 92.57  ? 236 THR A OG1 1 
ATOM   1507 C CG2 . THR A 1 203 ? -38.309 23.826  -17.498 1.00 89.90  ? 236 THR A CG2 1 
ATOM   1508 N N   . ILE A 1 204 ? -40.831 26.685  -14.644 1.00 91.61  ? 237 ILE A N   1 
ATOM   1509 C CA  . ILE A 1 204 ? -41.989 27.311  -14.014 1.00 94.87  ? 237 ILE A CA  1 
ATOM   1510 C C   . ILE A 1 204 ? -42.556 28.474  -14.832 1.00 107.41 ? 237 ILE A C   1 
ATOM   1511 O O   . ILE A 1 204 ? -41.918 29.531  -14.982 1.00 111.29 ? 237 ILE A O   1 
ATOM   1512 C CB  . ILE A 1 204 ? -41.635 27.810  -12.608 1.00 91.52  ? 237 ILE A CB  1 
ATOM   1513 C CG1 . ILE A 1 204 ? -41.329 26.598  -11.725 1.00 88.18  ? 237 ILE A CG1 1 
ATOM   1514 C CG2 . ILE A 1 204 ? -42.760 28.685  -12.042 1.00 85.90  ? 237 ILE A CG2 1 
ATOM   1515 C CD1 . ILE A 1 204 ? -40.862 26.953  -10.327 1.00 91.59  ? 237 ILE A CD1 1 
ATOM   1516 N N   . THR A 1 205 ? -43.761 28.254  -15.356 1.00 114.96 ? 238 THR A N   1 
ATOM   1517 C CA  . THR A 1 205 ? -44.576 29.305  -15.963 1.00 121.28 ? 238 THR A CA  1 
ATOM   1518 C C   . THR A 1 205 ? -45.748 29.611  -14.999 1.00 126.46 ? 238 THR A C   1 
ATOM   1519 O O   . THR A 1 205 ? -45.883 30.740  -14.521 1.00 118.76 ? 238 THR A O   1 
ATOM   1520 C CB  . THR A 1 205 ? -45.068 28.882  -17.372 1.00 118.66 ? 238 THR A CB  1 
ATOM   1521 O OG1 . THR A 1 205 ? -43.997 28.243  -18.083 1.00 107.61 ? 238 THR A OG1 1 
ATOM   1522 C CG2 . THR A 1 205 ? -45.557 30.090  -18.174 1.00 119.39 ? 238 THR A CG2 1 
ATOM   1523 N N   . GLY A 1 206 ? -46.562 28.595  -14.686 1.00 133.69 ? 239 GLY A N   1 
ATOM   1524 C CA  . GLY A 1 206 ? -47.672 28.740  -13.725 1.00 123.15 ? 239 GLY A CA  1 
ATOM   1525 C C   . GLY A 1 206 ? -48.593 27.529  -13.638 1.00 118.66 ? 239 GLY A C   1 
ATOM   1526 O O   . GLY A 1 206 ? -48.148 26.375  -13.694 1.00 106.49 ? 239 GLY A O   1 
HETATM 1527 C C1  . NAG B 2 .   ? 37.808  -14.278 5.978   1.00 60.13  ? 1   NAG B C1  1 
HETATM 1528 C C2  . NAG B 2 .   ? 38.924  -14.511 4.998   1.00 64.55  ? 1   NAG B C2  1 
HETATM 1529 C C3  . NAG B 2 .   ? 40.052  -15.242 5.704   1.00 62.13  ? 1   NAG B C3  1 
HETATM 1530 C C4  . NAG B 2 .   ? 40.352  -14.633 7.066   1.00 58.66  ? 1   NAG B C4  1 
HETATM 1531 C C5  . NAG B 2 .   ? 39.100  -14.479 7.867   1.00 63.51  ? 1   NAG B C5  1 
HETATM 1532 C C6  . NAG B 2 .   ? 39.324  -13.868 9.246   1.00 63.30  ? 1   NAG B C6  1 
HETATM 1533 C C7  . NAG B 2 .   ? 37.906  -14.773 2.782   1.00 80.41  ? 1   NAG B C7  1 
HETATM 1534 C C8  . NAG B 2 .   ? 37.224  -15.703 1.824   1.00 82.38  ? 1   NAG B C8  1 
HETATM 1535 N N2  . NAG B 2 .   ? 38.286  -15.287 3.956   1.00 74.35  ? 1   NAG B N2  1 
HETATM 1536 O O3  . NAG B 2 .   ? 41.207  -15.114 4.916   1.00 66.45  ? 1   NAG B O3  1 
HETATM 1537 O O4  . NAG B 2 .   ? 41.059  -15.542 7.843   1.00 63.39  ? 1   NAG B O4  1 
HETATM 1538 O O5  . NAG B 2 .   ? 38.339  -13.630 7.087   1.00 66.46  ? 1   NAG B O5  1 
HETATM 1539 O O6  . NAG B 2 .   ? 40.435  -13.023 9.204   1.00 61.65  ? 1   NAG B O6  1 
HETATM 1540 O O7  . NAG B 2 .   ? 38.095  -13.607 2.446   1.00 93.08  ? 1   NAG B O7  1 
HETATM 1541 C C1  . NAG B 2 .   ? 42.435  -15.180 7.900   1.00 73.64  ? 2   NAG B C1  1 
HETATM 1542 C C2  . NAG B 2 .   ? 43.123  -16.002 8.959   1.00 73.98  ? 2   NAG B C2  1 
HETATM 1543 C C3  . NAG B 2 .   ? 44.588  -15.659 9.031   1.00 82.28  ? 2   NAG B C3  1 
HETATM 1544 C C4  . NAG B 2 .   ? 45.180  -15.818 7.632   1.00 90.24  ? 2   NAG B C4  1 
HETATM 1545 C C5  . NAG B 2 .   ? 44.403  -14.926 6.683   1.00 84.21  ? 2   NAG B C5  1 
HETATM 1546 C C6  . NAG B 2 .   ? 44.978  -14.895 5.271   1.00 83.96  ? 2   NAG B C6  1 
HETATM 1547 C C7  . NAG B 2 .   ? 41.901  -16.871 10.826  1.00 62.97  ? 2   NAG B C7  1 
HETATM 1548 C C8  . NAG B 2 .   ? 41.420  -16.660 12.218  1.00 59.74  ? 2   NAG B C8  1 
HETATM 1549 N N2  . NAG B 2 .   ? 42.593  -15.867 10.298  1.00 69.31  ? 2   NAG B N2  1 
HETATM 1550 O O3  . NAG B 2 .   ? 45.153  -16.542 9.983   1.00 76.37  ? 2   NAG B O3  1 
HETATM 1551 O O4  . NAG B 2 .   ? 46.535  -15.437 7.619   1.00 110.00 ? 2   NAG B O4  1 
HETATM 1552 O O5  . NAG B 2 .   ? 43.090  -15.447 6.677   1.00 83.15  ? 2   NAG B O5  1 
HETATM 1553 O O6  . NAG B 2 .   ? 44.963  -16.183 4.702   1.00 83.55  ? 2   NAG B O6  1 
HETATM 1554 O O7  . NAG B 2 .   ? 41.644  -17.925 10.227  1.00 59.16  ? 2   NAG B O7  1 
HETATM 1555 C C1  . BMA B 2 .   ? 47.436  -16.566 7.600   1.00 114.73 ? 3   BMA B C1  1 
HETATM 1556 C C2  . BMA B 2 .   ? 48.823  -16.006 7.304   1.00 115.82 ? 3   BMA B C2  1 
HETATM 1557 C C3  . BMA B 2 .   ? 49.804  -17.166 7.215   1.00 118.74 ? 3   BMA B C3  1 
HETATM 1558 C C4  . BMA B 2 .   ? 49.787  -17.952 8.534   1.00 124.36 ? 3   BMA B C4  1 
HETATM 1559 C C5  . BMA B 2 .   ? 48.372  -18.426 8.945   1.00 126.64 ? 3   BMA B C5  1 
HETATM 1560 C C6  . BMA B 2 .   ? 48.325  -18.958 10.403  1.00 126.39 ? 3   BMA B C6  1 
HETATM 1561 O O2  . BMA B 2 .   ? 49.224  -15.063 8.315   1.00 109.59 ? 3   BMA B O2  1 
HETATM 1562 O O3  . BMA B 2 .   ? 51.111  -16.664 6.897   1.00 109.17 ? 3   BMA B O3  1 
HETATM 1563 O O4  . BMA B 2 .   ? 50.678  -19.065 8.403   1.00 117.26 ? 3   BMA B O4  1 
HETATM 1564 O O5  . BMA B 2 .   ? 47.426  -17.336 8.820   1.00 122.91 ? 3   BMA B O5  1 
HETATM 1565 O O6  . BMA B 2 .   ? 48.106  -20.388 10.568  1.00 119.88 ? 3   BMA B O6  1 
HETATM 1566 C C1  . MAN B 2 .   ? 46.752  -20.969 10.682  1.00 119.34 ? 4   MAN B C1  1 
HETATM 1567 C C2  . MAN B 2 .   ? 45.570  -19.974 10.591  1.00 116.70 ? 4   MAN B C2  1 
HETATM 1568 C C3  . MAN B 2 .   ? 44.302  -20.414 11.357  1.00 109.26 ? 4   MAN B C3  1 
HETATM 1569 C C4  . MAN B 2 .   ? 44.617  -20.823 12.804  1.00 105.47 ? 4   MAN B C4  1 
HETATM 1570 C C5  . MAN B 2 .   ? 46.043  -21.377 13.022  1.00 112.70 ? 4   MAN B C5  1 
HETATM 1571 C C6  . MAN B 2 .   ? 46.039  -22.524 14.059  1.00 112.37 ? 4   MAN B C6  1 
HETATM 1572 O O2  . MAN B 2 .   ? 45.253  -19.653 9.241   1.00 113.52 ? 4   MAN B O2  1 
HETATM 1573 O O3  . MAN B 2 .   ? 43.562  -21.432 10.688  1.00 91.28  ? 4   MAN B O3  1 
HETATM 1574 O O4  . MAN B 2 .   ? 44.383  -19.687 13.612  1.00 85.17  ? 4   MAN B O4  1 
HETATM 1575 O O5  . MAN B 2 .   ? 46.619  -21.854 11.806  1.00 111.77 ? 4   MAN B O5  1 
HETATM 1576 O O6  . MAN B 2 .   ? 47.092  -22.439 15.000  1.00 99.31  ? 4   MAN B O6  1 
HETATM 1577 C C1  . NAG C 3 .   ? 25.151  -23.503 23.991  1.00 151.47 ? 305 NAG A C1  1 
HETATM 1578 C C2  . NAG C 3 .   ? 24.955  -24.605 25.057  1.00 155.02 ? 305 NAG A C2  1 
HETATM 1579 C C3  . NAG C 3 .   ? 23.842  -24.165 26.017  1.00 153.87 ? 305 NAG A C3  1 
HETATM 1580 C C4  . NAG C 3 .   ? 24.113  -22.764 26.587  1.00 151.04 ? 305 NAG A C4  1 
HETATM 1581 C C5  . NAG C 3 .   ? 24.382  -21.751 25.472  1.00 147.97 ? 305 NAG A C5  1 
HETATM 1582 C C6  . NAG C 3 .   ? 24.801  -20.397 26.045  1.00 138.11 ? 305 NAG A C6  1 
HETATM 1583 C C7  . NAG C 3 .   ? 25.683  -26.936 24.462  1.00 137.71 ? 305 NAG A C7  1 
HETATM 1584 C C8  . NAG C 3 .   ? 25.319  -28.281 23.895  1.00 125.04 ? 305 NAG A C8  1 
HETATM 1585 N N2  . NAG C 3 .   ? 24.730  -25.970 24.525  1.00 145.16 ? 305 NAG A N2  1 
HETATM 1586 O O3  . NAG C 3 .   ? 23.739  -25.102 27.066  1.00 159.71 ? 305 NAG A O3  1 
HETATM 1587 O O4  . NAG C 3 .   ? 23.033  -22.326 27.389  1.00 142.88 ? 305 NAG A O4  1 
HETATM 1588 O O5  . NAG C 3 .   ? 25.397  -22.233 24.601  1.00 155.94 ? 305 NAG A O5  1 
HETATM 1589 O O6  . NAG C 3 .   ? 24.661  -19.407 25.052  1.00 122.71 ? 305 NAG A O6  1 
HETATM 1590 O O7  . NAG C 3 .   ? 26.850  -26.785 24.831  1.00 134.04 ? 305 NAG A O7  1 
HETATM 1591 S S   . SO4 D 4 .   ? 34.805  -28.981 24.808  1.00 117.20 ? 306 SO4 A S   1 
HETATM 1592 O O1  . SO4 D 4 .   ? 33.869  -27.831 24.919  1.00 102.68 ? 306 SO4 A O1  1 
HETATM 1593 O O2  . SO4 D 4 .   ? 34.220  -29.866 23.777  1.00 113.53 ? 306 SO4 A O2  1 
HETATM 1594 O O3  . SO4 D 4 .   ? 36.190  -28.526 24.475  1.00 102.29 ? 306 SO4 A O3  1 
HETATM 1595 O O4  . SO4 D 4 .   ? 34.879  -29.769 26.060  1.00 121.72 ? 306 SO4 A O4  1 
HETATM 1596 S S   . SO4 E 4 .   ? -34.121 30.964  -17.889 1.00 120.22 ? 307 SO4 A S   1 
HETATM 1597 O O1  . SO4 E 4 .   ? -33.665 29.929  -16.943 1.00 126.90 ? 307 SO4 A O1  1 
HETATM 1598 O O2  . SO4 E 4 .   ? -35.438 31.424  -17.394 1.00 111.52 ? 307 SO4 A O2  1 
HETATM 1599 O O3  . SO4 E 4 .   ? -33.180 32.110  -17.872 1.00 118.73 ? 307 SO4 A O3  1 
HETATM 1600 O O4  . SO4 E 4 .   ? -34.183 30.378  -19.265 1.00 94.70  ? 307 SO4 A O4  1 
HETATM 1601 O O   . HOH F 5 .   ? 34.718  -10.484 15.037  1.00 60.18  ? 401 HOH A O   1 
HETATM 1602 O O   . HOH F 5 .   ? 29.282  -15.857 16.048  1.00 58.71  ? 402 HOH A O   1 
HETATM 1603 O O   . HOH F 5 .   ? -30.071 39.644  2.489   1.00 71.63  ? 403 HOH A O   1 
HETATM 1604 O O   . HOH F 5 .   ? -30.891 9.251   1.087   0.50 50.67  ? 404 HOH A O   1 
HETATM 1605 O O   . HOH F 5 .   ? 32.124  -14.862 8.908   1.00 53.97  ? 405 HOH A O   1 
# 
